data_6GQE
# 
_entry.id   6GQE 
# 
_audit_conform.dict_name       mmcif_pdbx.dic 
_audit_conform.dict_version    5.383 
_audit_conform.dict_location   http://mmcif.pdb.org/dictionaries/ascii/mmcif_pdbx.dic 
# 
loop_
_database_2.database_id 
_database_2.database_code 
_database_2.pdbx_database_accession 
_database_2.pdbx_DOI 
PDB   6GQE         pdb_00006gqe 10.2210/pdb6gqe/pdb 
WWPDB D_1200010409 ?            ?                   
# 
loop_
_pdbx_audit_revision_history.ordinal 
_pdbx_audit_revision_history.data_content_type 
_pdbx_audit_revision_history.major_revision 
_pdbx_audit_revision_history.minor_revision 
_pdbx_audit_revision_history.revision_date 
1 'Structure model' 1 0 2019-04-24 
2 'Structure model' 1 1 2019-05-22 
3 'Structure model' 1 2 2019-06-05 
4 'Structure model' 1 3 2019-08-14 
5 'Structure model' 1 4 2024-01-17 
# 
_pdbx_audit_revision_details.ordinal             1 
_pdbx_audit_revision_details.revision_ordinal    1 
_pdbx_audit_revision_details.data_content_type   'Structure model' 
_pdbx_audit_revision_details.provider            repository 
_pdbx_audit_revision_details.type                'Initial release' 
_pdbx_audit_revision_details.description         ? 
_pdbx_audit_revision_details.details             ? 
# 
loop_
_pdbx_audit_revision_group.ordinal 
_pdbx_audit_revision_group.revision_ordinal 
_pdbx_audit_revision_group.data_content_type 
_pdbx_audit_revision_group.group 
1  2 'Structure model' 'Data collection'        
2  2 'Structure model' 'Database references'    
3  2 'Structure model' 'Source and taxonomy'    
4  2 'Structure model' 'Structure summary'      
5  3 'Structure model' 'Data collection'        
6  3 'Structure model' 'Database references'    
7  4 'Structure model' 'Data collection'        
8  5 'Structure model' 'Data collection'        
9  5 'Structure model' 'Database references'    
10 5 'Structure model' 'Refinement description' 
# 
loop_
_pdbx_audit_revision_category.ordinal 
_pdbx_audit_revision_category.revision_ordinal 
_pdbx_audit_revision_category.data_content_type 
_pdbx_audit_revision_category.category 
1  2 'Structure model' entity                        
2  2 'Structure model' entity_name_com               
3  2 'Structure model' entity_src_gen                
4  2 'Structure model' struct_ref                    
5  2 'Structure model' struct_ref_seq                
6  2 'Structure model' struct_ref_seq_dif            
7  3 'Structure model' citation                      
8  3 'Structure model' citation_author               
9  3 'Structure model' database_PDB_rev              
10 3 'Structure model' database_PDB_rev_record       
11 3 'Structure model' pdbx_database_proc            
12 4 'Structure model' reflns                        
13 5 'Structure model' chem_comp_atom                
14 5 'Structure model' chem_comp_bond                
15 5 'Structure model' database_2                    
16 5 'Structure model' pdbx_initial_refinement_model 
# 
loop_
_pdbx_audit_revision_item.ordinal 
_pdbx_audit_revision_item.revision_ordinal 
_pdbx_audit_revision_item.data_content_type 
_pdbx_audit_revision_item.item 
1  2 'Structure model' '_entity.pdbx_description'                       
2  2 'Structure model' '_entity_src_gen.gene_src_common_name'           
3  2 'Structure model' '_entity_src_gen.pdbx_gene_src_gene'             
4  2 'Structure model' '_entity_src_gen.pdbx_gene_src_ncbi_taxonomy_id' 
5  2 'Structure model' '_entity_src_gen.pdbx_gene_src_scientific_name'  
6  2 'Structure model' '_struct_ref.db_code'                            
7  2 'Structure model' '_struct_ref.pdbx_db_accession'                  
8  2 'Structure model' '_struct_ref_seq.pdbx_db_accession'              
9  2 'Structure model' '_struct_ref_seq_dif.pdbx_seq_db_accession_code' 
10 3 'Structure model' '_citation.journal_volume'                       
11 3 'Structure model' '_citation.page_first'                           
12 3 'Structure model' '_citation.page_last'                            
13 3 'Structure model' '_citation.pdbx_database_id_PubMed'              
14 3 'Structure model' '_citation.title'                                
15 3 'Structure model' '_citation_author.identifier_ORCID'              
16 3 'Structure model' '_citation_author.name'                          
17 4 'Structure model' '_reflns.pdbx_Rmerge_I_obs'                      
18 5 'Structure model' '_database_2.pdbx_DOI'                           
19 5 'Structure model' '_database_2.pdbx_database_accession'            
# 
_pdbx_database_status.status_code                     REL 
_pdbx_database_status.status_code_sf                  REL 
_pdbx_database_status.status_code_mr                  ? 
_pdbx_database_status.entry_id                        6GQE 
_pdbx_database_status.recvd_initial_deposition_date   2018-06-07 
_pdbx_database_status.SG_entry                        N 
_pdbx_database_status.deposit_site                    PDBE 
_pdbx_database_status.process_site                    PDBE 
_pdbx_database_status.status_code_cs                  ? 
_pdbx_database_status.methods_development_category    ? 
_pdbx_database_status.pdb_format_compatible           Y 
_pdbx_database_status.status_code_nmr_data            ? 
# 
loop_
_audit_author.name 
_audit_author.pdbx_ordinal 
_audit_author.identifier_ORCID 
'Janowski, R.' 1 ? 
'Schlundt, A.' 2 ? 
'Sattler, M.'  3 ? 
'Niessing, D.' 4 ? 
# 
_citation.abstract                  ? 
_citation.abstract_id_CAS           ? 
_citation.book_id_ISBN              ? 
_citation.book_publisher            ? 
_citation.book_publisher_city       ? 
_citation.book_title                ? 
_citation.coordinate_linkage        ? 
_citation.country                   UK 
_citation.database_id_Medline       ? 
_citation.details                   ? 
_citation.id                        primary 
_citation.journal_abbrev            'Nat Commun' 
_citation.journal_id_ASTM           ? 
_citation.journal_id_CSD            ? 
_citation.journal_id_ISSN           2041-1723 
_citation.journal_full              ? 
_citation.journal_issue             ? 
_citation.journal_volume            10 
_citation.language                  ? 
_citation.page_first                2266 
_citation.page_last                 2266 
_citation.title                     
'Combinatorial recognition of clustered RNA elements by the multidomain RNA-binding protein IMP3.' 
_citation.year                      2019 
_citation.database_id_CSD           ? 
_citation.pdbx_database_id_DOI      10.1038/s41467-019-09769-8 
_citation.pdbx_database_id_PubMed   31118463 
_citation.unpublished_flag          ? 
# 
loop_
_citation_author.citation_id 
_citation_author.name 
_citation_author.ordinal 
_citation_author.identifier_ORCID 
primary 'Schneider, T.'   1  ?                   
primary 'Hung, L.H.'      2  ?                   
primary 'Aziz, M.'        3  ?                   
primary 'Wilmen, A.'      4  ?                   
primary 'Thaum, S.'       5  ?                   
primary 'Wagner, J.'      6  ?                   
primary 'Janowski, R.'    7  ?                   
primary 'Muller, S.'      8  ?                   
primary 'Schreiner, S.'   9  ?                   
primary 'Friedhoff, P.'   10 ?                   
primary 'Huttelmaier, S.' 11 ?                   
primary 'Niessing, D.'    12 0000-0002-5589-369X 
primary 'Sattler, M.'     13 0000-0002-1594-0527 
primary 'Schlundt, A.'    14 0000-0003-2254-7560 
primary 'Bindereif, A.'   15 ?                   
# 
loop_
_entity.id 
_entity.type 
_entity.src_method 
_entity.pdbx_description 
_entity.formula_weight 
_entity.pdbx_number_of_molecules 
_entity.pdbx_ec 
_entity.pdbx_mutation 
_entity.pdbx_fragment 
_entity.details 
1 polymer man 'Insulin-like growth factor 2 mRNA-binding protein 3' 18626.416 1  ? 'K294D, E295D' ? ? 
2 water   nat water                                                 18.015    16 ? ?              ? ? 
# 
_entity_name_com.entity_id   1 
_entity_name_com.name        
'IMP-3,IGF-II mRNA-binding protein 3,KH domain-containing protein overexpressed in cancer,hKOC,VICKZ family member 3' 
# 
_entity_poly.entity_id                      1 
_entity_poly.type                           'polypeptide(L)' 
_entity_poly.nstd_linkage                   no 
_entity_poly.nstd_monomer                   no 
_entity_poly.pdbx_seq_one_letter_code       
;GAMAKPCDLPLRLLVPTQFVGAIIGKEGATIRNITKQTQSKIDVHRKENAGAAEKSITILSTPEGTSAACKSILEIMHKE
AQDIKFTEEIPLKILAHNNFVGRLIGDDGRNLKKIEQDTDTKITISPLQELTLYNPERTITVKGNVETCAKAEEEIMKKI
RESYENDI
;
_entity_poly.pdbx_seq_one_letter_code_can   
;GAMAKPCDLPLRLLVPTQFVGAIIGKEGATIRNITKQTQSKIDVHRKENAGAAEKSITILSTPEGTSAACKSILEIMHKE
AQDIKFTEEIPLKILAHNNFVGRLIGDDGRNLKKIEQDTDTKITISPLQELTLYNPERTITVKGNVETCAKAEEEIMKKI
RESYENDI
;
_entity_poly.pdbx_strand_id                 A 
_entity_poly.pdbx_target_identifier         ? 
# 
_pdbx_entity_nonpoly.entity_id   2 
_pdbx_entity_nonpoly.name        water 
_pdbx_entity_nonpoly.comp_id     HOH 
# 
loop_
_entity_poly_seq.entity_id 
_entity_poly_seq.num 
_entity_poly_seq.mon_id 
_entity_poly_seq.hetero 
1 1   GLY n 
1 2   ALA n 
1 3   MET n 
1 4   ALA n 
1 5   LYS n 
1 6   PRO n 
1 7   CYS n 
1 8   ASP n 
1 9   LEU n 
1 10  PRO n 
1 11  LEU n 
1 12  ARG n 
1 13  LEU n 
1 14  LEU n 
1 15  VAL n 
1 16  PRO n 
1 17  THR n 
1 18  GLN n 
1 19  PHE n 
1 20  VAL n 
1 21  GLY n 
1 22  ALA n 
1 23  ILE n 
1 24  ILE n 
1 25  GLY n 
1 26  LYS n 
1 27  GLU n 
1 28  GLY n 
1 29  ALA n 
1 30  THR n 
1 31  ILE n 
1 32  ARG n 
1 33  ASN n 
1 34  ILE n 
1 35  THR n 
1 36  LYS n 
1 37  GLN n 
1 38  THR n 
1 39  GLN n 
1 40  SER n 
1 41  LYS n 
1 42  ILE n 
1 43  ASP n 
1 44  VAL n 
1 45  HIS n 
1 46  ARG n 
1 47  LYS n 
1 48  GLU n 
1 49  ASN n 
1 50  ALA n 
1 51  GLY n 
1 52  ALA n 
1 53  ALA n 
1 54  GLU n 
1 55  LYS n 
1 56  SER n 
1 57  ILE n 
1 58  THR n 
1 59  ILE n 
1 60  LEU n 
1 61  SER n 
1 62  THR n 
1 63  PRO n 
1 64  GLU n 
1 65  GLY n 
1 66  THR n 
1 67  SER n 
1 68  ALA n 
1 69  ALA n 
1 70  CYS n 
1 71  LYS n 
1 72  SER n 
1 73  ILE n 
1 74  LEU n 
1 75  GLU n 
1 76  ILE n 
1 77  MET n 
1 78  HIS n 
1 79  LYS n 
1 80  GLU n 
1 81  ALA n 
1 82  GLN n 
1 83  ASP n 
1 84  ILE n 
1 85  LYS n 
1 86  PHE n 
1 87  THR n 
1 88  GLU n 
1 89  GLU n 
1 90  ILE n 
1 91  PRO n 
1 92  LEU n 
1 93  LYS n 
1 94  ILE n 
1 95  LEU n 
1 96  ALA n 
1 97  HIS n 
1 98  ASN n 
1 99  ASN n 
1 100 PHE n 
1 101 VAL n 
1 102 GLY n 
1 103 ARG n 
1 104 LEU n 
1 105 ILE n 
1 106 GLY n 
1 107 ASP n 
1 108 ASP n 
1 109 GLY n 
1 110 ARG n 
1 111 ASN n 
1 112 LEU n 
1 113 LYS n 
1 114 LYS n 
1 115 ILE n 
1 116 GLU n 
1 117 GLN n 
1 118 ASP n 
1 119 THR n 
1 120 ASP n 
1 121 THR n 
1 122 LYS n 
1 123 ILE n 
1 124 THR n 
1 125 ILE n 
1 126 SER n 
1 127 PRO n 
1 128 LEU n 
1 129 GLN n 
1 130 GLU n 
1 131 LEU n 
1 132 THR n 
1 133 LEU n 
1 134 TYR n 
1 135 ASN n 
1 136 PRO n 
1 137 GLU n 
1 138 ARG n 
1 139 THR n 
1 140 ILE n 
1 141 THR n 
1 142 VAL n 
1 143 LYS n 
1 144 GLY n 
1 145 ASN n 
1 146 VAL n 
1 147 GLU n 
1 148 THR n 
1 149 CYS n 
1 150 ALA n 
1 151 LYS n 
1 152 ALA n 
1 153 GLU n 
1 154 GLU n 
1 155 GLU n 
1 156 ILE n 
1 157 MET n 
1 158 LYS n 
1 159 LYS n 
1 160 ILE n 
1 161 ARG n 
1 162 GLU n 
1 163 SER n 
1 164 TYR n 
1 165 GLU n 
1 166 ASN n 
1 167 ASP n 
1 168 ILE n 
# 
_entity_src_gen.entity_id                          1 
_entity_src_gen.pdbx_src_id                        1 
_entity_src_gen.pdbx_alt_source_flag               sample 
_entity_src_gen.pdbx_seq_type                      'Biological sequence' 
_entity_src_gen.pdbx_beg_seq_num                   1 
_entity_src_gen.pdbx_end_seq_num                   168 
_entity_src_gen.gene_src_common_name               Human 
_entity_src_gen.gene_src_genus                     ? 
_entity_src_gen.pdbx_gene_src_gene                 'IGF2BP3, IMP3, KOC1, VICKZ3' 
_entity_src_gen.gene_src_species                   ? 
_entity_src_gen.gene_src_strain                    ? 
_entity_src_gen.gene_src_tissue                    ? 
_entity_src_gen.gene_src_tissue_fraction           ? 
_entity_src_gen.gene_src_details                   ? 
_entity_src_gen.pdbx_gene_src_fragment             ? 
_entity_src_gen.pdbx_gene_src_scientific_name      'Homo sapiens' 
_entity_src_gen.pdbx_gene_src_ncbi_taxonomy_id     9606 
_entity_src_gen.pdbx_gene_src_variant              ? 
_entity_src_gen.pdbx_gene_src_cell_line            ? 
_entity_src_gen.pdbx_gene_src_atcc                 ? 
_entity_src_gen.pdbx_gene_src_organ                ? 
_entity_src_gen.pdbx_gene_src_organelle            ? 
_entity_src_gen.pdbx_gene_src_cell                 ? 
_entity_src_gen.pdbx_gene_src_cellular_location    ? 
_entity_src_gen.host_org_common_name               ? 
_entity_src_gen.pdbx_host_org_scientific_name      'Escherichia coli' 
_entity_src_gen.pdbx_host_org_ncbi_taxonomy_id     562 
_entity_src_gen.host_org_genus                     ? 
_entity_src_gen.pdbx_host_org_gene                 ? 
_entity_src_gen.pdbx_host_org_organ                ? 
_entity_src_gen.host_org_species                   ? 
_entity_src_gen.pdbx_host_org_tissue               ? 
_entity_src_gen.pdbx_host_org_tissue_fraction      ? 
_entity_src_gen.pdbx_host_org_strain               ? 
_entity_src_gen.pdbx_host_org_variant              ? 
_entity_src_gen.pdbx_host_org_cell_line            ? 
_entity_src_gen.pdbx_host_org_atcc                 ? 
_entity_src_gen.pdbx_host_org_culture_collection   ? 
_entity_src_gen.pdbx_host_org_cell                 ? 
_entity_src_gen.pdbx_host_org_organelle            ? 
_entity_src_gen.pdbx_host_org_cellular_location    ? 
_entity_src_gen.pdbx_host_org_vector_type          ? 
_entity_src_gen.pdbx_host_org_vector               ? 
_entity_src_gen.host_org_details                   ? 
_entity_src_gen.expression_system_id               ? 
_entity_src_gen.plasmid_name                       ? 
_entity_src_gen.plasmid_details                    ? 
_entity_src_gen.pdbx_description                   ? 
# 
loop_
_chem_comp.id 
_chem_comp.type 
_chem_comp.mon_nstd_flag 
_chem_comp.name 
_chem_comp.pdbx_synonyms 
_chem_comp.formula 
_chem_comp.formula_weight 
ALA 'L-peptide linking' y ALANINE         ? 'C3 H7 N O2'     89.093  
ARG 'L-peptide linking' y ARGININE        ? 'C6 H15 N4 O2 1' 175.209 
ASN 'L-peptide linking' y ASPARAGINE      ? 'C4 H8 N2 O3'    132.118 
ASP 'L-peptide linking' y 'ASPARTIC ACID' ? 'C4 H7 N O4'     133.103 
CYS 'L-peptide linking' y CYSTEINE        ? 'C3 H7 N O2 S'   121.158 
GLN 'L-peptide linking' y GLUTAMINE       ? 'C5 H10 N2 O3'   146.144 
GLU 'L-peptide linking' y 'GLUTAMIC ACID' ? 'C5 H9 N O4'     147.129 
GLY 'peptide linking'   y GLYCINE         ? 'C2 H5 N O2'     75.067  
HIS 'L-peptide linking' y HISTIDINE       ? 'C6 H10 N3 O2 1' 156.162 
HOH non-polymer         . WATER           ? 'H2 O'           18.015  
ILE 'L-peptide linking' y ISOLEUCINE      ? 'C6 H13 N O2'    131.173 
LEU 'L-peptide linking' y LEUCINE         ? 'C6 H13 N O2'    131.173 
LYS 'L-peptide linking' y LYSINE          ? 'C6 H15 N2 O2 1' 147.195 
MET 'L-peptide linking' y METHIONINE      ? 'C5 H11 N O2 S'  149.211 
PHE 'L-peptide linking' y PHENYLALANINE   ? 'C9 H11 N O2'    165.189 
PRO 'L-peptide linking' y PROLINE         ? 'C5 H9 N O2'     115.130 
SER 'L-peptide linking' y SERINE          ? 'C3 H7 N O3'     105.093 
THR 'L-peptide linking' y THREONINE       ? 'C4 H9 N O3'     119.119 
TYR 'L-peptide linking' y TYROSINE        ? 'C9 H11 N O3'    181.189 
VAL 'L-peptide linking' y VALINE          ? 'C5 H11 N O2'    117.146 
# 
loop_
_pdbx_poly_seq_scheme.asym_id 
_pdbx_poly_seq_scheme.entity_id 
_pdbx_poly_seq_scheme.seq_id 
_pdbx_poly_seq_scheme.mon_id 
_pdbx_poly_seq_scheme.ndb_seq_num 
_pdbx_poly_seq_scheme.pdb_seq_num 
_pdbx_poly_seq_scheme.auth_seq_num 
_pdbx_poly_seq_scheme.pdb_mon_id 
_pdbx_poly_seq_scheme.auth_mon_id 
_pdbx_poly_seq_scheme.pdb_strand_id 
_pdbx_poly_seq_scheme.pdb_ins_code 
_pdbx_poly_seq_scheme.hetero 
A 1 1   GLY 1   188 ?   ?   ?   A . n 
A 1 2   ALA 2   189 ?   ?   ?   A . n 
A 1 3   MET 3   190 ?   ?   ?   A . n 
A 1 4   ALA 4   191 191 ALA ALA A . n 
A 1 5   LYS 5   192 192 LYS LYS A . n 
A 1 6   PRO 6   193 193 PRO PRO A . n 
A 1 7   CYS 7   194 194 CYS CYS A . n 
A 1 8   ASP 8   195 195 ASP ASP A . n 
A 1 9   LEU 9   196 196 LEU LEU A . n 
A 1 10  PRO 10  197 197 PRO PRO A . n 
A 1 11  LEU 11  198 198 LEU LEU A . n 
A 1 12  ARG 12  199 199 ARG ARG A . n 
A 1 13  LEU 13  200 200 LEU LEU A . n 
A 1 14  LEU 14  201 201 LEU LEU A . n 
A 1 15  VAL 15  202 202 VAL VAL A . n 
A 1 16  PRO 16  203 203 PRO PRO A . n 
A 1 17  THR 17  204 204 THR THR A . n 
A 1 18  GLN 18  205 205 GLN GLN A . n 
A 1 19  PHE 19  206 206 PHE PHE A . n 
A 1 20  VAL 20  207 207 VAL VAL A . n 
A 1 21  GLY 21  208 208 GLY GLY A . n 
A 1 22  ALA 22  209 209 ALA ALA A . n 
A 1 23  ILE 23  210 210 ILE ILE A . n 
A 1 24  ILE 24  211 211 ILE ILE A . n 
A 1 25  GLY 25  212 212 GLY GLY A . n 
A 1 26  LYS 26  213 213 LYS LYS A . n 
A 1 27  GLU 27  214 214 GLU GLU A . n 
A 1 28  GLY 28  215 215 GLY GLY A . n 
A 1 29  ALA 29  216 216 ALA ALA A . n 
A 1 30  THR 30  217 217 THR THR A . n 
A 1 31  ILE 31  218 218 ILE ILE A . n 
A 1 32  ARG 32  219 219 ARG ARG A . n 
A 1 33  ASN 33  220 220 ASN ASN A . n 
A 1 34  ILE 34  221 221 ILE ILE A . n 
A 1 35  THR 35  222 222 THR THR A . n 
A 1 36  LYS 36  223 223 LYS LYS A . n 
A 1 37  GLN 37  224 224 GLN GLN A . n 
A 1 38  THR 38  225 225 THR THR A . n 
A 1 39  GLN 39  226 226 GLN GLN A . n 
A 1 40  SER 40  227 227 SER SER A . n 
A 1 41  LYS 41  228 228 LYS LYS A . n 
A 1 42  ILE 42  229 229 ILE ILE A . n 
A 1 43  ASP 43  230 230 ASP ASP A . n 
A 1 44  VAL 44  231 231 VAL VAL A . n 
A 1 45  HIS 45  232 232 HIS HIS A . n 
A 1 46  ARG 46  233 233 ARG ARG A . n 
A 1 47  LYS 47  234 234 LYS LYS A . n 
A 1 48  GLU 48  235 235 GLU GLU A . n 
A 1 49  ASN 49  236 236 ASN ASN A . n 
A 1 50  ALA 50  237 ?   ?   ?   A . n 
A 1 51  GLY 51  238 ?   ?   ?   A . n 
A 1 52  ALA 52  239 239 ALA ALA A . n 
A 1 53  ALA 53  240 240 ALA ALA A . n 
A 1 54  GLU 54  241 241 GLU GLU A . n 
A 1 55  LYS 55  242 242 LYS LYS A . n 
A 1 56  SER 56  243 243 SER SER A . n 
A 1 57  ILE 57  244 244 ILE ILE A . n 
A 1 58  THR 58  245 245 THR THR A . n 
A 1 59  ILE 59  246 246 ILE ILE A . n 
A 1 60  LEU 60  247 247 LEU LEU A . n 
A 1 61  SER 61  248 248 SER SER A . n 
A 1 62  THR 62  249 249 THR THR A . n 
A 1 63  PRO 63  250 250 PRO PRO A . n 
A 1 64  GLU 64  251 251 GLU GLU A . n 
A 1 65  GLY 65  252 252 GLY GLY A . n 
A 1 66  THR 66  253 253 THR THR A . n 
A 1 67  SER 67  254 254 SER SER A . n 
A 1 68  ALA 68  255 255 ALA ALA A . n 
A 1 69  ALA 69  256 256 ALA ALA A . n 
A 1 70  CYS 70  257 257 CYS CYS A . n 
A 1 71  LYS 71  258 258 LYS LYS A . n 
A 1 72  SER 72  259 259 SER SER A . n 
A 1 73  ILE 73  260 260 ILE ILE A . n 
A 1 74  LEU 74  261 261 LEU LEU A . n 
A 1 75  GLU 75  262 262 GLU GLU A . n 
A 1 76  ILE 76  263 263 ILE ILE A . n 
A 1 77  MET 77  264 264 MET MET A . n 
A 1 78  HIS 78  265 265 HIS HIS A . n 
A 1 79  LYS 79  266 266 LYS LYS A . n 
A 1 80  GLU 80  267 267 GLU GLU A . n 
A 1 81  ALA 81  268 268 ALA ALA A . n 
A 1 82  GLN 82  269 269 GLN GLN A . n 
A 1 83  ASP 83  270 270 ASP ASP A . n 
A 1 84  ILE 84  271 271 ILE ILE A . n 
A 1 85  LYS 85  272 272 LYS LYS A . n 
A 1 86  PHE 86  273 273 PHE PHE A . n 
A 1 87  THR 87  274 274 THR THR A . n 
A 1 88  GLU 88  275 275 GLU GLU A . n 
A 1 89  GLU 89  276 276 GLU GLU A . n 
A 1 90  ILE 90  277 277 ILE ILE A . n 
A 1 91  PRO 91  278 278 PRO PRO A . n 
A 1 92  LEU 92  279 279 LEU LEU A . n 
A 1 93  LYS 93  280 280 LYS LYS A . n 
A 1 94  ILE 94  281 281 ILE ILE A . n 
A 1 95  LEU 95  282 282 LEU LEU A . n 
A 1 96  ALA 96  283 283 ALA ALA A . n 
A 1 97  HIS 97  284 284 HIS HIS A . n 
A 1 98  ASN 98  285 285 ASN ASN A . n 
A 1 99  ASN 99  286 286 ASN ASN A . n 
A 1 100 PHE 100 287 287 PHE PHE A . n 
A 1 101 VAL 101 288 288 VAL VAL A . n 
A 1 102 GLY 102 289 289 GLY GLY A . n 
A 1 103 ARG 103 290 290 ARG ARG A . n 
A 1 104 LEU 104 291 291 LEU LEU A . n 
A 1 105 ILE 105 292 292 ILE ILE A . n 
A 1 106 GLY 106 293 293 GLY GLY A . n 
A 1 107 ASP 107 294 294 ASP ASP A . n 
A 1 108 ASP 108 295 295 ASP ASP A . n 
A 1 109 GLY 109 296 296 GLY GLY A . n 
A 1 110 ARG 110 297 297 ARG ARG A . n 
A 1 111 ASN 111 298 298 ASN ASN A . n 
A 1 112 LEU 112 299 299 LEU LEU A . n 
A 1 113 LYS 113 300 300 LYS LYS A . n 
A 1 114 LYS 114 301 301 LYS LYS A . n 
A 1 115 ILE 115 302 302 ILE ILE A . n 
A 1 116 GLU 116 303 303 GLU GLU A . n 
A 1 117 GLN 117 304 304 GLN GLN A . n 
A 1 118 ASP 118 305 305 ASP ASP A . n 
A 1 119 THR 119 306 306 THR THR A . n 
A 1 120 ASP 120 307 307 ASP ASP A . n 
A 1 121 THR 121 308 308 THR THR A . n 
A 1 122 LYS 122 309 309 LYS LYS A . n 
A 1 123 ILE 123 310 310 ILE ILE A . n 
A 1 124 THR 124 311 311 THR THR A . n 
A 1 125 ILE 125 312 312 ILE ILE A . n 
A 1 126 SER 126 313 313 SER SER A . n 
A 1 127 PRO 127 314 314 PRO PRO A . n 
A 1 128 LEU 128 315 315 LEU LEU A . n 
A 1 129 GLN 129 316 316 GLN GLN A . n 
A 1 130 GLU 130 317 317 GLU GLU A . n 
A 1 131 LEU 131 318 318 LEU LEU A . n 
A 1 132 THR 132 319 319 THR THR A . n 
A 1 133 LEU 133 320 320 LEU LEU A . n 
A 1 134 TYR 134 321 321 TYR TYR A . n 
A 1 135 ASN 135 322 322 ASN ASN A . n 
A 1 136 PRO 136 323 323 PRO PRO A . n 
A 1 137 GLU 137 324 324 GLU GLU A . n 
A 1 138 ARG 138 325 325 ARG ARG A . n 
A 1 139 THR 139 326 326 THR THR A . n 
A 1 140 ILE 140 327 327 ILE ILE A . n 
A 1 141 THR 141 328 328 THR THR A . n 
A 1 142 VAL 142 329 329 VAL VAL A . n 
A 1 143 LYS 143 330 330 LYS LYS A . n 
A 1 144 GLY 144 331 331 GLY GLY A . n 
A 1 145 ASN 145 332 332 ASN ASN A . n 
A 1 146 VAL 146 333 333 VAL VAL A . n 
A 1 147 GLU 147 334 334 GLU GLU A . n 
A 1 148 THR 148 335 335 THR THR A . n 
A 1 149 CYS 149 336 336 CYS CYS A . n 
A 1 150 ALA 150 337 337 ALA ALA A . n 
A 1 151 LYS 151 338 338 LYS LYS A . n 
A 1 152 ALA 152 339 339 ALA ALA A . n 
A 1 153 GLU 153 340 340 GLU GLU A . n 
A 1 154 GLU 154 341 341 GLU GLU A . n 
A 1 155 GLU 155 342 342 GLU GLU A . n 
A 1 156 ILE 156 343 343 ILE ILE A . n 
A 1 157 MET 157 344 344 MET MET A . n 
A 1 158 LYS 158 345 345 LYS LYS A . n 
A 1 159 LYS 159 346 346 LYS LYS A . n 
A 1 160 ILE 160 347 347 ILE ILE A . n 
A 1 161 ARG 161 348 348 ARG ARG A . n 
A 1 162 GLU 162 349 349 GLU GLU A . n 
A 1 163 SER 163 350 350 SER SER A . n 
A 1 164 TYR 164 351 351 TYR TYR A . n 
A 1 165 GLU 165 352 352 GLU GLU A . n 
A 1 166 ASN 166 353 353 ASN ASN A . n 
A 1 167 ASP 167 354 354 ASP ASP A . n 
A 1 168 ILE 168 355 355 ILE ILE A . n 
# 
loop_
_pdbx_nonpoly_scheme.asym_id 
_pdbx_nonpoly_scheme.entity_id 
_pdbx_nonpoly_scheme.mon_id 
_pdbx_nonpoly_scheme.ndb_seq_num 
_pdbx_nonpoly_scheme.pdb_seq_num 
_pdbx_nonpoly_scheme.auth_seq_num 
_pdbx_nonpoly_scheme.pdb_mon_id 
_pdbx_nonpoly_scheme.auth_mon_id 
_pdbx_nonpoly_scheme.pdb_strand_id 
_pdbx_nonpoly_scheme.pdb_ins_code 
B 2 HOH 1  401 19 HOH HOH A . 
B 2 HOH 2  402 42 HOH HOH A . 
B 2 HOH 3  403 1  HOH HOH A . 
B 2 HOH 4  404 33 HOH HOH A . 
B 2 HOH 5  405 12 HOH HOH A . 
B 2 HOH 6  406 15 HOH HOH A . 
B 2 HOH 7  407 49 HOH HOH A . 
B 2 HOH 8  408 50 HOH HOH A . 
B 2 HOH 9  409 23 HOH HOH A . 
B 2 HOH 10 410 40 HOH HOH A . 
B 2 HOH 11 411 52 HOH HOH A . 
B 2 HOH 12 412 25 HOH HOH A . 
B 2 HOH 13 413 46 HOH HOH A . 
B 2 HOH 14 414 43 HOH HOH A . 
B 2 HOH 15 415 10 HOH HOH A . 
B 2 HOH 16 416 30 HOH HOH A . 
# 
loop_
_pdbx_unobs_or_zero_occ_atoms.id 
_pdbx_unobs_or_zero_occ_atoms.PDB_model_num 
_pdbx_unobs_or_zero_occ_atoms.polymer_flag 
_pdbx_unobs_or_zero_occ_atoms.occupancy_flag 
_pdbx_unobs_or_zero_occ_atoms.auth_asym_id 
_pdbx_unobs_or_zero_occ_atoms.auth_comp_id 
_pdbx_unobs_or_zero_occ_atoms.auth_seq_id 
_pdbx_unobs_or_zero_occ_atoms.PDB_ins_code 
_pdbx_unobs_or_zero_occ_atoms.auth_atom_id 
_pdbx_unobs_or_zero_occ_atoms.label_alt_id 
_pdbx_unobs_or_zero_occ_atoms.label_asym_id 
_pdbx_unobs_or_zero_occ_atoms.label_comp_id 
_pdbx_unobs_or_zero_occ_atoms.label_seq_id 
_pdbx_unobs_or_zero_occ_atoms.label_atom_id 
1 1 Y 1 A ALA 191 ? N  ? A ALA 4 N  
2 1 Y 1 A ALA 191 ? CA ? A ALA 4 CA 
3 1 Y 1 A ALA 191 ? CB ? A ALA 4 CB 
# 
loop_
_software.citation_id 
_software.classification 
_software.compiler_name 
_software.compiler_version 
_software.contact_author 
_software.contact_author_email 
_software.date 
_software.description 
_software.dependencies 
_software.hardware 
_software.language 
_software.location 
_software.mods 
_software.name 
_software.os 
_software.os_version 
_software.type 
_software.version 
_software.pdbx_ordinal 
? refinement       ? ? ? ? ? ? ? ? ? ? ? REFMAC        ? ? ? 5.8.0189 1 
? 'data reduction' ? ? ? ? ? ? ? ? ? ? ? XDS           ? ? ? .        2 
? 'data scaling'   ? ? ? ? ? ? ? ? ? ? ? SCALA         ? ? ? .        3 
? phasing          ? ? ? ? ? ? ? ? ? ? ? Auto-Rickshaw ? ? ? .        4 
# 
_cell.angle_alpha                  90.00 
_cell.angle_alpha_esd              ? 
_cell.angle_beta                   90.00 
_cell.angle_beta_esd               ? 
_cell.angle_gamma                  90.00 
_cell.angle_gamma_esd              ? 
_cell.entry_id                     6GQE 
_cell.details                      ? 
_cell.formula_units_Z              ? 
_cell.length_a                     36.200 
_cell.length_a_esd                 ? 
_cell.length_b                     58.090 
_cell.length_b_esd                 ? 
_cell.length_c                     60.870 
_cell.length_c_esd                 ? 
_cell.volume                       ? 
_cell.volume_esd                   ? 
_cell.Z_PDB                        4 
_cell.reciprocal_angle_alpha       ? 
_cell.reciprocal_angle_beta        ? 
_cell.reciprocal_angle_gamma       ? 
_cell.reciprocal_angle_alpha_esd   ? 
_cell.reciprocal_angle_beta_esd    ? 
_cell.reciprocal_angle_gamma_esd   ? 
_cell.reciprocal_length_a          ? 
_cell.reciprocal_length_b          ? 
_cell.reciprocal_length_c          ? 
_cell.reciprocal_length_a_esd      ? 
_cell.reciprocal_length_b_esd      ? 
_cell.reciprocal_length_c_esd      ? 
_cell.pdbx_unique_axis             ? 
# 
_symmetry.entry_id                         6GQE 
_symmetry.cell_setting                     ? 
_symmetry.Int_Tables_number                19 
_symmetry.space_group_name_Hall            ? 
_symmetry.space_group_name_H-M             'P 21 21 21' 
_symmetry.pdbx_full_space_group_name_H-M   ? 
# 
_exptl.absorpt_coefficient_mu     ? 
_exptl.absorpt_correction_T_max   ? 
_exptl.absorpt_correction_T_min   ? 
_exptl.absorpt_correction_type    ? 
_exptl.absorpt_process_details    ? 
_exptl.entry_id                   6GQE 
_exptl.crystals_number            1 
_exptl.details                    ? 
_exptl.method                     'X-RAY DIFFRACTION' 
_exptl.method_details             ? 
# 
_exptl_crystal.colour                      ? 
_exptl_crystal.density_diffrn              ? 
_exptl_crystal.density_Matthews            ? 
_exptl_crystal.density_method              ? 
_exptl_crystal.density_percent_sol         ? 
_exptl_crystal.description                 ? 
_exptl_crystal.F_000                       ? 
_exptl_crystal.id                          1 
_exptl_crystal.preparation                 ? 
_exptl_crystal.size_max                    ? 
_exptl_crystal.size_mid                    ? 
_exptl_crystal.size_min                    ? 
_exptl_crystal.size_rad                    ? 
_exptl_crystal.colour_lustre               ? 
_exptl_crystal.colour_modifier             ? 
_exptl_crystal.colour_primary              ? 
_exptl_crystal.density_meas                ? 
_exptl_crystal.density_meas_esd            ? 
_exptl_crystal.density_meas_gt             ? 
_exptl_crystal.density_meas_lt             ? 
_exptl_crystal.density_meas_temp           ? 
_exptl_crystal.density_meas_temp_esd       ? 
_exptl_crystal.density_meas_temp_gt        ? 
_exptl_crystal.density_meas_temp_lt        ? 
_exptl_crystal.pdbx_crystal_image_url      ? 
_exptl_crystal.pdbx_crystal_image_format   ? 
_exptl_crystal.pdbx_mosaicity              ? 
_exptl_crystal.pdbx_mosaicity_esd          ? 
# 
_exptl_crystal_grow.apparatus       ? 
_exptl_crystal_grow.atmosphere      ? 
_exptl_crystal_grow.crystal_id      1 
_exptl_crystal_grow.details         ? 
_exptl_crystal_grow.method          'VAPOR DIFFUSION, SITTING DROP' 
_exptl_crystal_grow.method_ref      ? 
_exptl_crystal_grow.pH              6.5 
_exptl_crystal_grow.pressure        ? 
_exptl_crystal_grow.pressure_esd    ? 
_exptl_crystal_grow.seeding         ? 
_exptl_crystal_grow.seeding_ref     ? 
_exptl_crystal_grow.temp            292 
_exptl_crystal_grow.temp_details    ? 
_exptl_crystal_grow.temp_esd        ? 
_exptl_crystal_grow.time            ? 
_exptl_crystal_grow.pdbx_details    '0.08 M magnesium acetate, 0.05 M sodium cacodylate pH 6.5, 30% w/v Polyethylene glycol 4,000' 
_exptl_crystal_grow.pdbx_pH_range   ? 
# 
_diffrn.ambient_environment    ? 
_diffrn.ambient_temp           100 
_diffrn.ambient_temp_details   ? 
_diffrn.ambient_temp_esd       ? 
_diffrn.crystal_id             1 
_diffrn.crystal_support        ? 
_diffrn.crystal_treatment      ? 
_diffrn.details                ? 
_diffrn.id                     1 
_diffrn.ambient_pressure       ? 
_diffrn.ambient_pressure_esd   ? 
_diffrn.ambient_pressure_gt    ? 
_diffrn.ambient_pressure_lt    ? 
_diffrn.ambient_temp_gt        ? 
_diffrn.ambient_temp_lt        ? 
# 
_diffrn_detector.details                      ? 
_diffrn_detector.detector                     PIXEL 
_diffrn_detector.diffrn_id                    1 
_diffrn_detector.type                         'DECTRIS EIGER X 16M' 
_diffrn_detector.area_resol_mean              ? 
_diffrn_detector.dtime                        ? 
_diffrn_detector.pdbx_frames_total            ? 
_diffrn_detector.pdbx_collection_time_total   ? 
_diffrn_detector.pdbx_collection_date         2018-02-28 
# 
_diffrn_radiation.collimation                      ? 
_diffrn_radiation.diffrn_id                        1 
_diffrn_radiation.filter_edge                      ? 
_diffrn_radiation.inhomogeneity                    ? 
_diffrn_radiation.monochromator                    ? 
_diffrn_radiation.polarisn_norm                    ? 
_diffrn_radiation.polarisn_ratio                   ? 
_diffrn_radiation.probe                            ? 
_diffrn_radiation.type                             ? 
_diffrn_radiation.xray_symbol                      ? 
_diffrn_radiation.wavelength_id                    1 
_diffrn_radiation.pdbx_monochromatic_or_laue_m_l   M 
_diffrn_radiation.pdbx_wavelength_list             ? 
_diffrn_radiation.pdbx_wavelength                  ? 
_diffrn_radiation.pdbx_diffrn_protocol             'SINGLE WAVELENGTH' 
_diffrn_radiation.pdbx_analyzer                    ? 
_diffrn_radiation.pdbx_scattering_type             x-ray 
# 
_diffrn_radiation_wavelength.id           1 
_diffrn_radiation_wavelength.wavelength   1.000009 
_diffrn_radiation_wavelength.wt           1.0 
# 
_diffrn_source.current                     ? 
_diffrn_source.details                     ? 
_diffrn_source.diffrn_id                   1 
_diffrn_source.power                       ? 
_diffrn_source.size                        ? 
_diffrn_source.source                      SYNCHROTRON 
_diffrn_source.target                      ? 
_diffrn_source.type                        'SLS BEAMLINE X06SA' 
_diffrn_source.voltage                     ? 
_diffrn_source.take-off_angle              ? 
_diffrn_source.pdbx_wavelength_list        1.000009 
_diffrn_source.pdbx_wavelength             ? 
_diffrn_source.pdbx_synchrotron_beamline   X06SA 
_diffrn_source.pdbx_synchrotron_site       SLS 
# 
_reflns.B_iso_Wilson_estimate            ? 
_reflns.entry_id                         6GQE 
_reflns.data_reduction_details           ? 
_reflns.data_reduction_method            ? 
_reflns.d_resolution_high                2.15 
_reflns.d_resolution_low                 50 
_reflns.details                          ? 
_reflns.limit_h_max                      ? 
_reflns.limit_h_min                      ? 
_reflns.limit_k_max                      ? 
_reflns.limit_k_min                      ? 
_reflns.limit_l_max                      ? 
_reflns.limit_l_min                      ? 
_reflns.number_all                       ? 
_reflns.number_obs                       7366 
_reflns.observed_criterion               ? 
_reflns.observed_criterion_F_max         ? 
_reflns.observed_criterion_F_min         ? 
_reflns.observed_criterion_I_max         ? 
_reflns.observed_criterion_I_min         ? 
_reflns.observed_criterion_sigma_F       ? 
_reflns.observed_criterion_sigma_I       ? 
_reflns.percent_possible_obs             100 
_reflns.R_free_details                   ? 
_reflns.Rmerge_F_all                     ? 
_reflns.Rmerge_F_obs                     ? 
_reflns.Friedel_coverage                 ? 
_reflns.number_gt                        ? 
_reflns.threshold_expression             ? 
_reflns.pdbx_redundancy                  6.5 
_reflns.pdbx_Rmerge_I_obs                0.084 
_reflns.pdbx_Rmerge_I_all                ? 
_reflns.pdbx_Rsym_value                  ? 
_reflns.pdbx_netI_over_av_sigmaI         ? 
_reflns.pdbx_netI_over_sigmaI            11.94 
_reflns.pdbx_res_netI_over_av_sigmaI_2   ? 
_reflns.pdbx_res_netI_over_sigmaI_2      ? 
_reflns.pdbx_chi_squared                 ? 
_reflns.pdbx_scaling_rejects             ? 
_reflns.pdbx_d_res_high_opt              ? 
_reflns.pdbx_d_res_low_opt               ? 
_reflns.pdbx_d_res_opt_method            ? 
_reflns.phase_calculation_details        ? 
_reflns.pdbx_Rrim_I_all                  ? 
_reflns.pdbx_Rpim_I_all                  ? 
_reflns.pdbx_d_opt                       ? 
_reflns.pdbx_number_measured_all         ? 
_reflns.pdbx_diffrn_id                   1 
_reflns.pdbx_ordinal                     1 
_reflns.pdbx_CC_half                     0.999 
_reflns.pdbx_R_split                     ? 
# 
_reflns_shell.d_res_high                  2.15 
_reflns_shell.d_res_low                   2.21 
_reflns_shell.meanI_over_sigI_all         ? 
_reflns_shell.meanI_over_sigI_obs         1.63 
_reflns_shell.number_measured_all         ? 
_reflns_shell.number_measured_obs         ? 
_reflns_shell.number_possible             ? 
_reflns_shell.number_unique_all           ? 
_reflns_shell.number_unique_obs           ? 
_reflns_shell.percent_possible_all        99.9 
_reflns_shell.percent_possible_obs        ? 
_reflns_shell.Rmerge_F_all                ? 
_reflns_shell.Rmerge_F_obs                ? 
_reflns_shell.Rmerge_I_all                ? 
_reflns_shell.Rmerge_I_obs                0.8 
_reflns_shell.meanI_over_sigI_gt          ? 
_reflns_shell.meanI_over_uI_all           ? 
_reflns_shell.meanI_over_uI_gt            ? 
_reflns_shell.number_measured_gt          ? 
_reflns_shell.number_unique_gt            ? 
_reflns_shell.percent_possible_gt         ? 
_reflns_shell.Rmerge_F_gt                 ? 
_reflns_shell.Rmerge_I_gt                 ? 
_reflns_shell.pdbx_redundancy             6.9 
_reflns_shell.pdbx_Rsym_value             ? 
_reflns_shell.pdbx_chi_squared            ? 
_reflns_shell.pdbx_netI_over_sigmaI_all   ? 
_reflns_shell.pdbx_netI_over_sigmaI_obs   ? 
_reflns_shell.pdbx_Rrim_I_all             ? 
_reflns_shell.pdbx_Rpim_I_all             ? 
_reflns_shell.pdbx_rejects                ? 
_reflns_shell.pdbx_ordinal                1 
_reflns_shell.pdbx_diffrn_id              1 
_reflns_shell.pdbx_CC_half                0.767 
_reflns_shell.pdbx_R_split                ? 
# 
_refine.aniso_B[1][1]                            -3.99 
_refine.aniso_B[1][2]                            -0.00 
_refine.aniso_B[1][3]                            -0.00 
_refine.aniso_B[2][2]                            -2.14 
_refine.aniso_B[2][3]                            0.00 
_refine.aniso_B[3][3]                            6.13 
_refine.B_iso_max                                ? 
_refine.B_iso_mean                               39.272 
_refine.B_iso_min                                ? 
_refine.correlation_coeff_Fo_to_Fc               0.949 
_refine.correlation_coeff_Fo_to_Fc_free          0.924 
_refine.details                                  'HYDROGENS HAVE BEEN ADDED IN THE RIDING POSITIONS' 
_refine.diff_density_max                         ? 
_refine.diff_density_max_esd                     ? 
_refine.diff_density_min                         ? 
_refine.diff_density_min_esd                     ? 
_refine.diff_density_rms                         ? 
_refine.diff_density_rms_esd                     ? 
_refine.entry_id                                 6GQE 
_refine.pdbx_refine_id                           'X-RAY DIFFRACTION' 
_refine.ls_abs_structure_details                 ? 
_refine.ls_abs_structure_Flack                   ? 
_refine.ls_abs_structure_Flack_esd               ? 
_refine.ls_abs_structure_Rogers                  ? 
_refine.ls_abs_structure_Rogers_esd              ? 
_refine.ls_d_res_high                            2.15 
_refine.ls_d_res_low                             42.02 
_refine.ls_extinction_coef                       ? 
_refine.ls_extinction_coef_esd                   ? 
_refine.ls_extinction_expression                 ? 
_refine.ls_extinction_method                     ? 
_refine.ls_goodness_of_fit_all                   ? 
_refine.ls_goodness_of_fit_all_esd               ? 
_refine.ls_goodness_of_fit_obs                   ? 
_refine.ls_goodness_of_fit_obs_esd               ? 
_refine.ls_hydrogen_treatment                    ? 
_refine.ls_matrix_type                           ? 
_refine.ls_number_constraints                    ? 
_refine.ls_number_parameters                     ? 
_refine.ls_number_reflns_all                     ? 
_refine.ls_number_reflns_obs                     6518 
_refine.ls_number_reflns_R_free                  848 
_refine.ls_number_reflns_R_work                  ? 
_refine.ls_number_restraints                     ? 
_refine.ls_percent_reflns_obs                    99.88 
_refine.ls_percent_reflns_R_free                 11.5 
_refine.ls_R_factor_all                          ? 
_refine.ls_R_factor_obs                          0.23976 
_refine.ls_R_factor_R_free                       0.29273 
_refine.ls_R_factor_R_free_error                 ? 
_refine.ls_R_factor_R_free_error_details         ? 
_refine.ls_R_factor_R_work                       0.23287 
_refine.ls_R_Fsqd_factor_obs                     ? 
_refine.ls_R_I_factor_obs                        ? 
_refine.ls_redundancy_reflns_all                 ? 
_refine.ls_redundancy_reflns_obs                 ? 
_refine.ls_restrained_S_all                      ? 
_refine.ls_restrained_S_obs                      ? 
_refine.ls_shift_over_esd_max                    ? 
_refine.ls_shift_over_esd_mean                   ? 
_refine.ls_structure_factor_coef                 ? 
_refine.ls_weighting_details                     ? 
_refine.ls_weighting_scheme                      ? 
_refine.ls_wR_factor_all                         ? 
_refine.ls_wR_factor_obs                         ? 
_refine.ls_wR_factor_R_free                      ? 
_refine.ls_wR_factor_R_work                      ? 
_refine.occupancy_max                            ? 
_refine.occupancy_min                            ? 
_refine.solvent_model_details                    ? 
_refine.solvent_model_param_bsol                 ? 
_refine.solvent_model_param_ksol                 ? 
_refine.ls_R_factor_gt                           ? 
_refine.ls_goodness_of_fit_gt                    ? 
_refine.ls_goodness_of_fit_ref                   ? 
_refine.ls_shift_over_su_max                     ? 
_refine.ls_shift_over_su_max_lt                  ? 
_refine.ls_shift_over_su_mean                    ? 
_refine.ls_shift_over_su_mean_lt                 ? 
_refine.pdbx_ls_sigma_I                          ? 
_refine.pdbx_ls_sigma_F                          ? 
_refine.pdbx_ls_sigma_Fsqd                       ? 
_refine.pdbx_data_cutoff_high_absF               ? 
_refine.pdbx_data_cutoff_high_rms_absF           ? 
_refine.pdbx_data_cutoff_low_absF                ? 
_refine.pdbx_isotropic_thermal_model             ? 
_refine.pdbx_ls_cross_valid_method               THROUGHOUT 
_refine.pdbx_method_to_determine_struct          'MOLECULAR REPLACEMENT' 
_refine.pdbx_starting_model                      2ann 
_refine.pdbx_stereochemistry_target_values       ? 
_refine.pdbx_R_Free_selection_details            RANDOM 
_refine.pdbx_stereochem_target_val_spec_case     ? 
_refine.pdbx_overall_ESU_R                       0.519 
_refine.pdbx_overall_ESU_R_Free                  0.293 
_refine.pdbx_solvent_vdw_probe_radii             1.20 
_refine.pdbx_solvent_ion_probe_radii             0.80 
_refine.pdbx_solvent_shrinkage_radii             0.80 
_refine.pdbx_real_space_R                        ? 
_refine.pdbx_density_correlation                 ? 
_refine.pdbx_pd_number_of_powder_patterns        ? 
_refine.pdbx_pd_number_of_points                 ? 
_refine.pdbx_pd_meas_number_of_points            ? 
_refine.pdbx_pd_proc_ls_prof_R_factor            ? 
_refine.pdbx_pd_proc_ls_prof_wR_factor           ? 
_refine.pdbx_pd_Marquardt_correlation_coeff      ? 
_refine.pdbx_pd_Fsqrd_R_factor                   ? 
_refine.pdbx_pd_ls_matrix_band_width             ? 
_refine.pdbx_overall_phase_error                 ? 
_refine.pdbx_overall_SU_R_free_Cruickshank_DPI   ? 
_refine.pdbx_overall_SU_R_free_Blow_DPI          ? 
_refine.pdbx_overall_SU_R_Blow_DPI               ? 
_refine.pdbx_TLS_residual_ADP_flag               ? 
_refine.pdbx_diffrn_id                           1 
_refine.overall_SU_B                             28.983 
_refine.overall_SU_ML                            0.322 
_refine.overall_SU_R_Cruickshank_DPI             ? 
_refine.overall_SU_R_free                        ? 
_refine.overall_FOM_free_R_set                   ? 
_refine.overall_FOM_work_R_set                   ? 
_refine.pdbx_average_fsc_overall                 ? 
_refine.pdbx_average_fsc_work                    ? 
_refine.pdbx_average_fsc_free                    ? 
# 
_refine_hist.pdbx_refine_id                   'X-RAY DIFFRACTION' 
_refine_hist.cycle_id                         1 
_refine_hist.pdbx_number_atoms_protein        1272 
_refine_hist.pdbx_number_atoms_nucleic_acid   0 
_refine_hist.pdbx_number_atoms_ligand         0 
_refine_hist.number_atoms_solvent             16 
_refine_hist.number_atoms_total               1288 
_refine_hist.d_res_high                       2.15 
_refine_hist.d_res_low                        42.02 
# 
loop_
_refine_ls_restr.pdbx_refine_id 
_refine_ls_restr.criterion 
_refine_ls_restr.dev_ideal 
_refine_ls_restr.dev_ideal_target 
_refine_ls_restr.number 
_refine_ls_restr.rejects 
_refine_ls_restr.type 
_refine_ls_restr.weight 
_refine_ls_restr.pdbx_restraint_function 
'X-RAY DIFFRACTION' ? 0.007  0.019  1301 ? r_bond_refined_d             ? ? 
'X-RAY DIFFRACTION' ? 0.002  0.020  1272 ? r_bond_other_d               ? ? 
'X-RAY DIFFRACTION' ? 1.251  1.982  1753 ? r_angle_refined_deg          ? ? 
'X-RAY DIFFRACTION' ? 0.899  3.000  2978 ? r_angle_other_deg            ? ? 
'X-RAY DIFFRACTION' ? 5.753  5.000  164  ? r_dihedral_angle_1_deg       ? ? 
'X-RAY DIFFRACTION' ? 40.448 25.818 55   ? r_dihedral_angle_2_deg       ? ? 
'X-RAY DIFFRACTION' ? 14.737 15.000 264  ? r_dihedral_angle_3_deg       ? ? 
'X-RAY DIFFRACTION' ? 14.547 15.000 7    ? r_dihedral_angle_4_deg       ? ? 
'X-RAY DIFFRACTION' ? 0.065  0.200  210  ? r_chiral_restr               ? ? 
'X-RAY DIFFRACTION' ? 0.003  0.021  1399 ? r_gen_planes_refined         ? ? 
'X-RAY DIFFRACTION' ? 0.002  0.020  216  ? r_gen_planes_other           ? ? 
'X-RAY DIFFRACTION' ? ?      ?      ?    ? r_nbd_refined                ? ? 
'X-RAY DIFFRACTION' ? ?      ?      ?    ? r_nbd_other                  ? ? 
'X-RAY DIFFRACTION' ? ?      ?      ?    ? r_nbtor_refined              ? ? 
'X-RAY DIFFRACTION' ? ?      ?      ?    ? r_nbtor_other                ? ? 
'X-RAY DIFFRACTION' ? ?      ?      ?    ? r_xyhbond_nbd_refined        ? ? 
'X-RAY DIFFRACTION' ? ?      ?      ?    ? r_xyhbond_nbd_other          ? ? 
'X-RAY DIFFRACTION' ? ?      ?      ?    ? r_metal_ion_refined          ? ? 
'X-RAY DIFFRACTION' ? ?      ?      ?    ? r_metal_ion_other            ? ? 
'X-RAY DIFFRACTION' ? ?      ?      ?    ? r_symmetry_vdw_refined       ? ? 
'X-RAY DIFFRACTION' ? ?      ?      ?    ? r_symmetry_vdw_other         ? ? 
'X-RAY DIFFRACTION' ? ?      ?      ?    ? r_symmetry_hbond_refined     ? ? 
'X-RAY DIFFRACTION' ? ?      ?      ?    ? r_symmetry_hbond_other       ? ? 
'X-RAY DIFFRACTION' ? ?      ?      ?    ? r_symmetry_metal_ion_refined ? ? 
'X-RAY DIFFRACTION' ? ?      ?      ?    ? r_symmetry_metal_ion_other   ? ? 
'X-RAY DIFFRACTION' ? 1.746  3.877  655  ? r_mcbond_it                  ? ? 
'X-RAY DIFFRACTION' ? 1.747  3.876  654  ? r_mcbond_other               ? ? 
'X-RAY DIFFRACTION' ? 2.881  5.801  817  ? r_mcangle_it                 ? ? 
'X-RAY DIFFRACTION' ? 2.880  5.803  818  ? r_mcangle_other              ? ? 
'X-RAY DIFFRACTION' ? 1.613  4.144  646  ? r_scbond_it                  ? ? 
'X-RAY DIFFRACTION' ? 1.612  4.146  647  ? r_scbond_other               ? ? 
'X-RAY DIFFRACTION' ? ?      ?      ?    ? r_scangle_it                 ? ? 
'X-RAY DIFFRACTION' ? 2.735  6.136  936  ? r_scangle_other              ? ? 
'X-RAY DIFFRACTION' ? 4.617  46.915 1399 ? r_long_range_B_refined       ? ? 
'X-RAY DIFFRACTION' ? 4.615  46.937 1400 ? r_long_range_B_other         ? ? 
'X-RAY DIFFRACTION' ? ?      ?      ?    ? r_rigid_bond_restr           ? ? 
'X-RAY DIFFRACTION' ? ?      ?      ?    ? r_sphericity_free            ? ? 
'X-RAY DIFFRACTION' ? ?      ?      ?    ? r_sphericity_bonded          ? ? 
# 
_refine_ls_shell.pdbx_refine_id                   'X-RAY DIFFRACTION' 
_refine_ls_shell.d_res_high                       2.150 
_refine_ls_shell.d_res_low                        2.206 
_refine_ls_shell.number_reflns_all                ? 
_refine_ls_shell.number_reflns_obs                ? 
_refine_ls_shell.number_reflns_R_free             58 
_refine_ls_shell.number_reflns_R_work             452 
_refine_ls_shell.percent_reflns_obs               100.00 
_refine_ls_shell.percent_reflns_R_free            ? 
_refine_ls_shell.R_factor_all                     ? 
_refine_ls_shell.R_factor_obs                     ? 
_refine_ls_shell.R_factor_R_free                  0.361 
_refine_ls_shell.R_factor_R_free_error            ? 
_refine_ls_shell.R_factor_R_work                  0.35 
_refine_ls_shell.redundancy_reflns_all            ? 
_refine_ls_shell.redundancy_reflns_obs            ? 
_refine_ls_shell.wR_factor_all                    ? 
_refine_ls_shell.wR_factor_obs                    ? 
_refine_ls_shell.wR_factor_R_free                 ? 
_refine_ls_shell.wR_factor_R_work                 ? 
_refine_ls_shell.pdbx_total_number_of_bins_used   ? 
_refine_ls_shell.pdbx_phase_error                 ? 
_refine_ls_shell.pdbx_fsc_work                    ? 
_refine_ls_shell.pdbx_fsc_free                    ? 
# 
_struct.entry_id                     6GQE 
_struct.title                        'X-ray structure of KH1-2 domain of IMP3' 
_struct.pdbx_model_details           ? 
_struct.pdbx_formula_weight          ? 
_struct.pdbx_formula_weight_method   ? 
_struct.pdbx_model_type_details      ? 
_struct.pdbx_CASP_flag               N 
# 
_struct_keywords.entry_id        6GQE 
_struct_keywords.text            
;multidomain-RNA binding protein, insulin-like growth factor 2, mRNA binding protein 3 (IMP3), mRNA-protein interactions, RNA binding protein
;
_struct_keywords.pdbx_keywords   'RNA BINDING PROTEIN' 
# 
loop_
_struct_asym.id 
_struct_asym.pdbx_blank_PDB_chainid_flag 
_struct_asym.pdbx_modified 
_struct_asym.entity_id 
_struct_asym.details 
A N N 1 ? 
B N N 2 ? 
# 
_struct_ref.id                         1 
_struct_ref.db_name                    UNP 
_struct_ref.db_code                    IF2B3_HUMAN 
_struct_ref.pdbx_db_accession          O00425 
_struct_ref.pdbx_db_isoform            ? 
_struct_ref.entity_id                  1 
_struct_ref.pdbx_seq_one_letter_code   
;KPCDLPLRLLVPTQFVGAIIGKEGATIRNITKQTQSKIDVHRKENAGAAEKSITILSTPEGTSAACKSILEIMHKEAQDI
KFTEEIPLKILAHNNFVGRLIGKEGRNLKKIEQDTDTKITISPLQELTLYNPERTITVKGNVETCAKAEEEIMKKIRESY
ENDI
;
_struct_ref.pdbx_align_begin           192 
# 
_struct_ref_seq.align_id                      1 
_struct_ref_seq.ref_id                        1 
_struct_ref_seq.pdbx_PDB_id_code              6GQE 
_struct_ref_seq.pdbx_strand_id                A 
_struct_ref_seq.seq_align_beg                 5 
_struct_ref_seq.pdbx_seq_align_beg_ins_code   ? 
_struct_ref_seq.seq_align_end                 168 
_struct_ref_seq.pdbx_seq_align_end_ins_code   ? 
_struct_ref_seq.pdbx_db_accession             O00425 
_struct_ref_seq.db_align_beg                  192 
_struct_ref_seq.pdbx_db_align_beg_ins_code    ? 
_struct_ref_seq.db_align_end                  355 
_struct_ref_seq.pdbx_db_align_end_ins_code    ? 
_struct_ref_seq.pdbx_auth_seq_align_beg       192 
_struct_ref_seq.pdbx_auth_seq_align_end       355 
# 
loop_
_struct_ref_seq_dif.align_id 
_struct_ref_seq_dif.pdbx_pdb_id_code 
_struct_ref_seq_dif.mon_id 
_struct_ref_seq_dif.pdbx_pdb_strand_id 
_struct_ref_seq_dif.seq_num 
_struct_ref_seq_dif.pdbx_pdb_ins_code 
_struct_ref_seq_dif.pdbx_seq_db_name 
_struct_ref_seq_dif.pdbx_seq_db_accession_code 
_struct_ref_seq_dif.db_mon_id 
_struct_ref_seq_dif.pdbx_seq_db_seq_num 
_struct_ref_seq_dif.details 
_struct_ref_seq_dif.pdbx_auth_seq_num 
_struct_ref_seq_dif.pdbx_ordinal 
1 6GQE GLY A 1   ? UNP O00425 ?   ?   'expression tag'      188 1 
1 6GQE ALA A 2   ? UNP O00425 ?   ?   'expression tag'      189 2 
1 6GQE MET A 3   ? UNP O00425 ?   ?   'expression tag'      190 3 
1 6GQE ALA A 4   ? UNP O00425 ?   ?   'expression tag'      191 4 
1 6GQE ASP A 107 ? UNP O00425 LYS 294 'engineered mutation' 294 5 
1 6GQE ASP A 108 ? UNP O00425 GLU 295 'engineered mutation' 295 6 
# 
_pdbx_struct_assembly.id                   1 
_pdbx_struct_assembly.details              author_and_software_defined_assembly 
_pdbx_struct_assembly.method_details       PISA 
_pdbx_struct_assembly.oligomeric_details   monomeric 
_pdbx_struct_assembly.oligomeric_count     1 
# 
loop_
_pdbx_struct_assembly_prop.biol_id 
_pdbx_struct_assembly_prop.type 
_pdbx_struct_assembly_prop.value 
_pdbx_struct_assembly_prop.details 
1 'ABSA (A^2)' 0    ? 
1 MORE         0    ? 
1 'SSA (A^2)'  9580 ? 
# 
_pdbx_struct_assembly_gen.assembly_id       1 
_pdbx_struct_assembly_gen.oper_expression   1 
_pdbx_struct_assembly_gen.asym_id_list      A,B 
# 
_pdbx_struct_assembly_auth_evidence.id                     1 
_pdbx_struct_assembly_auth_evidence.assembly_id            1 
_pdbx_struct_assembly_auth_evidence.experimental_support   'gel filtration' 
_pdbx_struct_assembly_auth_evidence.details                ? 
# 
_pdbx_struct_oper_list.id                   1 
_pdbx_struct_oper_list.type                 'identity operation' 
_pdbx_struct_oper_list.name                 1_555 
_pdbx_struct_oper_list.symmetry_operation   x,y,z 
_pdbx_struct_oper_list.matrix[1][1]         1.0000000000 
_pdbx_struct_oper_list.matrix[1][2]         0.0000000000 
_pdbx_struct_oper_list.matrix[1][3]         0.0000000000 
_pdbx_struct_oper_list.vector[1]            0.0000000000 
_pdbx_struct_oper_list.matrix[2][1]         0.0000000000 
_pdbx_struct_oper_list.matrix[2][2]         1.0000000000 
_pdbx_struct_oper_list.matrix[2][3]         0.0000000000 
_pdbx_struct_oper_list.vector[2]            0.0000000000 
_pdbx_struct_oper_list.matrix[3][1]         0.0000000000 
_pdbx_struct_oper_list.matrix[3][2]         0.0000000000 
_pdbx_struct_oper_list.matrix[3][3]         1.0000000000 
_pdbx_struct_oper_list.vector[3]            0.0000000000 
# 
loop_
_struct_conf.conf_type_id 
_struct_conf.id 
_struct_conf.pdbx_PDB_helix_id 
_struct_conf.beg_label_comp_id 
_struct_conf.beg_label_asym_id 
_struct_conf.beg_label_seq_id 
_struct_conf.pdbx_beg_PDB_ins_code 
_struct_conf.end_label_comp_id 
_struct_conf.end_label_asym_id 
_struct_conf.end_label_seq_id 
_struct_conf.pdbx_end_PDB_ins_code 
_struct_conf.beg_auth_comp_id 
_struct_conf.beg_auth_asym_id 
_struct_conf.beg_auth_seq_id 
_struct_conf.end_auth_comp_id 
_struct_conf.end_auth_asym_id 
_struct_conf.end_auth_seq_id 
_struct_conf.pdbx_PDB_helix_class 
_struct_conf.details 
_struct_conf.pdbx_PDB_helix_length 
HELX_P HELX_P1 AA1 PHE A 19  ? GLY A 25  ? PHE A 206 GLY A 212 1 ? 7  
HELX_P HELX_P2 AA2 GLY A 28  ? GLN A 39  ? GLY A 215 GLN A 226 1 ? 12 
HELX_P HELX_P3 AA3 THR A 62  ? ILE A 84  ? THR A 249 ILE A 271 1 ? 23 
HELX_P HELX_P4 AA4 VAL A 101 ? ASP A 120 ? VAL A 288 ASP A 307 1 ? 20 
HELX_P HELX_P5 AA5 PRO A 127 ? LEU A 131 ? PRO A 314 LEU A 318 5 ? 5  
HELX_P HELX_P6 AA6 ASN A 145 ? GLU A 165 ? ASN A 332 GLU A 352 1 ? 21 
# 
_struct_conf_type.id          HELX_P 
_struct_conf_type.criteria    ? 
_struct_conf_type.reference   ? 
# 
_struct_mon_prot_cis.pdbx_id                1 
_struct_mon_prot_cis.label_comp_id          LYS 
_struct_mon_prot_cis.label_seq_id           5 
_struct_mon_prot_cis.label_asym_id          A 
_struct_mon_prot_cis.label_alt_id           . 
_struct_mon_prot_cis.pdbx_PDB_ins_code      ? 
_struct_mon_prot_cis.auth_comp_id           LYS 
_struct_mon_prot_cis.auth_seq_id            192 
_struct_mon_prot_cis.auth_asym_id           A 
_struct_mon_prot_cis.pdbx_label_comp_id_2   PRO 
_struct_mon_prot_cis.pdbx_label_seq_id_2    6 
_struct_mon_prot_cis.pdbx_label_asym_id_2   A 
_struct_mon_prot_cis.pdbx_PDB_ins_code_2    ? 
_struct_mon_prot_cis.pdbx_auth_comp_id_2    PRO 
_struct_mon_prot_cis.pdbx_auth_seq_id_2     193 
_struct_mon_prot_cis.pdbx_auth_asym_id_2    A 
_struct_mon_prot_cis.pdbx_PDB_model_num     1 
_struct_mon_prot_cis.pdbx_omega_angle       -10.20 
# 
_struct_sheet.id               AA1 
_struct_sheet.type             ? 
_struct_sheet.number_strands   6 
_struct_sheet.details          ? 
# 
loop_
_struct_sheet_order.sheet_id 
_struct_sheet_order.range_id_1 
_struct_sheet_order.range_id_2 
_struct_sheet_order.offset 
_struct_sheet_order.sense 
AA1 1 2 ? anti-parallel 
AA1 2 3 ? anti-parallel 
AA1 3 4 ? anti-parallel 
AA1 4 5 ? anti-parallel 
AA1 5 6 ? anti-parallel 
# 
loop_
_struct_sheet_range.sheet_id 
_struct_sheet_range.id 
_struct_sheet_range.beg_label_comp_id 
_struct_sheet_range.beg_label_asym_id 
_struct_sheet_range.beg_label_seq_id 
_struct_sheet_range.pdbx_beg_PDB_ins_code 
_struct_sheet_range.end_label_comp_id 
_struct_sheet_range.end_label_asym_id 
_struct_sheet_range.end_label_seq_id 
_struct_sheet_range.pdbx_end_PDB_ins_code 
_struct_sheet_range.beg_auth_comp_id 
_struct_sheet_range.beg_auth_asym_id 
_struct_sheet_range.beg_auth_seq_id 
_struct_sheet_range.end_auth_comp_id 
_struct_sheet_range.end_auth_asym_id 
_struct_sheet_range.end_auth_seq_id 
AA1 1 LYS A 41  ? ARG A 46  ? LYS A 228 ARG A 233 
AA1 2 GLU A 54  ? LEU A 60  ? GLU A 241 LEU A 247 
AA1 3 LEU A 11  ? PRO A 16  ? LEU A 198 PRO A 203 
AA1 4 LEU A 92  ? HIS A 97  ? LEU A 279 HIS A 284 
AA1 5 GLU A 137 ? LYS A 143 ? GLU A 324 LYS A 330 
AA1 6 LYS A 122 ? ILE A 125 ? LYS A 309 ILE A 312 
# 
loop_
_pdbx_struct_sheet_hbond.sheet_id 
_pdbx_struct_sheet_hbond.range_id_1 
_pdbx_struct_sheet_hbond.range_id_2 
_pdbx_struct_sheet_hbond.range_1_label_atom_id 
_pdbx_struct_sheet_hbond.range_1_label_comp_id 
_pdbx_struct_sheet_hbond.range_1_label_asym_id 
_pdbx_struct_sheet_hbond.range_1_label_seq_id 
_pdbx_struct_sheet_hbond.range_1_PDB_ins_code 
_pdbx_struct_sheet_hbond.range_1_auth_atom_id 
_pdbx_struct_sheet_hbond.range_1_auth_comp_id 
_pdbx_struct_sheet_hbond.range_1_auth_asym_id 
_pdbx_struct_sheet_hbond.range_1_auth_seq_id 
_pdbx_struct_sheet_hbond.range_2_label_atom_id 
_pdbx_struct_sheet_hbond.range_2_label_comp_id 
_pdbx_struct_sheet_hbond.range_2_label_asym_id 
_pdbx_struct_sheet_hbond.range_2_label_seq_id 
_pdbx_struct_sheet_hbond.range_2_PDB_ins_code 
_pdbx_struct_sheet_hbond.range_2_auth_atom_id 
_pdbx_struct_sheet_hbond.range_2_auth_comp_id 
_pdbx_struct_sheet_hbond.range_2_auth_asym_id 
_pdbx_struct_sheet_hbond.range_2_auth_seq_id 
AA1 1 2 N HIS A 45  ? N HIS A 232 O SER A 56  ? O SER A 243 
AA1 2 3 O ILE A 59  ? O ILE A 246 N LEU A 11  ? N LEU A 198 
AA1 3 4 N ARG A 12  ? N ARG A 199 O LEU A 95  ? O LEU A 282 
AA1 4 5 N LEU A 92  ? N LEU A 279 O VAL A 142 ? O VAL A 329 
AA1 5 6 O LYS A 143 ? O LYS A 330 N LYS A 122 ? N LYS A 309 
# 
loop_
_pdbx_unobs_or_zero_occ_residues.id 
_pdbx_unobs_or_zero_occ_residues.PDB_model_num 
_pdbx_unobs_or_zero_occ_residues.polymer_flag 
_pdbx_unobs_or_zero_occ_residues.occupancy_flag 
_pdbx_unobs_or_zero_occ_residues.auth_asym_id 
_pdbx_unobs_or_zero_occ_residues.auth_comp_id 
_pdbx_unobs_or_zero_occ_residues.auth_seq_id 
_pdbx_unobs_or_zero_occ_residues.PDB_ins_code 
_pdbx_unobs_or_zero_occ_residues.label_asym_id 
_pdbx_unobs_or_zero_occ_residues.label_comp_id 
_pdbx_unobs_or_zero_occ_residues.label_seq_id 
1 1 Y 1 A GLY 188 ? A GLY 1  
2 1 Y 1 A ALA 189 ? A ALA 2  
3 1 Y 1 A MET 190 ? A MET 3  
4 1 Y 1 A ALA 237 ? A ALA 50 
5 1 Y 1 A GLY 238 ? A GLY 51 
# 
loop_
_chem_comp_atom.comp_id 
_chem_comp_atom.atom_id 
_chem_comp_atom.type_symbol 
_chem_comp_atom.pdbx_aromatic_flag 
_chem_comp_atom.pdbx_stereo_config 
_chem_comp_atom.pdbx_ordinal 
ALA N    N N N 1   
ALA CA   C N S 2   
ALA C    C N N 3   
ALA O    O N N 4   
ALA CB   C N N 5   
ALA OXT  O N N 6   
ALA H    H N N 7   
ALA H2   H N N 8   
ALA HA   H N N 9   
ALA HB1  H N N 10  
ALA HB2  H N N 11  
ALA HB3  H N N 12  
ALA HXT  H N N 13  
ARG N    N N N 14  
ARG CA   C N S 15  
ARG C    C N N 16  
ARG O    O N N 17  
ARG CB   C N N 18  
ARG CG   C N N 19  
ARG CD   C N N 20  
ARG NE   N N N 21  
ARG CZ   C N N 22  
ARG NH1  N N N 23  
ARG NH2  N N N 24  
ARG OXT  O N N 25  
ARG H    H N N 26  
ARG H2   H N N 27  
ARG HA   H N N 28  
ARG HB2  H N N 29  
ARG HB3  H N N 30  
ARG HG2  H N N 31  
ARG HG3  H N N 32  
ARG HD2  H N N 33  
ARG HD3  H N N 34  
ARG HE   H N N 35  
ARG HH11 H N N 36  
ARG HH12 H N N 37  
ARG HH21 H N N 38  
ARG HH22 H N N 39  
ARG HXT  H N N 40  
ASN N    N N N 41  
ASN CA   C N S 42  
ASN C    C N N 43  
ASN O    O N N 44  
ASN CB   C N N 45  
ASN CG   C N N 46  
ASN OD1  O N N 47  
ASN ND2  N N N 48  
ASN OXT  O N N 49  
ASN H    H N N 50  
ASN H2   H N N 51  
ASN HA   H N N 52  
ASN HB2  H N N 53  
ASN HB3  H N N 54  
ASN HD21 H N N 55  
ASN HD22 H N N 56  
ASN HXT  H N N 57  
ASP N    N N N 58  
ASP CA   C N S 59  
ASP C    C N N 60  
ASP O    O N N 61  
ASP CB   C N N 62  
ASP CG   C N N 63  
ASP OD1  O N N 64  
ASP OD2  O N N 65  
ASP OXT  O N N 66  
ASP H    H N N 67  
ASP H2   H N N 68  
ASP HA   H N N 69  
ASP HB2  H N N 70  
ASP HB3  H N N 71  
ASP HD2  H N N 72  
ASP HXT  H N N 73  
CYS N    N N N 74  
CYS CA   C N R 75  
CYS C    C N N 76  
CYS O    O N N 77  
CYS CB   C N N 78  
CYS SG   S N N 79  
CYS OXT  O N N 80  
CYS H    H N N 81  
CYS H2   H N N 82  
CYS HA   H N N 83  
CYS HB2  H N N 84  
CYS HB3  H N N 85  
CYS HG   H N N 86  
CYS HXT  H N N 87  
GLN N    N N N 88  
GLN CA   C N S 89  
GLN C    C N N 90  
GLN O    O N N 91  
GLN CB   C N N 92  
GLN CG   C N N 93  
GLN CD   C N N 94  
GLN OE1  O N N 95  
GLN NE2  N N N 96  
GLN OXT  O N N 97  
GLN H    H N N 98  
GLN H2   H N N 99  
GLN HA   H N N 100 
GLN HB2  H N N 101 
GLN HB3  H N N 102 
GLN HG2  H N N 103 
GLN HG3  H N N 104 
GLN HE21 H N N 105 
GLN HE22 H N N 106 
GLN HXT  H N N 107 
GLU N    N N N 108 
GLU CA   C N S 109 
GLU C    C N N 110 
GLU O    O N N 111 
GLU CB   C N N 112 
GLU CG   C N N 113 
GLU CD   C N N 114 
GLU OE1  O N N 115 
GLU OE2  O N N 116 
GLU OXT  O N N 117 
GLU H    H N N 118 
GLU H2   H N N 119 
GLU HA   H N N 120 
GLU HB2  H N N 121 
GLU HB3  H N N 122 
GLU HG2  H N N 123 
GLU HG3  H N N 124 
GLU HE2  H N N 125 
GLU HXT  H N N 126 
GLY N    N N N 127 
GLY CA   C N N 128 
GLY C    C N N 129 
GLY O    O N N 130 
GLY OXT  O N N 131 
GLY H    H N N 132 
GLY H2   H N N 133 
GLY HA2  H N N 134 
GLY HA3  H N N 135 
GLY HXT  H N N 136 
HIS N    N N N 137 
HIS CA   C N S 138 
HIS C    C N N 139 
HIS O    O N N 140 
HIS CB   C N N 141 
HIS CG   C Y N 142 
HIS ND1  N Y N 143 
HIS CD2  C Y N 144 
HIS CE1  C Y N 145 
HIS NE2  N Y N 146 
HIS OXT  O N N 147 
HIS H    H N N 148 
HIS H2   H N N 149 
HIS HA   H N N 150 
HIS HB2  H N N 151 
HIS HB3  H N N 152 
HIS HD1  H N N 153 
HIS HD2  H N N 154 
HIS HE1  H N N 155 
HIS HE2  H N N 156 
HIS HXT  H N N 157 
HOH O    O N N 158 
HOH H1   H N N 159 
HOH H2   H N N 160 
ILE N    N N N 161 
ILE CA   C N S 162 
ILE C    C N N 163 
ILE O    O N N 164 
ILE CB   C N S 165 
ILE CG1  C N N 166 
ILE CG2  C N N 167 
ILE CD1  C N N 168 
ILE OXT  O N N 169 
ILE H    H N N 170 
ILE H2   H N N 171 
ILE HA   H N N 172 
ILE HB   H N N 173 
ILE HG12 H N N 174 
ILE HG13 H N N 175 
ILE HG21 H N N 176 
ILE HG22 H N N 177 
ILE HG23 H N N 178 
ILE HD11 H N N 179 
ILE HD12 H N N 180 
ILE HD13 H N N 181 
ILE HXT  H N N 182 
LEU N    N N N 183 
LEU CA   C N S 184 
LEU C    C N N 185 
LEU O    O N N 186 
LEU CB   C N N 187 
LEU CG   C N N 188 
LEU CD1  C N N 189 
LEU CD2  C N N 190 
LEU OXT  O N N 191 
LEU H    H N N 192 
LEU H2   H N N 193 
LEU HA   H N N 194 
LEU HB2  H N N 195 
LEU HB3  H N N 196 
LEU HG   H N N 197 
LEU HD11 H N N 198 
LEU HD12 H N N 199 
LEU HD13 H N N 200 
LEU HD21 H N N 201 
LEU HD22 H N N 202 
LEU HD23 H N N 203 
LEU HXT  H N N 204 
LYS N    N N N 205 
LYS CA   C N S 206 
LYS C    C N N 207 
LYS O    O N N 208 
LYS CB   C N N 209 
LYS CG   C N N 210 
LYS CD   C N N 211 
LYS CE   C N N 212 
LYS NZ   N N N 213 
LYS OXT  O N N 214 
LYS H    H N N 215 
LYS H2   H N N 216 
LYS HA   H N N 217 
LYS HB2  H N N 218 
LYS HB3  H N N 219 
LYS HG2  H N N 220 
LYS HG3  H N N 221 
LYS HD2  H N N 222 
LYS HD3  H N N 223 
LYS HE2  H N N 224 
LYS HE3  H N N 225 
LYS HZ1  H N N 226 
LYS HZ2  H N N 227 
LYS HZ3  H N N 228 
LYS HXT  H N N 229 
MET N    N N N 230 
MET CA   C N S 231 
MET C    C N N 232 
MET O    O N N 233 
MET CB   C N N 234 
MET CG   C N N 235 
MET SD   S N N 236 
MET CE   C N N 237 
MET OXT  O N N 238 
MET H    H N N 239 
MET H2   H N N 240 
MET HA   H N N 241 
MET HB2  H N N 242 
MET HB3  H N N 243 
MET HG2  H N N 244 
MET HG3  H N N 245 
MET HE1  H N N 246 
MET HE2  H N N 247 
MET HE3  H N N 248 
MET HXT  H N N 249 
PHE N    N N N 250 
PHE CA   C N S 251 
PHE C    C N N 252 
PHE O    O N N 253 
PHE CB   C N N 254 
PHE CG   C Y N 255 
PHE CD1  C Y N 256 
PHE CD2  C Y N 257 
PHE CE1  C Y N 258 
PHE CE2  C Y N 259 
PHE CZ   C Y N 260 
PHE OXT  O N N 261 
PHE H    H N N 262 
PHE H2   H N N 263 
PHE HA   H N N 264 
PHE HB2  H N N 265 
PHE HB3  H N N 266 
PHE HD1  H N N 267 
PHE HD2  H N N 268 
PHE HE1  H N N 269 
PHE HE2  H N N 270 
PHE HZ   H N N 271 
PHE HXT  H N N 272 
PRO N    N N N 273 
PRO CA   C N S 274 
PRO C    C N N 275 
PRO O    O N N 276 
PRO CB   C N N 277 
PRO CG   C N N 278 
PRO CD   C N N 279 
PRO OXT  O N N 280 
PRO H    H N N 281 
PRO HA   H N N 282 
PRO HB2  H N N 283 
PRO HB3  H N N 284 
PRO HG2  H N N 285 
PRO HG3  H N N 286 
PRO HD2  H N N 287 
PRO HD3  H N N 288 
PRO HXT  H N N 289 
SER N    N N N 290 
SER CA   C N S 291 
SER C    C N N 292 
SER O    O N N 293 
SER CB   C N N 294 
SER OG   O N N 295 
SER OXT  O N N 296 
SER H    H N N 297 
SER H2   H N N 298 
SER HA   H N N 299 
SER HB2  H N N 300 
SER HB3  H N N 301 
SER HG   H N N 302 
SER HXT  H N N 303 
THR N    N N N 304 
THR CA   C N S 305 
THR C    C N N 306 
THR O    O N N 307 
THR CB   C N R 308 
THR OG1  O N N 309 
THR CG2  C N N 310 
THR OXT  O N N 311 
THR H    H N N 312 
THR H2   H N N 313 
THR HA   H N N 314 
THR HB   H N N 315 
THR HG1  H N N 316 
THR HG21 H N N 317 
THR HG22 H N N 318 
THR HG23 H N N 319 
THR HXT  H N N 320 
TYR N    N N N 321 
TYR CA   C N S 322 
TYR C    C N N 323 
TYR O    O N N 324 
TYR CB   C N N 325 
TYR CG   C Y N 326 
TYR CD1  C Y N 327 
TYR CD2  C Y N 328 
TYR CE1  C Y N 329 
TYR CE2  C Y N 330 
TYR CZ   C Y N 331 
TYR OH   O N N 332 
TYR OXT  O N N 333 
TYR H    H N N 334 
TYR H2   H N N 335 
TYR HA   H N N 336 
TYR HB2  H N N 337 
TYR HB3  H N N 338 
TYR HD1  H N N 339 
TYR HD2  H N N 340 
TYR HE1  H N N 341 
TYR HE2  H N N 342 
TYR HH   H N N 343 
TYR HXT  H N N 344 
VAL N    N N N 345 
VAL CA   C N S 346 
VAL C    C N N 347 
VAL O    O N N 348 
VAL CB   C N N 349 
VAL CG1  C N N 350 
VAL CG2  C N N 351 
VAL OXT  O N N 352 
VAL H    H N N 353 
VAL H2   H N N 354 
VAL HA   H N N 355 
VAL HB   H N N 356 
VAL HG11 H N N 357 
VAL HG12 H N N 358 
VAL HG13 H N N 359 
VAL HG21 H N N 360 
VAL HG22 H N N 361 
VAL HG23 H N N 362 
VAL HXT  H N N 363 
# 
loop_
_chem_comp_bond.comp_id 
_chem_comp_bond.atom_id_1 
_chem_comp_bond.atom_id_2 
_chem_comp_bond.value_order 
_chem_comp_bond.pdbx_aromatic_flag 
_chem_comp_bond.pdbx_stereo_config 
_chem_comp_bond.pdbx_ordinal 
ALA N   CA   sing N N 1   
ALA N   H    sing N N 2   
ALA N   H2   sing N N 3   
ALA CA  C    sing N N 4   
ALA CA  CB   sing N N 5   
ALA CA  HA   sing N N 6   
ALA C   O    doub N N 7   
ALA C   OXT  sing N N 8   
ALA CB  HB1  sing N N 9   
ALA CB  HB2  sing N N 10  
ALA CB  HB3  sing N N 11  
ALA OXT HXT  sing N N 12  
ARG N   CA   sing N N 13  
ARG N   H    sing N N 14  
ARG N   H2   sing N N 15  
ARG CA  C    sing N N 16  
ARG CA  CB   sing N N 17  
ARG CA  HA   sing N N 18  
ARG C   O    doub N N 19  
ARG C   OXT  sing N N 20  
ARG CB  CG   sing N N 21  
ARG CB  HB2  sing N N 22  
ARG CB  HB3  sing N N 23  
ARG CG  CD   sing N N 24  
ARG CG  HG2  sing N N 25  
ARG CG  HG3  sing N N 26  
ARG CD  NE   sing N N 27  
ARG CD  HD2  sing N N 28  
ARG CD  HD3  sing N N 29  
ARG NE  CZ   sing N N 30  
ARG NE  HE   sing N N 31  
ARG CZ  NH1  sing N N 32  
ARG CZ  NH2  doub N N 33  
ARG NH1 HH11 sing N N 34  
ARG NH1 HH12 sing N N 35  
ARG NH2 HH21 sing N N 36  
ARG NH2 HH22 sing N N 37  
ARG OXT HXT  sing N N 38  
ASN N   CA   sing N N 39  
ASN N   H    sing N N 40  
ASN N   H2   sing N N 41  
ASN CA  C    sing N N 42  
ASN CA  CB   sing N N 43  
ASN CA  HA   sing N N 44  
ASN C   O    doub N N 45  
ASN C   OXT  sing N N 46  
ASN CB  CG   sing N N 47  
ASN CB  HB2  sing N N 48  
ASN CB  HB3  sing N N 49  
ASN CG  OD1  doub N N 50  
ASN CG  ND2  sing N N 51  
ASN ND2 HD21 sing N N 52  
ASN ND2 HD22 sing N N 53  
ASN OXT HXT  sing N N 54  
ASP N   CA   sing N N 55  
ASP N   H    sing N N 56  
ASP N   H2   sing N N 57  
ASP CA  C    sing N N 58  
ASP CA  CB   sing N N 59  
ASP CA  HA   sing N N 60  
ASP C   O    doub N N 61  
ASP C   OXT  sing N N 62  
ASP CB  CG   sing N N 63  
ASP CB  HB2  sing N N 64  
ASP CB  HB3  sing N N 65  
ASP CG  OD1  doub N N 66  
ASP CG  OD2  sing N N 67  
ASP OD2 HD2  sing N N 68  
ASP OXT HXT  sing N N 69  
CYS N   CA   sing N N 70  
CYS N   H    sing N N 71  
CYS N   H2   sing N N 72  
CYS CA  C    sing N N 73  
CYS CA  CB   sing N N 74  
CYS CA  HA   sing N N 75  
CYS C   O    doub N N 76  
CYS C   OXT  sing N N 77  
CYS CB  SG   sing N N 78  
CYS CB  HB2  sing N N 79  
CYS CB  HB3  sing N N 80  
CYS SG  HG   sing N N 81  
CYS OXT HXT  sing N N 82  
GLN N   CA   sing N N 83  
GLN N   H    sing N N 84  
GLN N   H2   sing N N 85  
GLN CA  C    sing N N 86  
GLN CA  CB   sing N N 87  
GLN CA  HA   sing N N 88  
GLN C   O    doub N N 89  
GLN C   OXT  sing N N 90  
GLN CB  CG   sing N N 91  
GLN CB  HB2  sing N N 92  
GLN CB  HB3  sing N N 93  
GLN CG  CD   sing N N 94  
GLN CG  HG2  sing N N 95  
GLN CG  HG3  sing N N 96  
GLN CD  OE1  doub N N 97  
GLN CD  NE2  sing N N 98  
GLN NE2 HE21 sing N N 99  
GLN NE2 HE22 sing N N 100 
GLN OXT HXT  sing N N 101 
GLU N   CA   sing N N 102 
GLU N   H    sing N N 103 
GLU N   H2   sing N N 104 
GLU CA  C    sing N N 105 
GLU CA  CB   sing N N 106 
GLU CA  HA   sing N N 107 
GLU C   O    doub N N 108 
GLU C   OXT  sing N N 109 
GLU CB  CG   sing N N 110 
GLU CB  HB2  sing N N 111 
GLU CB  HB3  sing N N 112 
GLU CG  CD   sing N N 113 
GLU CG  HG2  sing N N 114 
GLU CG  HG3  sing N N 115 
GLU CD  OE1  doub N N 116 
GLU CD  OE2  sing N N 117 
GLU OE2 HE2  sing N N 118 
GLU OXT HXT  sing N N 119 
GLY N   CA   sing N N 120 
GLY N   H    sing N N 121 
GLY N   H2   sing N N 122 
GLY CA  C    sing N N 123 
GLY CA  HA2  sing N N 124 
GLY CA  HA3  sing N N 125 
GLY C   O    doub N N 126 
GLY C   OXT  sing N N 127 
GLY OXT HXT  sing N N 128 
HIS N   CA   sing N N 129 
HIS N   H    sing N N 130 
HIS N   H2   sing N N 131 
HIS CA  C    sing N N 132 
HIS CA  CB   sing N N 133 
HIS CA  HA   sing N N 134 
HIS C   O    doub N N 135 
HIS C   OXT  sing N N 136 
HIS CB  CG   sing N N 137 
HIS CB  HB2  sing N N 138 
HIS CB  HB3  sing N N 139 
HIS CG  ND1  sing Y N 140 
HIS CG  CD2  doub Y N 141 
HIS ND1 CE1  doub Y N 142 
HIS ND1 HD1  sing N N 143 
HIS CD2 NE2  sing Y N 144 
HIS CD2 HD2  sing N N 145 
HIS CE1 NE2  sing Y N 146 
HIS CE1 HE1  sing N N 147 
HIS NE2 HE2  sing N N 148 
HIS OXT HXT  sing N N 149 
HOH O   H1   sing N N 150 
HOH O   H2   sing N N 151 
ILE N   CA   sing N N 152 
ILE N   H    sing N N 153 
ILE N   H2   sing N N 154 
ILE CA  C    sing N N 155 
ILE CA  CB   sing N N 156 
ILE CA  HA   sing N N 157 
ILE C   O    doub N N 158 
ILE C   OXT  sing N N 159 
ILE CB  CG1  sing N N 160 
ILE CB  CG2  sing N N 161 
ILE CB  HB   sing N N 162 
ILE CG1 CD1  sing N N 163 
ILE CG1 HG12 sing N N 164 
ILE CG1 HG13 sing N N 165 
ILE CG2 HG21 sing N N 166 
ILE CG2 HG22 sing N N 167 
ILE CG2 HG23 sing N N 168 
ILE CD1 HD11 sing N N 169 
ILE CD1 HD12 sing N N 170 
ILE CD1 HD13 sing N N 171 
ILE OXT HXT  sing N N 172 
LEU N   CA   sing N N 173 
LEU N   H    sing N N 174 
LEU N   H2   sing N N 175 
LEU CA  C    sing N N 176 
LEU CA  CB   sing N N 177 
LEU CA  HA   sing N N 178 
LEU C   O    doub N N 179 
LEU C   OXT  sing N N 180 
LEU CB  CG   sing N N 181 
LEU CB  HB2  sing N N 182 
LEU CB  HB3  sing N N 183 
LEU CG  CD1  sing N N 184 
LEU CG  CD2  sing N N 185 
LEU CG  HG   sing N N 186 
LEU CD1 HD11 sing N N 187 
LEU CD1 HD12 sing N N 188 
LEU CD1 HD13 sing N N 189 
LEU CD2 HD21 sing N N 190 
LEU CD2 HD22 sing N N 191 
LEU CD2 HD23 sing N N 192 
LEU OXT HXT  sing N N 193 
LYS N   CA   sing N N 194 
LYS N   H    sing N N 195 
LYS N   H2   sing N N 196 
LYS CA  C    sing N N 197 
LYS CA  CB   sing N N 198 
LYS CA  HA   sing N N 199 
LYS C   O    doub N N 200 
LYS C   OXT  sing N N 201 
LYS CB  CG   sing N N 202 
LYS CB  HB2  sing N N 203 
LYS CB  HB3  sing N N 204 
LYS CG  CD   sing N N 205 
LYS CG  HG2  sing N N 206 
LYS CG  HG3  sing N N 207 
LYS CD  CE   sing N N 208 
LYS CD  HD2  sing N N 209 
LYS CD  HD3  sing N N 210 
LYS CE  NZ   sing N N 211 
LYS CE  HE2  sing N N 212 
LYS CE  HE3  sing N N 213 
LYS NZ  HZ1  sing N N 214 
LYS NZ  HZ2  sing N N 215 
LYS NZ  HZ3  sing N N 216 
LYS OXT HXT  sing N N 217 
MET N   CA   sing N N 218 
MET N   H    sing N N 219 
MET N   H2   sing N N 220 
MET CA  C    sing N N 221 
MET CA  CB   sing N N 222 
MET CA  HA   sing N N 223 
MET C   O    doub N N 224 
MET C   OXT  sing N N 225 
MET CB  CG   sing N N 226 
MET CB  HB2  sing N N 227 
MET CB  HB3  sing N N 228 
MET CG  SD   sing N N 229 
MET CG  HG2  sing N N 230 
MET CG  HG3  sing N N 231 
MET SD  CE   sing N N 232 
MET CE  HE1  sing N N 233 
MET CE  HE2  sing N N 234 
MET CE  HE3  sing N N 235 
MET OXT HXT  sing N N 236 
PHE N   CA   sing N N 237 
PHE N   H    sing N N 238 
PHE N   H2   sing N N 239 
PHE CA  C    sing N N 240 
PHE CA  CB   sing N N 241 
PHE CA  HA   sing N N 242 
PHE C   O    doub N N 243 
PHE C   OXT  sing N N 244 
PHE CB  CG   sing N N 245 
PHE CB  HB2  sing N N 246 
PHE CB  HB3  sing N N 247 
PHE CG  CD1  doub Y N 248 
PHE CG  CD2  sing Y N 249 
PHE CD1 CE1  sing Y N 250 
PHE CD1 HD1  sing N N 251 
PHE CD2 CE2  doub Y N 252 
PHE CD2 HD2  sing N N 253 
PHE CE1 CZ   doub Y N 254 
PHE CE1 HE1  sing N N 255 
PHE CE2 CZ   sing Y N 256 
PHE CE2 HE2  sing N N 257 
PHE CZ  HZ   sing N N 258 
PHE OXT HXT  sing N N 259 
PRO N   CA   sing N N 260 
PRO N   CD   sing N N 261 
PRO N   H    sing N N 262 
PRO CA  C    sing N N 263 
PRO CA  CB   sing N N 264 
PRO CA  HA   sing N N 265 
PRO C   O    doub N N 266 
PRO C   OXT  sing N N 267 
PRO CB  CG   sing N N 268 
PRO CB  HB2  sing N N 269 
PRO CB  HB3  sing N N 270 
PRO CG  CD   sing N N 271 
PRO CG  HG2  sing N N 272 
PRO CG  HG3  sing N N 273 
PRO CD  HD2  sing N N 274 
PRO CD  HD3  sing N N 275 
PRO OXT HXT  sing N N 276 
SER N   CA   sing N N 277 
SER N   H    sing N N 278 
SER N   H2   sing N N 279 
SER CA  C    sing N N 280 
SER CA  CB   sing N N 281 
SER CA  HA   sing N N 282 
SER C   O    doub N N 283 
SER C   OXT  sing N N 284 
SER CB  OG   sing N N 285 
SER CB  HB2  sing N N 286 
SER CB  HB3  sing N N 287 
SER OG  HG   sing N N 288 
SER OXT HXT  sing N N 289 
THR N   CA   sing N N 290 
THR N   H    sing N N 291 
THR N   H2   sing N N 292 
THR CA  C    sing N N 293 
THR CA  CB   sing N N 294 
THR CA  HA   sing N N 295 
THR C   O    doub N N 296 
THR C   OXT  sing N N 297 
THR CB  OG1  sing N N 298 
THR CB  CG2  sing N N 299 
THR CB  HB   sing N N 300 
THR OG1 HG1  sing N N 301 
THR CG2 HG21 sing N N 302 
THR CG2 HG22 sing N N 303 
THR CG2 HG23 sing N N 304 
THR OXT HXT  sing N N 305 
TYR N   CA   sing N N 306 
TYR N   H    sing N N 307 
TYR N   H2   sing N N 308 
TYR CA  C    sing N N 309 
TYR CA  CB   sing N N 310 
TYR CA  HA   sing N N 311 
TYR C   O    doub N N 312 
TYR C   OXT  sing N N 313 
TYR CB  CG   sing N N 314 
TYR CB  HB2  sing N N 315 
TYR CB  HB3  sing N N 316 
TYR CG  CD1  doub Y N 317 
TYR CG  CD2  sing Y N 318 
TYR CD1 CE1  sing Y N 319 
TYR CD1 HD1  sing N N 320 
TYR CD2 CE2  doub Y N 321 
TYR CD2 HD2  sing N N 322 
TYR CE1 CZ   doub Y N 323 
TYR CE1 HE1  sing N N 324 
TYR CE2 CZ   sing Y N 325 
TYR CE2 HE2  sing N N 326 
TYR CZ  OH   sing N N 327 
TYR OH  HH   sing N N 328 
TYR OXT HXT  sing N N 329 
VAL N   CA   sing N N 330 
VAL N   H    sing N N 331 
VAL N   H2   sing N N 332 
VAL CA  C    sing N N 333 
VAL CA  CB   sing N N 334 
VAL CA  HA   sing N N 335 
VAL C   O    doub N N 336 
VAL C   OXT  sing N N 337 
VAL CB  CG1  sing N N 338 
VAL CB  CG2  sing N N 339 
VAL CB  HB   sing N N 340 
VAL CG1 HG11 sing N N 341 
VAL CG1 HG12 sing N N 342 
VAL CG1 HG13 sing N N 343 
VAL CG2 HG21 sing N N 344 
VAL CG2 HG22 sing N N 345 
VAL CG2 HG23 sing N N 346 
VAL OXT HXT  sing N N 347 
# 
_pdbx_initial_refinement_model.id               1 
_pdbx_initial_refinement_model.entity_id_list   ? 
_pdbx_initial_refinement_model.type             'experimental model' 
_pdbx_initial_refinement_model.source_name      PDB 
_pdbx_initial_refinement_model.accession_code   2ANN 
_pdbx_initial_refinement_model.details          ? 
# 
_atom_sites.entry_id                    6GQE 
_atom_sites.fract_transf_matrix[1][1]   0.00495518 
_atom_sites.fract_transf_matrix[1][2]   -0.02702895 
_atom_sites.fract_transf_matrix[1][3]   -0.00282268 
_atom_sites.fract_transf_matrix[2][1]   0.00588934 
_atom_sites.fract_transf_matrix[2][2]   0.00274451 
_atom_sites.fract_transf_matrix[2][3]   -0.01594175 
_atom_sites.fract_transf_matrix[3][1]   0.01515288 
_atom_sites.fract_transf_matrix[3][2]   0.00215462 
_atom_sites.fract_transf_matrix[3][3]   0.00596885 
_atom_sites.fract_transf_vector[1]      0.117490 
_atom_sites.fract_transf_vector[2]      0.157270 
_atom_sites.fract_transf_vector[3]      0.252241 
# 
loop_
_atom_type.symbol 
C 
N 
O 
S 
# 
loop_
_atom_site.group_PDB 
_atom_site.id 
_atom_site.type_symbol 
_atom_site.label_atom_id 
_atom_site.label_alt_id 
_atom_site.label_comp_id 
_atom_site.label_asym_id 
_atom_site.label_entity_id 
_atom_site.label_seq_id 
_atom_site.pdbx_PDB_ins_code 
_atom_site.Cartn_x 
_atom_site.Cartn_y 
_atom_site.Cartn_z 
_atom_site.occupancy 
_atom_site.B_iso_or_equiv 
_atom_site.pdbx_formal_charge 
_atom_site.auth_seq_id 
_atom_site.auth_comp_id 
_atom_site.auth_asym_id 
_atom_site.auth_atom_id 
_atom_site.pdbx_PDB_model_num 
ATOM   1    C C   . ALA A 1 4   ? -7.515  -19.806 5.099   1.00 53.00 ? 191 ALA A C   1 
ATOM   2    O O   . ALA A 1 4   ? -6.832  -18.911 4.777   1.00 48.45 ? 191 ALA A O   1 
ATOM   3    N N   . LYS A 1 5   ? -8.520  -20.315 4.386   1.00 54.02 ? 192 LYS A N   1 
ATOM   4    C CA  . LYS A 1 5   ? -8.860  -19.796 3.053   1.00 53.72 ? 192 LYS A CA  1 
ATOM   5    C C   . LYS A 1 5   ? -10.135 -18.904 3.026   1.00 52.66 ? 192 LYS A C   1 
ATOM   6    O O   . LYS A 1 5   ? -11.115 -19.420 3.449   1.00 48.91 ? 192 LYS A O   1 
ATOM   7    C CB  . LYS A 1 5   ? -8.861  -20.926 2.005   1.00 54.70 ? 192 LYS A CB  1 
ATOM   8    C CG  . LYS A 1 5   ? -9.912  -21.995 2.230   1.00 55.28 ? 192 LYS A CG  1 
ATOM   9    C CD  . LYS A 1 5   ? -9.891  -23.071 1.162   1.00 57.39 ? 192 LYS A CD  1 
ATOM   10   C CE  . LYS A 1 5   ? -10.959 -24.114 1.432   1.00 58.17 ? 192 LYS A CE  1 
ATOM   11   N NZ  . LYS A 1 5   ? -10.993 -25.205 0.416   1.00 57.16 ? 192 LYS A NZ  1 
ATOM   12   N N   . PRO A 1 6   ? -10.155 -17.671 2.456   1.00 51.62 ? 193 PRO A N   1 
ATOM   13   C CA  . PRO A 1 6   ? -9.011  -16.891 1.977   1.00 53.27 ? 193 PRO A CA  1 
ATOM   14   C C   . PRO A 1 6   ? -8.391  -16.029 3.085   1.00 53.44 ? 193 PRO A C   1 
ATOM   15   O O   . PRO A 1 6   ? -8.979  -15.883 4.161   1.00 52.04 ? 193 PRO A O   1 
ATOM   16   C CB  . PRO A 1 6   ? -9.636  -15.997 0.905   1.00 53.69 ? 193 PRO A CB  1 
ATOM   17   C CG  . PRO A 1 6   ? -11.021 -15.767 1.391   1.00 52.95 ? 193 PRO A CG  1 
ATOM   18   C CD  . PRO A 1 6   ? -11.435 -17.035 2.090   1.00 52.71 ? 193 PRO A CD  1 
ATOM   19   N N   . CYS A 1 7   ? -7.210  -15.480 2.810   1.00 54.81 ? 194 CYS A N   1 
ATOM   20   C CA  . CYS A 1 7   ? -6.428  -14.739 3.811   1.00 55.72 ? 194 CYS A CA  1 
ATOM   21   C C   . CYS A 1 7   ? -7.140  -13.485 4.314   1.00 54.85 ? 194 CYS A C   1 
ATOM   22   O O   . CYS A 1 7   ? -7.841  -12.811 3.555   1.00 57.71 ? 194 CYS A O   1 
ATOM   23   C CB  . CYS A 1 7   ? -5.070  -14.340 3.240   1.00 55.23 ? 194 CYS A CB  1 
ATOM   24   S SG  . CYS A 1 7   ? -3.959  -13.579 4.448   1.00 59.17 ? 194 CYS A SG  1 
ATOM   25   N N   . ASP A 1 8   ? -6.921  -13.170 5.589   1.00 52.54 ? 195 ASP A N   1 
ATOM   26   C CA  . ASP A 1 8   ? -7.653  -12.098 6.280   1.00 50.12 ? 195 ASP A CA  1 
ATOM   27   C C   . ASP A 1 8   ? -6.783  -10.911 6.730   1.00 46.48 ? 195 ASP A C   1 
ATOM   28   O O   . ASP A 1 8   ? -7.258  -10.054 7.466   1.00 45.59 ? 195 ASP A O   1 
ATOM   29   C CB  . ASP A 1 8   ? -8.460  -12.676 7.463   1.00 50.85 ? 195 ASP A CB  1 
ATOM   30   C CG  . ASP A 1 8   ? -7.603  -13.413 8.482   1.00 52.73 ? 195 ASP A CG  1 
ATOM   31   O OD1 . ASP A 1 8   ? -6.452  -13.760 8.162   1.00 52.75 ? 195 ASP A OD1 1 
ATOM   32   O OD2 . ASP A 1 8   ? -8.104  -13.674 9.599   1.00 51.72 ? 195 ASP A OD2 1 
ATOM   33   N N   . LEU A 1 9   ? -5.534  -10.840 6.271   1.00 42.81 ? 196 LEU A N   1 
ATOM   34   C CA  . LEU A 1 9   ? -4.664  -9.717  6.611   1.00 41.87 ? 196 LEU A CA  1 
ATOM   35   C C   . LEU A 1 9   ? -5.011  -8.532  5.710   1.00 41.19 ? 196 LEU A C   1 
ATOM   36   O O   . LEU A 1 9   ? -5.100  -8.698  4.494   1.00 42.79 ? 196 LEU A O   1 
ATOM   37   C CB  . LEU A 1 9   ? -3.192  -10.100 6.437   1.00 43.24 ? 196 LEU A CB  1 
ATOM   38   C CG  . LEU A 1 9   ? -2.143  -9.173  7.066   1.00 43.64 ? 196 LEU A CG  1 
ATOM   39   C CD1 . LEU A 1 9   ? -2.166  -9.216  8.585   1.00 43.85 ? 196 LEU A CD1 1 
ATOM   40   C CD2 . LEU A 1 9   ? -0.757  -9.554  6.574   1.00 46.30 ? 196 LEU A CD2 1 
ATOM   41   N N   . PRO A 1 10  ? -5.218  -7.337  6.297   1.00 40.51 ? 197 PRO A N   1 
ATOM   42   C CA  . PRO A 1 10  ? -5.553  -6.178  5.475   1.00 40.75 ? 197 PRO A CA  1 
ATOM   43   C C   . PRO A 1 10  ? -4.334  -5.566  4.782   1.00 38.55 ? 197 PRO A C   1 
ATOM   44   O O   . PRO A 1 10  ? -3.200  -5.778  5.209   1.00 37.58 ? 197 PRO A O   1 
ATOM   45   C CB  . PRO A 1 10  ? -6.122  -5.193  6.499   1.00 41.88 ? 197 PRO A CB  1 
ATOM   46   C CG  . PRO A 1 10  ? -5.353  -5.485  7.737   1.00 41.36 ? 197 PRO A CG  1 
ATOM   47   C CD  . PRO A 1 10  ? -5.118  -6.972  7.726   1.00 41.29 ? 197 PRO A CD  1 
ATOM   48   N N   . LEU A 1 11  ? -4.584  -4.823  3.710   1.00 38.57 ? 198 LEU A N   1 
ATOM   49   C CA  . LEU A 1 11  ? -3.579  -3.944  3.122   1.00 37.69 ? 198 LEU A CA  1 
ATOM   50   C C   . LEU A 1 11  ? -3.664  -2.621  3.875   1.00 38.80 ? 198 LEU A C   1 
ATOM   51   O O   . LEU A 1 11  ? -4.753  -2.055  4.013   1.00 39.43 ? 198 LEU A O   1 
ATOM   52   C CB  . LEU A 1 11  ? -3.833  -3.730  1.629   1.00 36.32 ? 198 LEU A CB  1 
ATOM   53   C CG  . LEU A 1 11  ? -3.026  -2.649  0.889   1.00 37.09 ? 198 LEU A CG  1 
ATOM   54   C CD1 . LEU A 1 11  ? -1.528  -2.936  0.894   1.00 35.37 ? 198 LEU A CD1 1 
ATOM   55   C CD2 . LEU A 1 11  ? -3.531  -2.514  -0.536  1.00 37.74 ? 198 LEU A CD2 1 
ATOM   56   N N   . ARG A 1 12  ? -2.522  -2.154  4.376   1.00 36.72 ? 199 ARG A N   1 
ATOM   57   C CA  . ARG A 1 12  ? -2.413  -0.834  4.988   1.00 35.37 ? 199 ARG A CA  1 
ATOM   58   C C   . ARG A 1 12  ? -1.499  0.020   4.116   1.00 34.77 ? 199 ARG A C   1 
ATOM   59   O O   . ARG A 1 12  ? -0.399  -0.407  3.767   1.00 32.16 ? 199 ARG A O   1 
ATOM   60   C CB  . ARG A 1 12  ? -1.859  -0.932  6.412   1.00 35.22 ? 199 ARG A CB  1 
ATOM   61   C CG  . ARG A 1 12  ? -2.685  -1.817  7.335   1.00 36.21 ? 199 ARG A CG  1 
ATOM   62   C CD  . ARG A 1 12  ? -2.585  -1.393  8.797   1.00 37.55 ? 199 ARG A CD  1 
ATOM   63   N NE  . ARG A 1 12  ? -3.283  -2.322  9.690   0.50 37.96 ? 199 ARG A NE  1 
ATOM   64   C CZ  . ARG A 1 12  ? -3.177  -2.352  11.021  0.50 38.72 ? 199 ARG A CZ  1 
ATOM   65   N NH1 . ARG A 1 12  ? -2.386  -1.512  11.686  0.50 38.78 ? 199 ARG A NH1 1 
ATOM   66   N NH2 . ARG A 1 12  ? -3.875  -3.249  11.705  0.50 38.80 ? 199 ARG A NH2 1 
ATOM   67   N N   . LEU A 1 13  ? -1.968  1.218   3.766   1.00 35.48 ? 200 LEU A N   1 
ATOM   68   C CA  . LEU A 1 13  ? -1.212  2.179   2.969   1.00 34.65 ? 200 LEU A CA  1 
ATOM   69   C C   . LEU A 1 13  ? -0.856  3.389   3.802   1.00 35.18 ? 200 LEU A C   1 
ATOM   70   O O   . LEU A 1 13  ? -1.504  3.655   4.810   1.00 36.71 ? 200 LEU A O   1 
ATOM   71   C CB  . LEU A 1 13  ? -2.047  2.659   1.785   1.00 35.14 ? 200 LEU A CB  1 
ATOM   72   C CG  . LEU A 1 13  ? -2.521  1.608   0.789   1.00 34.62 ? 200 LEU A CG  1 
ATOM   73   C CD1 . LEU A 1 13  ? -3.343  2.276   -0.301  1.00 34.01 ? 200 LEU A CD1 1 
ATOM   74   C CD2 . LEU A 1 13  ? -1.335  0.864   0.200   1.00 34.77 ? 200 LEU A CD2 1 
ATOM   75   N N   . LEU A 1 14  ? 0.185   4.102   3.374   1.00 36.03 ? 201 LEU A N   1 
ATOM   76   C CA  . LEU A 1 14  ? 0.492   5.455   3.842   1.00 36.68 ? 201 LEU A CA  1 
ATOM   77   C C   . LEU A 1 14  ? 0.396   6.371   2.630   1.00 35.42 ? 201 LEU A C   1 
ATOM   78   O O   . LEU A 1 14  ? 1.194   6.244   1.706   1.00 36.82 ? 201 LEU A O   1 
ATOM   79   C CB  . LEU A 1 14  ? 1.913   5.549   4.414   1.00 38.39 ? 201 LEU A CB  1 
ATOM   80   C CG  . LEU A 1 14  ? 2.155   5.265   5.892   1.00 38.74 ? 201 LEU A CG  1 
ATOM   81   C CD1 . LEU A 1 14  ? 3.650   5.304   6.171   1.00 37.78 ? 201 LEU A CD1 1 
ATOM   82   C CD2 . LEU A 1 14  ? 1.411   6.254   6.782   1.00 39.81 ? 201 LEU A CD2 1 
ATOM   83   N N   . VAL A 1 15  ? -0.564  7.292   2.645   1.00 34.13 ? 202 VAL A N   1 
ATOM   84   C CA  . VAL A 1 15  ? -0.755  8.244   1.552   1.00 33.18 ? 202 VAL A CA  1 
ATOM   85   C C   . VAL A 1 15  ? -0.493  9.665   2.054   1.00 31.89 ? 202 VAL A C   1 
ATOM   86   O O   . VAL A 1 15  ? -0.769  9.955   3.212   1.00 31.58 ? 202 VAL A O   1 
ATOM   87   C CB  . VAL A 1 15  ? -2.172  8.131   0.940   1.00 33.86 ? 202 VAL A CB  1 
ATOM   88   C CG1 . VAL A 1 15  ? -2.458  6.685   0.549   1.00 33.80 ? 202 VAL A CG1 1 
ATOM   89   C CG2 . VAL A 1 15  ? -3.258  8.643   1.885   1.00 34.11 ? 202 VAL A CG2 1 
ATOM   90   N N   . PRO A 1 16  ? 0.033   10.556  1.188   1.00 33.42 ? 203 PRO A N   1 
ATOM   91   C CA  . PRO A 1 16  ? 0.125   11.969  1.577   1.00 34.61 ? 203 PRO A CA  1 
ATOM   92   C C   . PRO A 1 16  ? -1.240  12.582  1.901   1.00 34.56 ? 203 PRO A C   1 
ATOM   93   O O   . PRO A 1 16  ? -2.229  12.276  1.239   1.00 35.73 ? 203 PRO A O   1 
ATOM   94   C CB  . PRO A 1 16  ? 0.734   12.633  0.338   1.00 34.14 ? 203 PRO A CB  1 
ATOM   95   C CG  . PRO A 1 16  ? 1.490   11.548  -0.332  1.00 33.73 ? 203 PRO A CG  1 
ATOM   96   C CD  . PRO A 1 16  ? 0.658   10.323  -0.127  1.00 33.67 ? 203 PRO A CD  1 
ATOM   97   N N   . THR A 1 17  ? -1.282  13.436  2.917   1.00 35.85 ? 204 THR A N   1 
ATOM   98   C CA  . THR A 1 17  ? -2.528  14.078  3.352   1.00 35.44 ? 204 THR A CA  1 
ATOM   99   C C   . THR A 1 17  ? -3.115  15.002  2.274   1.00 34.46 ? 204 THR A C   1 
ATOM   100  O O   . THR A 1 17  ? -4.320  15.250  2.261   1.00 34.81 ? 204 THR A O   1 
ATOM   101  C CB  . THR A 1 17  ? -2.318  14.853  4.668   1.00 35.63 ? 204 THR A CB  1 
ATOM   102  O OG1 . THR A 1 17  ? -1.596  14.028  5.589   1.00 37.39 ? 204 THR A OG1 1 
ATOM   103  C CG2 . THR A 1 17  ? -3.656  15.256  5.303   1.00 36.96 ? 204 THR A CG2 1 
ATOM   104  N N   . GLN A 1 18  ? -2.253  15.500  1.386   1.00 34.90 ? 205 GLN A N   1 
ATOM   105  C CA  . GLN A 1 18  ? -2.655  16.210  0.157   1.00 35.53 ? 205 GLN A CA  1 
ATOM   106  C C   . GLN A 1 18  ? -3.836  15.552  -0.555  1.00 33.29 ? 205 GLN A C   1 
ATOM   107  O O   . GLN A 1 18  ? -4.814  16.215  -0.882  1.00 32.75 ? 205 GLN A O   1 
ATOM   108  C CB  . GLN A 1 18  ? -1.496  16.275  -0.853  1.00 37.50 ? 205 GLN A CB  1 
ATOM   109  C CG  . GLN A 1 18  ? -0.276  17.082  -0.436  1.00 40.48 ? 205 GLN A CG  1 
ATOM   110  C CD  . GLN A 1 18  ? 0.814   16.234  0.201   1.00 43.24 ? 205 GLN A CD  1 
ATOM   111  O OE1 . GLN A 1 18  ? 0.653   15.725  1.314   1.00 45.65 ? 205 GLN A OE1 1 
ATOM   112  N NE2 . GLN A 1 18  ? 1.934   16.091  -0.496  1.00 45.61 ? 205 GLN A NE2 1 
ATOM   113  N N   . PHE A 1 19  ? -3.729  14.240  -0.766  1.00 33.81 ? 206 PHE A N   1 
ATOM   114  C CA  . PHE A 1 19  ? -4.622  13.492  -1.662  1.00 33.30 ? 206 PHE A CA  1 
ATOM   115  C C   . PHE A 1 19  ? -5.770  12.770  -0.972  1.00 33.08 ? 206 PHE A C   1 
ATOM   116  O O   . PHE A 1 19  ? -6.536  12.069  -1.637  1.00 34.78 ? 206 PHE A O   1 
ATOM   117  C CB  . PHE A 1 19  ? -3.811  12.467  -2.456  1.00 32.55 ? 206 PHE A CB  1 
ATOM   118  C CG  . PHE A 1 19  ? -2.576  13.035  -3.082  1.00 33.08 ? 206 PHE A CG  1 
ATOM   119  C CD1 . PHE A 1 19  ? -2.671  14.030  -4.047  1.00 34.06 ? 206 PHE A CD1 1 
ATOM   120  C CD2 . PHE A 1 19  ? -1.317  12.591  -2.705  1.00 33.78 ? 206 PHE A CD2 1 
ATOM   121  C CE1 . PHE A 1 19  ? -1.538  14.577  -4.626  1.00 35.02 ? 206 PHE A CE1 1 
ATOM   122  C CE2 . PHE A 1 19  ? -0.177  13.133  -3.277  1.00 35.09 ? 206 PHE A CE2 1 
ATOM   123  C CZ  . PHE A 1 19  ? -0.284  14.122  -4.244  1.00 35.03 ? 206 PHE A CZ  1 
ATOM   124  N N   . VAL A 1 20  ? -5.892  12.940  0.344   1.00 32.30 ? 207 VAL A N   1 
ATOM   125  C CA  . VAL A 1 20  ? -6.920  12.254  1.140   1.00 30.66 ? 207 VAL A CA  1 
ATOM   126  C C   . VAL A 1 20  ? -8.311  12.790  0.809   1.00 29.14 ? 207 VAL A C   1 
ATOM   127  O O   . VAL A 1 20  ? -9.261  12.013  0.696   1.00 30.01 ? 207 VAL A O   1 
ATOM   128  C CB  . VAL A 1 20  ? -6.623  12.372  2.660   1.00 31.11 ? 207 VAL A CB  1 
ATOM   129  C CG1 . VAL A 1 20  ? -7.793  11.883  3.514   1.00 31.66 ? 207 VAL A CG1 1 
ATOM   130  C CG2 . VAL A 1 20  ? -5.359  11.594  3.003   1.00 31.44 ? 207 VAL A CG2 1 
ATOM   131  N N   . GLY A 1 21  ? -8.422  14.109  0.660   1.00 28.19 ? 208 GLY A N   1 
ATOM   132  C CA  . GLY A 1 21  ? -9.680  14.755  0.290   1.00 29.23 ? 208 GLY A CA  1 
ATOM   133  C C   . GLY A 1 21  ? -10.286 14.224  -0.997  1.00 30.39 ? 208 GLY A C   1 
ATOM   134  O O   . GLY A 1 21  ? -11.499 14.011  -1.072  1.00 29.81 ? 208 GLY A O   1 
ATOM   135  N N   . ALA A 1 22  ? -9.437  14.000  -2.001  1.00 31.89 ? 209 ALA A N   1 
ATOM   136  C CA  . ALA A 1 22  ? -9.861  13.430  -3.282  1.00 32.73 ? 209 ALA A CA  1 
ATOM   137  C C   . ALA A 1 22  ? -10.208 11.940  -3.187  1.00 34.04 ? 209 ALA A C   1 
ATOM   138  O O   . ALA A 1 22  ? -11.142 11.486  -3.854  1.00 36.66 ? 209 ALA A O   1 
ATOM   139  C CB  . ALA A 1 22  ? -8.791  13.654  -4.340  1.00 33.61 ? 209 ALA A CB  1 
ATOM   140  N N   . ILE A 1 23  ? -9.461  11.189  -2.371  1.00 32.49 ? 210 ILE A N   1 
ATOM   141  C CA  . ILE A 1 23  ? -9.745  9.765   -2.129  1.00 33.44 ? 210 ILE A CA  1 
ATOM   142  C C   . ILE A 1 23  ? -11.084 9.572   -1.401  1.00 35.19 ? 210 ILE A C   1 
ATOM   143  O O   . ILE A 1 23  ? -11.829 8.640   -1.718  1.00 35.45 ? 210 ILE A O   1 
ATOM   144  C CB  . ILE A 1 23  ? -8.607  9.071   -1.335  1.00 33.19 ? 210 ILE A CB  1 
ATOM   145  C CG1 . ILE A 1 23  ? -7.314  9.034   -2.162  1.00 35.48 ? 210 ILE A CG1 1 
ATOM   146  C CG2 . ILE A 1 23  ? -8.982  7.642   -0.950  1.00 32.04 ? 210 ILE A CG2 1 
ATOM   147  C CD1 . ILE A 1 23  ? -6.056  8.955   -1.322  1.00 37.31 ? 210 ILE A CD1 1 
ATOM   148  N N   . ILE A 1 24  ? -11.378 10.437  -0.427  1.00 36.39 ? 211 ILE A N   1 
ATOM   149  C CA  . ILE A 1 24  ? -12.689 10.439  0.234   1.00 36.88 ? 211 ILE A CA  1 
ATOM   150  C C   . ILE A 1 24  ? -13.732 11.004  -0.736  1.00 38.03 ? 211 ILE A C   1 
ATOM   151  O O   . ILE A 1 24  ? -14.769 10.379  -0.981  1.00 37.58 ? 211 ILE A O   1 
ATOM   152  C CB  . ILE A 1 24  ? -12.666 11.225  1.568   1.00 38.44 ? 211 ILE A CB  1 
ATOM   153  C CG1 . ILE A 1 24  ? -11.723 10.537  2.569   1.00 38.46 ? 211 ILE A CG1 1 
ATOM   154  C CG2 . ILE A 1 24  ? -14.065 11.320  2.178   1.00 37.65 ? 211 ILE A CG2 1 
ATOM   155  C CD1 . ILE A 1 24  ? -11.188 11.447  3.650   1.00 36.97 ? 211 ILE A CD1 1 
ATOM   156  N N   . GLY A 1 25  ? -13.434 12.173  -1.301  1.00 38.83 ? 212 GLY A N   1 
ATOM   157  C CA  . GLY A 1 25  ? -14.323 12.845  -2.245  1.00 39.93 ? 212 GLY A CA  1 
ATOM   158  C C   . GLY A 1 25  ? -15.397 13.642  -1.534  1.00 41.91 ? 212 GLY A C   1 
ATOM   159  O O   . GLY A 1 25  ? -15.570 13.530  -0.315  1.00 43.25 ? 212 GLY A O   1 
ATOM   160  N N   . LYS A 1 26  ? -16.126 14.446  -2.302  1.00 44.28 ? 213 LYS A N   1 
ATOM   161  C CA  . LYS A 1 26  ? -17.188 15.288  -1.749  1.00 47.93 ? 213 LYS A CA  1 
ATOM   162  C C   . LYS A 1 26  ? -18.334 14.407  -1.249  1.00 47.08 ? 213 LYS A C   1 
ATOM   163  O O   . LYS A 1 26  ? -18.805 13.532  -1.974  1.00 49.46 ? 213 LYS A O   1 
ATOM   164  C CB  . LYS A 1 26  ? -17.692 16.296  -2.790  1.00 50.73 ? 213 LYS A CB  1 
ATOM   165  C CG  . LYS A 1 26  ? -16.641 17.306  -3.231  1.00 51.95 ? 213 LYS A CG  1 
ATOM   166  C CD  . LYS A 1 26  ? -17.201 18.317  -4.222  1.00 53.79 ? 213 LYS A CD  1 
ATOM   167  C CE  . LYS A 1 26  ? -16.091 19.161  -4.834  1.00 53.83 ? 213 LYS A CE  1 
ATOM   168  N NZ  . LYS A 1 26  ? -16.615 20.277  -5.670  1.00 53.26 ? 213 LYS A NZ  1 
ATOM   169  N N   . GLU A 1 27  ? -18.744 14.633  -0.001  1.00 46.12 ? 214 GLU A N   1 
ATOM   170  C CA  . GLU A 1 27  ? -19.762 13.825  0.693   1.00 46.73 ? 214 GLU A CA  1 
ATOM   171  C C   . GLU A 1 27  ? -19.359 12.350  0.906   1.00 44.35 ? 214 GLU A C   1 
ATOM   172  O O   . GLU A 1 27  ? -20.220 11.500  1.148   1.00 44.94 ? 214 GLU A O   1 
ATOM   173  C CB  . GLU A 1 27  ? -21.132 13.911  -0.022  1.00 47.91 ? 214 GLU A CB  1 
ATOM   174  C CG  . GLU A 1 27  ? -21.685 15.322  -0.221  1.00 47.96 ? 214 GLU A CG  1 
ATOM   175  C CD  . GLU A 1 27  ? -22.451 15.847  0.984   1.00 48.28 ? 214 GLU A CD  1 
ATOM   176  O OE1 . GLU A 1 27  ? -22.038 15.570  2.132   1.00 48.22 ? 214 GLU A OE1 1 
ATOM   177  O OE2 . GLU A 1 27  ? -23.470 16.543  0.780   1.00 47.31 ? 214 GLU A OE2 1 
ATOM   178  N N   . GLY A 1 28  ? -18.058 12.059  0.856   1.00 42.10 ? 215 GLY A N   1 
ATOM   179  C CA  . GLY A 1 28  ? -17.557 10.683  0.902   1.00 40.32 ? 215 GLY A CA  1 
ATOM   180  C C   . GLY A 1 28  ? -17.918 9.830   -0.304  1.00 39.68 ? 215 GLY A C   1 
ATOM   181  O O   . GLY A 1 28  ? -17.933 8.602   -0.210  1.00 38.36 ? 215 GLY A O   1 
ATOM   182  N N   . ALA A 1 29  ? -18.181 10.476  -1.440  1.00 40.84 ? 216 ALA A N   1 
ATOM   183  C CA  . ALA A 1 29  ? -18.702 9.798   -2.630  1.00 40.43 ? 216 ALA A CA  1 
ATOM   184  C C   . ALA A 1 29  ? -17.664 8.899   -3.291  1.00 39.46 ? 216 ALA A C   1 
ATOM   185  O O   . ALA A 1 29  ? -17.976 7.774   -3.675  1.00 40.19 ? 216 ALA A O   1 
ATOM   186  C CB  . ALA A 1 29  ? -19.227 10.813  -3.633  1.00 40.24 ? 216 ALA A CB  1 
ATOM   187  N N   . THR A 1 30  ? -16.437 9.398   -3.421  1.00 39.02 ? 217 THR A N   1 
ATOM   188  C CA  . THR A 1 30  ? -15.346 8.631   -4.033  1.00 37.20 ? 217 THR A CA  1 
ATOM   189  C C   . THR A 1 30  ? -15.038 7.356   -3.240  1.00 36.28 ? 217 THR A C   1 
ATOM   190  O O   . THR A 1 30  ? -15.041 6.268   -3.813  1.00 37.20 ? 217 THR A O   1 
ATOM   191  C CB  . THR A 1 30  ? -14.057 9.479   -4.178  1.00 35.93 ? 217 THR A CB  1 
ATOM   192  O OG1 . THR A 1 30  ? -14.351 10.686  -4.893  1.00 37.21 ? 217 THR A OG1 1 
ATOM   193  C CG2 . THR A 1 30  ? -12.974 8.717   -4.918  1.00 34.68 ? 217 THR A CG2 1 
ATOM   194  N N   . ILE A 1 31  ? -14.782 7.490   -1.938  1.00 35.33 ? 218 ILE A N   1 
ATOM   195  C CA  . ILE A 1 31  ? -14.429 6.324   -1.101  1.00 36.99 ? 218 ILE A CA  1 
ATOM   196  C C   . ILE A 1 31  ? -15.529 5.255   -1.048  1.00 36.93 ? 218 ILE A C   1 
ATOM   197  O O   . ILE A 1 31  ? -15.229 4.064   -1.172  1.00 36.44 ? 218 ILE A O   1 
ATOM   198  C CB  . ILE A 1 31  ? -13.972 6.704   0.339   1.00 38.07 ? 218 ILE A CB  1 
ATOM   199  C CG1 . ILE A 1 31  ? -13.464 5.461   1.090   1.00 39.80 ? 218 ILE A CG1 1 
ATOM   200  C CG2 . ILE A 1 31  ? -15.082 7.379   1.140   1.00 37.97 ? 218 ILE A CG2 1 
ATOM   201  C CD1 . ILE A 1 31  ? -12.581 5.766   2.286   1.00 40.63 ? 218 ILE A CD1 1 
ATOM   202  N N   . ARG A 1 32  ? -16.784 5.673   -0.872  1.00 37.96 ? 219 ARG A N   1 
ATOM   203  C CA  . ARG A 1 32  ? -17.910 4.726   -0.852  1.00 39.47 ? 219 ARG A CA  1 
ATOM   204  C C   . ARG A 1 32  ? -18.005 3.961   -2.166  1.00 37.13 ? 219 ARG A C   1 
ATOM   205  O O   . ARG A 1 32  ? -18.141 2.742   -2.167  1.00 37.41 ? 219 ARG A O   1 
ATOM   206  C CB  . ARG A 1 32  ? -19.246 5.421   -0.560  1.00 42.25 ? 219 ARG A CB  1 
ATOM   207  C CG  . ARG A 1 32  ? -19.487 5.703   0.916   1.00 46.76 ? 219 ARG A CG  1 
ATOM   208  C CD  . ARG A 1 32  ? -20.965 5.896   1.225   1.00 47.53 ? 219 ARG A CD  1 
ATOM   209  N NE  . ARG A 1 32  ? -21.599 6.852   0.314   1.00 50.38 ? 219 ARG A NE  1 
ATOM   210  C CZ  . ARG A 1 32  ? -21.458 8.179   0.361   1.00 51.91 ? 219 ARG A CZ  1 
ATOM   211  N NH1 . ARG A 1 32  ? -20.685 8.766   1.279   1.00 54.12 ? 219 ARG A NH1 1 
ATOM   212  N NH2 . ARG A 1 32  ? -22.095 8.937   -0.528  1.00 51.74 ? 219 ARG A NH2 1 
ATOM   213  N N   . ASN A 1 33  ? -17.910 4.689   -3.274  1.00 36.42 ? 220 ASN A N   1 
ATOM   214  C CA  . ASN A 1 33  ? -17.907 4.093   -4.613  1.00 36.20 ? 220 ASN A CA  1 
ATOM   215  C C   . ASN A 1 33  ? -16.855 2.988   -4.771  1.00 35.01 ? 220 ASN A C   1 
ATOM   216  O O   . ASN A 1 33  ? -17.143 1.938   -5.352  1.00 33.94 ? 220 ASN A O   1 
ATOM   217  C CB  . ASN A 1 33  ? -17.692 5.177   -5.672  1.00 37.99 ? 220 ASN A CB  1 
ATOM   218  C CG  . ASN A 1 33  ? -18.208 4.770   -7.031  1.00 42.79 ? 220 ASN A CG  1 
ATOM   219  O OD1 . ASN A 1 33  ? -17.579 3.975   -7.735  1.00 45.87 ? 220 ASN A OD1 1 
ATOM   220  N ND2 . ASN A 1 33  ? -19.365 5.319   -7.412  1.00 43.68 ? 220 ASN A ND2 1 
ATOM   221  N N   . ILE A 1 34  ? -15.655 3.226   -4.233  1.00 33.69 ? 221 ILE A N   1 
ATOM   222  C CA  . ILE A 1 34  ? -14.558 2.249   -4.270  1.00 32.42 ? 221 ILE A CA  1 
ATOM   223  C C   . ILE A 1 34  ? -14.859 1.038   -3.388  1.00 31.48 ? 221 ILE A C   1 
ATOM   224  O O   . ILE A 1 34  ? -14.494 -0.077  -3.752  1.00 31.16 ? 221 ILE A O   1 
ATOM   225  C CB  . ILE A 1 34  ? -13.201 2.856   -3.828  1.00 33.51 ? 221 ILE A CB  1 
ATOM   226  C CG1 . ILE A 1 34  ? -12.781 4.005   -4.753  1.00 34.95 ? 221 ILE A CG1 1 
ATOM   227  C CG2 . ILE A 1 34  ? -12.094 1.800   -3.846  1.00 33.66 ? 221 ILE A CG2 1 
ATOM   228  C CD1 . ILE A 1 34  ? -11.778 4.951   -4.127  1.00 35.48 ? 221 ILE A CD1 1 
ATOM   229  N N   . THR A 1 35  ? -15.491 1.252   -2.229  1.00 30.44 ? 222 THR A N   1 
ATOM   230  C CA  . THR A 1 35  ? -15.877 0.135   -1.362  1.00 29.71 ? 222 THR A CA  1 
ATOM   231  C C   . THR A 1 35  ? -16.954 -0.726  -2.014  1.00 29.99 ? 222 THR A C   1 
ATOM   232  O O   . THR A 1 35  ? -16.889 -1.946  -1.921  1.00 28.36 ? 222 THR A O   1 
ATOM   233  C CB  . THR A 1 35  ? -16.349 0.580   0.042   1.00 30.01 ? 222 THR A CB  1 
ATOM   234  O OG1 . THR A 1 35  ? -17.396 1.543   -0.074  1.00 30.34 ? 222 THR A OG1 1 
ATOM   235  C CG2 . THR A 1 35  ? -15.203 1.178   0.832   1.00 30.95 ? 222 THR A CG2 1 
ATOM   236  N N   . LYS A 1 36  ? -17.929 -0.093  -2.675  1.00 31.32 ? 223 LYS A N   1 
ATOM   237  C CA  . LYS A 1 36  ? -18.962 -0.821  -3.440  1.00 33.56 ? 223 LYS A CA  1 
ATOM   238  C C   . LYS A 1 36  ? -18.367 -1.638  -4.581  1.00 33.30 ? 223 LYS A C   1 
ATOM   239  O O   . LYS A 1 36  ? -18.679 -2.818  -4.745  1.00 33.04 ? 223 LYS A O   1 
ATOM   240  C CB  . LYS A 1 36  ? -19.968 0.138   -4.071  1.00 34.85 ? 223 LYS A CB  1 
ATOM   241  C CG  . LYS A 1 36  ? -20.908 0.848   -3.114  1.00 37.32 ? 223 LYS A CG  1 
ATOM   242  C CD  . LYS A 1 36  ? -21.787 1.835   -3.872  1.00 39.68 ? 223 LYS A CD  1 
ATOM   243  C CE  . LYS A 1 36  ? -22.806 1.131   -4.768  1.00 41.67 ? 223 LYS A CE  1 
ATOM   244  N NZ  . LYS A 1 36  ? -23.533 2.064   -5.666  1.00 43.67 ? 223 LYS A NZ  1 
ATOM   245  N N   . GLN A 1 37  ? -17.526 -0.982  -5.373  1.00 33.45 ? 224 GLN A N   1 
ATOM   246  C CA  . GLN A 1 37  ? -16.958 -1.584  -6.575  1.00 35.57 ? 224 GLN A CA  1 
ATOM   247  C C   . GLN A 1 37  ? -15.927 -2.684  -6.255  1.00 35.54 ? 224 GLN A C   1 
ATOM   248  O O   . GLN A 1 37  ? -15.701 -3.573  -7.076  1.00 35.14 ? 224 GLN A O   1 
ATOM   249  C CB  . GLN A 1 37  ? -16.367 -0.480  -7.479  1.00 34.98 ? 224 GLN A CB  1 
ATOM   250  C CG  . GLN A 1 37  ? -15.749 -0.936  -8.800  1.00 35.45 ? 224 GLN A CG  1 
ATOM   251  C CD  . GLN A 1 37  ? -16.681 -1.766  -9.669  0.50 36.00 ? 224 GLN A CD  1 
ATOM   252  O OE1 . GLN A 1 37  ? -17.903 -1.593  -9.644  0.50 35.64 ? 224 GLN A OE1 1 
ATOM   253  N NE2 . GLN A 1 37  ? -16.099 -2.673  -10.450 0.50 35.36 ? 224 GLN A NE2 1 
ATOM   254  N N   . THR A 1 38  ? -15.322 -2.632  -5.068  1.00 35.67 ? 225 THR A N   1 
ATOM   255  C CA  . THR A 1 38  ? -14.354 -3.651  -4.640  1.00 36.17 ? 225 THR A CA  1 
ATOM   256  C C   . THR A 1 38  ? -14.813 -4.546  -3.474  1.00 37.26 ? 225 THR A C   1 
ATOM   257  O O   . THR A 1 38  ? -14.128 -5.514  -3.154  1.00 37.53 ? 225 THR A O   1 
ATOM   258  C CB  . THR A 1 38  ? -13.019 -2.995  -4.256  1.00 35.42 ? 225 THR A CB  1 
ATOM   259  O OG1 . THR A 1 38  ? -13.203 -2.143  -3.121  1.00 34.90 ? 225 THR A OG1 1 
ATOM   260  C CG2 . THR A 1 38  ? -12.478 -2.173  -5.417  1.00 35.91 ? 225 THR A CG2 1 
ATOM   261  N N   . GLN A 1 39  ? -15.961 -4.243  -2.861  1.00 40.18 ? 226 GLN A N   1 
ATOM   262  C CA  . GLN A 1 39  ? -16.436 -4.939  -1.649  1.00 40.84 ? 226 GLN A CA  1 
ATOM   263  C C   . GLN A 1 39  ? -15.339 -4.952  -0.586  1.00 38.38 ? 226 GLN A C   1 
ATOM   264  O O   . GLN A 1 39  ? -14.871 -6.009  -0.148  1.00 36.13 ? 226 GLN A O   1 
ATOM   265  C CB  . GLN A 1 39  ? -16.938 -6.356  -1.959  1.00 42.97 ? 226 GLN A CB  1 
ATOM   266  C CG  . GLN A 1 39  ? -18.098 -6.401  -2.943  1.00 45.25 ? 226 GLN A CG  1 
ATOM   267  C CD  . GLN A 1 39  ? -17.642 -6.543  -4.382  1.00 47.32 ? 226 GLN A CD  1 
ATOM   268  O OE1 . GLN A 1 39  ? -17.061 -7.560  -4.764  1.00 47.99 ? 226 GLN A OE1 1 
ATOM   269  N NE2 . GLN A 1 39  ? -17.911 -5.524  -5.191  1.00 50.70 ? 226 GLN A NE2 1 
ATOM   270  N N   . SER A 1 40  ? -14.920 -3.751  -0.210  1.00 36.11 ? 227 SER A N   1 
ATOM   271  C CA  . SER A 1 40  ? -13.877 -3.566  0.785   1.00 38.17 ? 227 SER A CA  1 
ATOM   272  C C   . SER A 1 40  ? -14.376 -2.691  1.934   1.00 38.07 ? 227 SER A C   1 
ATOM   273  O O   . SER A 1 40  ? -15.385 -1.992  1.812   1.00 38.54 ? 227 SER A O   1 
ATOM   274  C CB  . SER A 1 40  ? -12.639 -2.940  0.138   1.00 37.59 ? 227 SER A CB  1 
ATOM   275  O OG  . SER A 1 40  ? -12.955 -1.709  -0.480  1.00 41.04 ? 227 SER A OG  1 
ATOM   276  N N   . LYS A 1 41  ? -13.669 -2.769  3.055   1.00 36.52 ? 228 LYS A N   1 
ATOM   277  C CA  . LYS A 1 41  ? -13.861 -1.863  4.173   1.00 35.98 ? 228 LYS A CA  1 
ATOM   278  C C   . LYS A 1 41  ? -12.631 -0.963  4.195   1.00 33.93 ? 228 LYS A C   1 
ATOM   279  O O   . LYS A 1 41  ? -11.518 -1.433  4.437   1.00 29.75 ? 228 LYS A O   1 
ATOM   280  C CB  . LYS A 1 41  ? -14.007 -2.643  5.482   1.00 36.86 ? 228 LYS A CB  1 
ATOM   281  C CG  . LYS A 1 41  ? -14.178 -1.775  6.717   1.00 38.51 ? 228 LYS A CG  1 
ATOM   282  C CD  . LYS A 1 41  ? -14.554 -2.609  7.931   1.00 40.72 ? 228 LYS A CD  1 
ATOM   283  C CE  . LYS A 1 41  ? -14.792 -1.745  9.160   1.00 41.88 ? 228 LYS A CE  1 
ATOM   284  N NZ  . LYS A 1 41  ? -13.522 -1.300  9.802   1.00 44.19 ? 228 LYS A NZ  1 
ATOM   285  N N   . ILE A 1 42  ? -12.840 0.322   3.919   1.00 33.70 ? 229 ILE A N   1 
ATOM   286  C CA  . ILE A 1 42  ? -11.759 1.295   3.832   1.00 32.85 ? 229 ILE A CA  1 
ATOM   287  C C   . ILE A 1 42  ? -11.948 2.313   4.960   1.00 33.54 ? 229 ILE A C   1 
ATOM   288  O O   . ILE A 1 42  ? -13.016 2.913   5.088   1.00 31.81 ? 229 ILE A O   1 
ATOM   289  C CB  . ILE A 1 42  ? -11.714 1.978   2.444   1.00 31.79 ? 229 ILE A CB  1 
ATOM   290  C CG1 . ILE A 1 42  ? -11.597 0.925   1.332   1.00 31.41 ? 229 ILE A CG1 1 
ATOM   291  C CG2 . ILE A 1 42  ? -10.521 2.918   2.344   1.00 31.12 ? 229 ILE A CG2 1 
ATOM   292  C CD1 . ILE A 1 42  ? -11.733 1.483   -0.068  1.00 31.07 ? 229 ILE A CD1 1 
ATOM   293  N N   . ASP A 1 43  ? -10.901 2.481   5.770   1.00 33.16 ? 230 ASP A N   1 
ATOM   294  C CA  . ASP A 1 43  ? -10.899 3.382   6.914   1.00 33.75 ? 230 ASP A CA  1 
ATOM   295  C C   . ASP A 1 43  ? -9.628  4.220   6.876   1.00 34.31 ? 230 ASP A C   1 
ATOM   296  O O   . ASP A 1 43  ? -8.534  3.678   6.719   1.00 36.00 ? 230 ASP A O   1 
ATOM   297  C CB  . ASP A 1 43  ? -10.940 2.582   8.216   1.00 35.31 ? 230 ASP A CB  1 
ATOM   298  C CG  . ASP A 1 43  ? -12.109 1.620   8.275   1.00 34.96 ? 230 ASP A CG  1 
ATOM   299  O OD1 . ASP A 1 43  ? -13.257 2.071   8.101   1.00 37.14 ? 230 ASP A OD1 1 
ATOM   300  O OD2 . ASP A 1 43  ? -11.880 0.414   8.499   1.00 35.12 ? 230 ASP A OD2 1 
ATOM   301  N N   . VAL A 1 44  ? -9.781  5.536   7.030   1.00 34.10 ? 231 VAL A N   1 
ATOM   302  C CA  . VAL A 1 44  ? -8.677  6.485   6.927   1.00 34.91 ? 231 VAL A CA  1 
ATOM   303  C C   . VAL A 1 44  ? -8.375  7.021   8.321   1.00 34.13 ? 231 VAL A C   1 
ATOM   304  O O   . VAL A 1 44  ? -9.246  7.608   8.958   1.00 34.36 ? 231 VAL A O   1 
ATOM   305  C CB  . VAL A 1 44  ? -9.024  7.653   5.974   1.00 35.67 ? 231 VAL A CB  1 
ATOM   306  C CG1 . VAL A 1 44  ? -7.824  8.576   5.786   1.00 36.13 ? 231 VAL A CG1 1 
ATOM   307  C CG2 . VAL A 1 44  ? -9.497  7.110   4.629   1.00 35.87 ? 231 VAL A CG2 1 
ATOM   308  N N   . HIS A 1 45  ? -7.141  6.814   8.782   1.00 33.81 ? 232 HIS A N   1 
ATOM   309  C CA  . HIS A 1 45  ? -6.724  7.203   10.129  1.00 34.13 ? 232 HIS A CA  1 
ATOM   310  C C   . HIS A 1 45  ? -5.535  8.150   10.079  1.00 34.06 ? 232 HIS A C   1 
ATOM   311  O O   . HIS A 1 45  ? -4.634  7.980   9.259   1.00 34.26 ? 232 HIS A O   1 
ATOM   312  C CB  . HIS A 1 45  ? -6.314  5.972   10.941  1.00 34.15 ? 232 HIS A CB  1 
ATOM   313  C CG  . HIS A 1 45  ? -7.327  4.871   10.940  1.00 34.59 ? 232 HIS A CG  1 
ATOM   314  N ND1 . HIS A 1 45  ? -8.633  5.058   11.339  1.00 34.77 ? 232 HIS A ND1 1 
ATOM   315  C CD2 . HIS A 1 45  ? -7.217  3.562   10.613  1.00 34.79 ? 232 HIS A CD2 1 
ATOM   316  C CE1 . HIS A 1 45  ? -9.287  3.914   11.245  1.00 34.56 ? 232 HIS A CE1 1 
ATOM   317  N NE2 . HIS A 1 45  ? -8.450  2.989   10.812  1.00 35.53 ? 232 HIS A NE2 1 
ATOM   318  N N   . ARG A 1 46  ? -5.522  9.130   10.980  1.00 35.40 ? 233 ARG A N   1 
ATOM   319  C CA  . ARG A 1 46  ? -4.322  9.927   11.254  1.00 36.56 ? 233 ARG A CA  1 
ATOM   320  C C   . ARG A 1 46  ? -3.172  9.018   11.666  1.00 39.79 ? 233 ARG A C   1 
ATOM   321  O O   . ARG A 1 46  ? -3.394  7.919   12.178  1.00 40.90 ? 233 ARG A O   1 
ATOM   322  C CB  . ARG A 1 46  ? -4.584  10.938  12.369  1.00 35.79 ? 233 ARG A CB  1 
ATOM   323  C CG  . ARG A 1 46  ? -5.459  12.096  11.934  1.00 34.61 ? 233 ARG A CG  1 
ATOM   324  C CD  . ARG A 1 46  ? -6.268  12.683  13.072  1.00 32.49 ? 233 ARG A CD  1 
ATOM   325  N NE  . ARG A 1 46  ? -7.426  13.422  12.560  1.00 31.73 ? 233 ARG A NE  1 
ATOM   326  C CZ  . ARG A 1 46  ? -7.588  14.749  12.557  1.00 31.08 ? 233 ARG A CZ  1 
ATOM   327  N NH1 . ARG A 1 46  ? -6.675  15.582  13.063  1.00 30.81 ? 233 ARG A NH1 1 
ATOM   328  N NH2 . ARG A 1 46  ? -8.708  15.256  12.044  1.00 30.50 ? 233 ARG A NH2 1 
ATOM   329  N N   . LYS A 1 47  ? -1.948  9.477   11.421  1.00 43.85 ? 234 LYS A N   1 
ATOM   330  C CA  . LYS A 1 47  ? -0.754  8.730   11.799  1.00 46.06 ? 234 LYS A CA  1 
ATOM   331  C C   . LYS A 1 47  ? 0.225   9.613   12.556  1.00 49.86 ? 234 LYS A C   1 
ATOM   332  O O   . LYS A 1 47  ? 0.506   10.748  12.151  1.00 51.38 ? 234 LYS A O   1 
ATOM   333  C CB  . LYS A 1 47  ? -0.079  8.121   10.569  1.00 45.10 ? 234 LYS A CB  1 
ATOM   334  C CG  . LYS A 1 47  ? -0.774  6.881   10.021  0.50 44.92 ? 234 LYS A CG  1 
ATOM   335  C CD  . LYS A 1 47  ? -0.677  5.659   10.933  0.50 44.93 ? 234 LYS A CD  1 
ATOM   336  C CE  . LYS A 1 47  ? 0.743   5.144   11.099  0.50 44.51 ? 234 LYS A CE  1 
ATOM   337  N NZ  . LYS A 1 47  ? 0.747   3.801   11.741  0.50 44.11 ? 234 LYS A NZ  1 
ATOM   338  N N   . GLU A 1 48  ? 0.736   9.063   13.656  1.00 52.23 ? 235 GLU A N   1 
ATOM   339  C CA  . GLU A 1 48  ? 1.747   9.715   14.477  1.00 53.49 ? 235 GLU A CA  1 
ATOM   340  C C   . GLU A 1 48  ? 3.071   9.655   13.699  1.00 55.02 ? 235 GLU A C   1 
ATOM   341  O O   . GLU A 1 48  ? 3.488   8.577   13.264  1.00 50.14 ? 235 GLU A O   1 
ATOM   342  C CB  . GLU A 1 48  ? 1.850   9.006   15.839  1.00 52.72 ? 235 GLU A CB  1 
ATOM   343  C CG  . GLU A 1 48  ? 2.261   9.896   17.003  1.00 52.79 ? 235 GLU A CG  1 
ATOM   344  C CD  . GLU A 1 48  ? 1.853   9.331   18.360  1.00 55.76 ? 235 GLU A CD  1 
ATOM   345  O OE1 . GLU A 1 48  ? 1.671   8.097   18.485  1.00 55.46 ? 235 GLU A OE1 1 
ATOM   346  O OE2 . GLU A 1 48  ? 1.713   10.132  19.311  1.00 55.86 ? 235 GLU A OE2 1 
ATOM   347  N N   . ASN A 1 49  ? 3.712   10.813  13.529  1.00 59.25 ? 236 ASN A N   1 
ATOM   348  C CA  . ASN A 1 49  ? 4.891   10.958  12.655  1.00 61.71 ? 236 ASN A CA  1 
ATOM   349  C C   . ASN A 1 49  ? 6.129   11.405  13.433  1.00 62.56 ? 236 ASN A C   1 
ATOM   350  O O   . ASN A 1 49  ? 6.650   10.665  14.269  1.00 63.63 ? 236 ASN A O   1 
ATOM   351  C CB  . ASN A 1 49  ? 4.600   11.931  11.497  1.00 64.78 ? 236 ASN A CB  1 
ATOM   352  C CG  . ASN A 1 49  ? 4.048   13.277  11.960  1.00 67.50 ? 236 ASN A CG  1 
ATOM   353  O OD1 . ASN A 1 49  ? 4.577   13.908  12.878  1.00 70.76 ? 236 ASN A OD1 1 
ATOM   354  N ND2 . ASN A 1 49  ? 2.982   13.731  11.306  1.00 67.77 ? 236 ASN A ND2 1 
ATOM   355  N N   . ALA A 1 52  ? 6.995   13.021  8.348   1.00 57.36 ? 239 ALA A N   1 
ATOM   356  C CA  . ALA A 1 52  ? 5.892   12.480  7.567   1.00 55.27 ? 239 ALA A CA  1 
ATOM   357  C C   . ALA A 1 52  ? 4.624   13.320  7.735   1.00 53.52 ? 239 ALA A C   1 
ATOM   358  O O   . ALA A 1 52  ? 4.335   13.813  8.828   1.00 57.35 ? 239 ALA A O   1 
ATOM   359  C CB  . ALA A 1 52  ? 5.628   11.035  7.963   1.00 56.56 ? 239 ALA A CB  1 
ATOM   360  N N   . ALA A 1 53  ? 3.887   13.482  6.637   1.00 50.58 ? 240 ALA A N   1 
ATOM   361  C CA  . ALA A 1 53  ? 2.607   14.194  6.614   1.00 46.03 ? 240 ALA A CA  1 
ATOM   362  C C   . ALA A 1 53  ? 1.617   13.306  5.881   1.00 44.24 ? 240 ALA A C   1 
ATOM   363  O O   . ALA A 1 53  ? 1.048   13.676  4.849   1.00 43.47 ? 240 ALA A O   1 
ATOM   364  C CB  . ALA A 1 53  ? 2.762   15.524  5.910   1.00 45.50 ? 240 ALA A CB  1 
ATOM   365  N N   . GLU A 1 54  ? 1.432   12.115  6.440   1.00 41.44 ? 241 GLU A N   1 
ATOM   366  C CA  . GLU A 1 54  ? 0.701   11.044  5.793   1.00 39.96 ? 241 GLU A CA  1 
ATOM   367  C C   . GLU A 1 54  ? -0.382  10.492  6.720   1.00 38.20 ? 241 GLU A C   1 
ATOM   368  O O   . GLU A 1 54  ? -0.234  10.518  7.942   1.00 36.41 ? 241 GLU A O   1 
ATOM   369  C CB  . GLU A 1 54  ? 1.679   9.938   5.387   1.00 40.38 ? 241 GLU A CB  1 
ATOM   370  C CG  . GLU A 1 54  ? 2.715   10.388  4.357   1.00 42.86 ? 241 GLU A CG  1 
ATOM   371  C CD  . GLU A 1 54  ? 3.881   9.422   4.176   1.00 44.50 ? 241 GLU A CD  1 
ATOM   372  O OE1 . GLU A 1 54  ? 4.270   8.740   5.148   1.00 44.67 ? 241 GLU A OE1 1 
ATOM   373  O OE2 . GLU A 1 54  ? 4.432   9.366   3.054   1.00 45.28 ? 241 GLU A OE2 1 
ATOM   374  N N   . LYS A 1 55  ? -1.478  10.029  6.122   1.00 35.79 ? 242 LYS A N   1 
ATOM   375  C CA  . LYS A 1 55  ? -2.527  9.304   6.833   1.00 36.22 ? 242 LYS A CA  1 
ATOM   376  C C   . LYS A 1 55  ? -2.522  7.861   6.350   1.00 35.50 ? 242 LYS A C   1 
ATOM   377  O O   . LYS A 1 55  ? -2.147  7.592   5.199   1.00 36.87 ? 242 LYS A O   1 
ATOM   378  C CB  . LYS A 1 55  ? -3.888  9.950   6.577   1.00 37.50 ? 242 LYS A CB  1 
ATOM   379  C CG  . LYS A 1 55  ? -3.982  11.375  7.095   1.00 38.66 ? 242 LYS A CG  1 
ATOM   380  C CD  . LYS A 1 55  ? -5.369  11.981  6.929   1.00 39.08 ? 242 LYS A CD  1 
ATOM   381  C CE  . LYS A 1 55  ? -6.229  11.807  8.170   1.00 40.00 ? 242 LYS A CE  1 
ATOM   382  N NZ  . LYS A 1 55  ? -7.479  12.618  8.149   1.00 41.10 ? 242 LYS A NZ  1 
ATOM   383  N N   . SER A 1 56  ? -2.921  6.934   7.222   1.00 32.73 ? 243 SER A N   1 
ATOM   384  C CA  . SER A 1 56  ? -2.958  5.518   6.861   1.00 33.42 ? 243 SER A CA  1 
ATOM   385  C C   . SER A 1 56  ? -4.329  5.157   6.309   1.00 32.78 ? 243 SER A C   1 
ATOM   386  O O   . SER A 1 56  ? -5.332  5.746   6.706   1.00 33.40 ? 243 SER A O   1 
ATOM   387  C CB  . SER A 1 56  ? -2.582  4.609   8.039   1.00 33.46 ? 243 SER A CB  1 
ATOM   388  O OG  . SER A 1 56  ? -3.449  4.772   9.143   1.00 33.01 ? 243 SER A OG  1 
ATOM   389  N N   . ILE A 1 57  ? -4.357  4.219   5.367   1.00 33.60 ? 244 ILE A N   1 
ATOM   390  C CA  . ILE A 1 57  ? -5.607  3.697   4.814   1.00 34.42 ? 244 ILE A CA  1 
ATOM   391  C C   . ILE A 1 57  ? -5.582  2.183   4.929   1.00 35.98 ? 244 ILE A C   1 
ATOM   392  O O   . ILE A 1 57  ? -4.722  1.538   4.341   1.00 37.95 ? 244 ILE A O   1 
ATOM   393  C CB  . ILE A 1 57  ? -5.820  4.090   3.337   1.00 34.50 ? 244 ILE A CB  1 
ATOM   394  C CG1 . ILE A 1 57  ? -5.820  5.619   3.187   1.00 34.28 ? 244 ILE A CG1 1 
ATOM   395  C CG2 . ILE A 1 57  ? -7.136  3.485   2.823   1.00 34.62 ? 244 ILE A CG2 1 
ATOM   396  C CD1 . ILE A 1 57  ? -5.812  6.116   1.754   1.00 36.16 ? 244 ILE A CD1 1 
ATOM   397  N N   . THR A 1 58  ? -6.532  1.633   5.686   1.00 37.26 ? 245 THR A N   1 
ATOM   398  C CA  . THR A 1 58  ? -6.656  0.192   5.884   1.00 35.29 ? 245 THR A CA  1 
ATOM   399  C C   . THR A 1 58  ? -7.741  -0.360  4.968   1.00 34.38 ? 245 THR A C   1 
ATOM   400  O O   . THR A 1 58  ? -8.849  0.159   4.949   1.00 32.80 ? 245 THR A O   1 
ATOM   401  C CB  . THR A 1 58  ? -6.994  -0.105  7.348   1.00 35.01 ? 245 THR A CB  1 
ATOM   402  O OG1 . THR A 1 58  ? -5.927  0.378   8.162   1.00 37.41 ? 245 THR A OG1 1 
ATOM   403  C CG2 . THR A 1 58  ? -7.173  -1.602  7.592   1.00 35.97 ? 245 THR A CG2 1 
ATOM   404  N N   . ILE A 1 59  ? -7.405  -1.406  4.214   1.00 35.60 ? 246 ILE A N   1 
ATOM   405  C CA  . ILE A 1 59  ? -8.304  -1.997  3.230   1.00 36.44 ? 246 ILE A CA  1 
ATOM   406  C C   . ILE A 1 59  ? -8.456  -3.477  3.545   1.00 38.31 ? 246 ILE A C   1 
ATOM   407  O O   . ILE A 1 59  ? -7.524  -4.261  3.326   1.00 37.80 ? 246 ILE A O   1 
ATOM   408  C CB  . ILE A 1 59  ? -7.778  -1.852  1.775   1.00 37.33 ? 246 ILE A CB  1 
ATOM   409  C CG1 . ILE A 1 59  ? -7.394  -0.401  1.447   1.00 38.16 ? 246 ILE A CG1 1 
ATOM   410  C CG2 . ILE A 1 59  ? -8.825  -2.354  0.780   1.00 37.01 ? 246 ILE A CG2 1 
ATOM   411  C CD1 . ILE A 1 59  ? -6.395  -0.280  0.313   1.00 38.21 ? 246 ILE A CD1 1 
ATOM   412  N N   . LEU A 1 60  ? -9.619  -3.847  4.078   1.00 39.68 ? 247 LEU A N   1 
ATOM   413  C CA  . LEU A 1 60  ? -9.985  -5.246  4.240   1.00 39.87 ? 247 LEU A CA  1 
ATOM   414  C C   . LEU A 1 60  ? -10.886 -5.654  3.083   1.00 38.92 ? 247 LEU A C   1 
ATOM   415  O O   . LEU A 1 60  ? -11.957 -5.086  2.888   1.00 36.06 ? 247 LEU A O   1 
ATOM   416  C CB  . LEU A 1 60  ? -10.686 -5.494  5.579   1.00 41.62 ? 247 LEU A CB  1 
ATOM   417  C CG  . LEU A 1 60  ? -11.013 -6.960  5.909   0.50 42.07 ? 247 LEU A CG  1 
ATOM   418  C CD1 . LEU A 1 60  ? -9.826  -7.890  5.686   0.50 42.87 ? 247 LEU A CD1 1 
ATOM   419  C CD2 . LEU A 1 60  ? -11.509 -7.078  7.341   0.50 42.27 ? 247 LEU A CD2 1 
ATOM   420  N N   . SER A 1 61  ? -10.418 -6.637  2.320   1.00 39.83 ? 248 SER A N   1 
ATOM   421  C CA  . SER A 1 61  ? -11.146 -7.208  1.195   1.00 39.85 ? 248 SER A CA  1 
ATOM   422  C C   . SER A 1 61  ? -10.450 -8.498  0.792   1.00 41.39 ? 248 SER A C   1 
ATOM   423  O O   . SER A 1 61  ? -9.522  -8.949  1.471   1.00 44.38 ? 248 SER A O   1 
ATOM   424  C CB  . SER A 1 61  ? -11.155 -6.231  0.015   1.00 41.14 ? 248 SER A CB  1 
ATOM   425  O OG  . SER A 1 61  ? -11.767 -6.784  -1.144  1.00 40.05 ? 248 SER A OG  1 
ATOM   426  N N   . THR A 1 62  ? -10.892 -9.083  -0.316  1.00 40.96 ? 249 THR A N   1 
ATOM   427  C CA  . THR A 1 62  ? -10.189 -10.203 -0.939  1.00 40.46 ? 249 THR A CA  1 
ATOM   428  C C   . THR A 1 62  ? -8.837  -9.709  -1.472  1.00 39.78 ? 249 THR A C   1 
ATOM   429  O O   . THR A 1 62  ? -8.617  -8.504  -1.556  1.00 37.81 ? 249 THR A O   1 
ATOM   430  C CB  . THR A 1 62  ? -11.009 -10.787 -2.107  1.00 39.52 ? 249 THR A CB  1 
ATOM   431  O OG1 . THR A 1 62  ? -11.283 -9.758  -3.069  1.00 38.48 ? 249 THR A OG1 1 
ATOM   432  C CG2 . THR A 1 62  ? -12.315 -11.368 -1.605  1.00 39.50 ? 249 THR A CG2 1 
ATOM   433  N N   . PRO A 1 63  ? -7.926  -10.630 -1.835  1.00 42.11 ? 250 PRO A N   1 
ATOM   434  C CA  . PRO A 1 63  ? -6.676  -10.210 -2.489  1.00 41.78 ? 250 PRO A CA  1 
ATOM   435  C C   . PRO A 1 63  ? -6.869  -9.315  -3.721  1.00 41.09 ? 250 PRO A C   1 
ATOM   436  O O   . PRO A 1 63  ? -6.115  -8.358  -3.912  1.00 39.46 ? 250 PRO A O   1 
ATOM   437  C CB  . PRO A 1 63  ? -6.046  -11.540 -2.903  1.00 42.69 ? 250 PRO A CB  1 
ATOM   438  C CG  . PRO A 1 63  ? -6.523  -12.503 -1.873  1.00 42.74 ? 250 PRO A CG  1 
ATOM   439  C CD  . PRO A 1 63  ? -7.928  -12.079 -1.548  1.00 42.52 ? 250 PRO A CD  1 
ATOM   440  N N   . GLU A 1 64  ? -7.891  -9.616  -4.521  1.00 40.59 ? 251 GLU A N   1 
ATOM   441  C CA  . GLU A 1 64  ? -8.105  -8.962  -5.807  1.00 41.14 ? 251 GLU A CA  1 
ATOM   442  C C   . GLU A 1 64  ? -8.817  -7.623  -5.645  1.00 41.24 ? 251 GLU A C   1 
ATOM   443  O O   . GLU A 1 64  ? -8.415  -6.626  -6.254  1.00 47.37 ? 251 GLU A O   1 
ATOM   444  C CB  . GLU A 1 64  ? -8.885  -9.883  -6.750  1.00 41.48 ? 251 GLU A CB  1 
ATOM   445  C CG  . GLU A 1 64  ? -8.141  -11.171 -7.122  1.00 42.69 ? 251 GLU A CG  1 
ATOM   446  C CD  . GLU A 1 64  ? -8.384  -12.340 -6.168  1.00 44.17 ? 251 GLU A CD  1 
ATOM   447  O OE1 . GLU A 1 64  ? -8.788  -12.120 -5.002  1.00 44.39 ? 251 GLU A OE1 1 
ATOM   448  O OE2 . GLU A 1 64  ? -8.161  -13.496 -6.586  1.00 44.49 ? 251 GLU A OE2 1 
ATOM   449  N N   . GLY A 1 65  ? -9.865  -7.604  -4.829  1.00 39.35 ? 252 GLY A N   1 
ATOM   450  C CA  . GLY A 1 65  ? -10.550 -6.366  -4.458  1.00 39.48 ? 252 GLY A CA  1 
ATOM   451  C C   . GLY A 1 65  ? -9.647  -5.373  -3.735  1.00 39.65 ? 252 GLY A C   1 
ATOM   452  O O   . GLY A 1 65  ? -9.746  -4.163  -3.961  1.00 38.94 ? 252 GLY A O   1 
ATOM   453  N N   . THR A 1 66  ? -8.782  -5.889  -2.860  1.00 37.90 ? 253 THR A N   1 
ATOM   454  C CA  . THR A 1 66  ? -7.739  -5.089  -2.212  1.00 39.06 ? 253 THR A CA  1 
ATOM   455  C C   . THR A 1 66  ? -6.861  -4.375  -3.247  1.00 39.34 ? 253 THR A C   1 
ATOM   456  O O   . THR A 1 66  ? -6.612  -3.172  -3.131  1.00 42.33 ? 253 THR A O   1 
ATOM   457  C CB  . THR A 1 66  ? -6.853  -5.968  -1.301  1.00 38.62 ? 253 THR A CB  1 
ATOM   458  O OG1 . THR A 1 66  ? -7.647  -6.510  -0.241  1.00 41.92 ? 253 THR A OG1 1 
ATOM   459  C CG2 . THR A 1 66  ? -5.716  -5.172  -0.696  1.00 39.98 ? 253 THR A CG2 1 
ATOM   460  N N   . SER A 1 67  ? -6.397  -5.128  -4.244  1.00 38.96 ? 254 SER A N   1 
ATOM   461  C CA  . SER A 1 67  ? -5.582  -4.581  -5.341  1.00 36.98 ? 254 SER A CA  1 
ATOM   462  C C   . SER A 1 67  ? -6.381  -3.634  -6.235  1.00 35.45 ? 254 SER A C   1 
ATOM   463  O O   . SER A 1 67  ? -5.849  -2.626  -6.705  1.00 35.01 ? 254 SER A O   1 
ATOM   464  C CB  . SER A 1 67  ? -4.987  -5.710  -6.194  1.00 36.69 ? 254 SER A CB  1 
ATOM   465  O OG  . SER A 1 67  ? -4.017  -6.444  -5.469  1.00 36.21 ? 254 SER A OG  1 
ATOM   466  N N   . ALA A 1 68  ? -7.650  -3.959  -6.470  1.00 31.86 ? 255 ALA A N   1 
ATOM   467  C CA  . ALA A 1 68  ? -8.538  -3.070  -7.223  1.00 31.82 ? 255 ALA A CA  1 
ATOM   468  C C   . ALA A 1 68  ? -8.733  -1.733  -6.495  1.00 32.81 ? 255 ALA A C   1 
ATOM   469  O O   . ALA A 1 68  ? -8.712  -0.670  -7.119  1.00 31.94 ? 255 ALA A O   1 
ATOM   470  C CB  . ALA A 1 68  ? -9.882  -3.746  -7.471  1.00 31.08 ? 255 ALA A CB  1 
ATOM   471  N N   . ALA A 1 69  ? -8.907  -1.805  -5.174  1.00 32.90 ? 256 ALA A N   1 
ATOM   472  C CA  . ALA A 1 69  ? -9.060  -0.624  -4.328  1.00 33.24 ? 256 ALA A CA  1 
ATOM   473  C C   . ALA A 1 69  ? -7.783  0.196   -4.293  1.00 33.67 ? 256 ALA A C   1 
ATOM   474  O O   . ALA A 1 69  ? -7.822  1.421   -4.420  1.00 33.31 ? 256 ALA A O   1 
ATOM   475  C CB  . ALA A 1 69  ? -9.445  -1.037  -2.918  1.00 35.18 ? 256 ALA A CB  1 
ATOM   476  N N   . CYS A 1 70  ? -6.658  -0.489  -4.120  1.00 34.41 ? 257 CYS A N   1 
ATOM   477  C CA  . CYS A 1 70  ? -5.345  0.156   -4.124  1.00 37.50 ? 257 CYS A CA  1 
ATOM   478  C C   . CYS A 1 70  ? -5.071  0.907   -5.433  1.00 39.40 ? 257 CYS A C   1 
ATOM   479  O O   . CYS A 1 70  ? -4.577  2.039   -5.421  1.00 41.12 ? 257 CYS A O   1 
ATOM   480  C CB  . CYS A 1 70  ? -4.248  -0.883  -3.896  1.00 37.24 ? 257 CYS A CB  1 
ATOM   481  S SG  . CYS A 1 70  ? -2.613  -0.148  -3.754  1.00 38.49 ? 257 CYS A SG  1 
ATOM   482  N N   . LYS A 1 71  ? -5.408  0.270   -6.551  1.00 38.65 ? 258 LYS A N   1 
ATOM   483  C CA  . LYS A 1 71  ? -5.204  0.856   -7.875  1.00 38.50 ? 258 LYS A CA  1 
ATOM   484  C C   . LYS A 1 71  ? -6.053  2.116   -8.071  1.00 36.32 ? 258 LYS A C   1 
ATOM   485  O O   . LYS A 1 71  ? -5.575  3.116   -8.616  1.00 36.05 ? 258 LYS A O   1 
ATOM   486  C CB  . LYS A 1 71  ? -5.512  -0.180  -8.966  1.00 38.42 ? 258 LYS A CB  1 
ATOM   487  C CG  . LYS A 1 71  ? -5.017  0.195   -10.344 1.00 37.29 ? 258 LYS A CG  1 
ATOM   488  C CD  . LYS A 1 71  ? -5.341  -0.896  -11.348 1.00 39.61 ? 258 LYS A CD  1 
ATOM   489  C CE  . LYS A 1 71  ? -4.612  -0.673  -12.666 0.50 38.10 ? 258 LYS A CE  1 
ATOM   490  N NZ  . LYS A 1 71  ? -4.835  -1.779  -13.639 0.50 38.19 ? 258 LYS A NZ  1 
ATOM   491  N N   . SER A 1 72  ? -7.302  2.068   -7.615  1.00 34.20 ? 259 SER A N   1 
ATOM   492  C CA  . SER A 1 72  ? -8.184  3.242   -7.649  1.00 33.72 ? 259 SER A CA  1 
ATOM   493  C C   . SER A 1 72  ? -7.607  4.405   -6.849  1.00 32.46 ? 259 SER A C   1 
ATOM   494  O O   . SER A 1 72  ? -7.635  5.550   -7.302  1.00 31.86 ? 259 SER A O   1 
ATOM   495  C CB  . SER A 1 72  ? -9.581  2.894   -7.118  1.00 33.04 ? 259 SER A CB  1 
ATOM   496  O OG  . SER A 1 72  ? -10.189 1.885   -7.913  1.00 33.16 ? 259 SER A OG  1 
ATOM   497  N N   . ILE A 1 73  ? -7.076  4.101   -5.666  1.00 33.51 ? 260 ILE A N   1 
ATOM   498  C CA  . ILE A 1 73  ? -6.465  5.121   -4.807  1.00 33.63 ? 260 ILE A CA  1 
ATOM   499  C C   . ILE A 1 73  ? -5.237  5.733   -5.501  1.00 33.61 ? 260 ILE A C   1 
ATOM   500  O O   . ILE A 1 73  ? -5.075  6.951   -5.496  1.00 32.22 ? 260 ILE A O   1 
ATOM   501  C CB  . ILE A 1 73  ? -6.128  4.555   -3.405  1.00 32.22 ? 260 ILE A CB  1 
ATOM   502  C CG1 . ILE A 1 73  ? -7.422  4.205   -2.663  1.00 31.84 ? 260 ILE A CG1 1 
ATOM   503  C CG2 . ILE A 1 73  ? -5.327  5.556   -2.577  1.00 31.34 ? 260 ILE A CG2 1 
ATOM   504  C CD1 . ILE A 1 73  ? -7.234  3.235   -1.518  1.00 32.39 ? 260 ILE A CD1 1 
ATOM   505  N N   . LEU A 1 74  ? -4.405  4.889   -6.110  1.00 35.36 ? 261 LEU A N   1 
ATOM   506  C CA  . LEU A 1 74  ? -3.294  5.347   -6.964  1.00 38.29 ? 261 LEU A CA  1 
ATOM   507  C C   . LEU A 1 74  ? -3.736  6.237   -8.148  1.00 38.92 ? 261 LEU A C   1 
ATOM   508  O O   . LEU A 1 74  ? -3.081  7.238   -8.435  1.00 38.14 ? 261 LEU A O   1 
ATOM   509  C CB  . LEU A 1 74  ? -2.485  4.151   -7.492  1.00 38.12 ? 261 LEU A CB  1 
ATOM   510  C CG  . LEU A 1 74  ? -1.572  3.448   -6.480  1.00 38.15 ? 261 LEU A CG  1 
ATOM   511  C CD1 . LEU A 1 74  ? -1.114  2.091   -7.006  1.00 38.19 ? 261 LEU A CD1 1 
ATOM   512  C CD2 . LEU A 1 74  ? -0.376  4.321   -6.144  1.00 37.81 ? 261 LEU A CD2 1 
ATOM   513  N N   . GLU A 1 75  ? -4.831  5.879   -8.822  1.00 40.51 ? 262 GLU A N   1 
ATOM   514  C CA  . GLU A 1 75  ? -5.372  6.717   -9.910  1.00 41.92 ? 262 GLU A CA  1 
ATOM   515  C C   . GLU A 1 75  ? -5.799  8.083   -9.397  1.00 40.29 ? 262 GLU A C   1 
ATOM   516  O O   . GLU A 1 75  ? -5.453  9.109   -9.984  1.00 40.32 ? 262 GLU A O   1 
ATOM   517  C CB  . GLU A 1 75  ? -6.568  6.054   -10.604 1.00 45.30 ? 262 GLU A CB  1 
ATOM   518  C CG  . GLU A 1 75  ? -7.101  6.835   -11.814 1.00 49.93 ? 262 GLU A CG  1 
ATOM   519  C CD  . GLU A 1 75  ? -8.373  7.639   -11.546 1.00 53.83 ? 262 GLU A CD  1 
ATOM   520  O OE1 . GLU A 1 75  ? -9.445  7.027   -11.341 1.00 55.85 ? 262 GLU A OE1 1 
ATOM   521  O OE2 . GLU A 1 75  ? -8.312  8.888   -11.574 1.00 55.35 ? 262 GLU A OE2 1 
ATOM   522  N N   . ILE A 1 76  ? -6.565  8.075   -8.308  1.00 38.99 ? 263 ILE A N   1 
ATOM   523  C CA  . ILE A 1 76  ? -7.090  9.298   -7.698  1.00 37.52 ? 263 ILE A CA  1 
ATOM   524  C C   . ILE A 1 76  ? -5.952  10.190  -7.200  1.00 35.32 ? 263 ILE A C   1 
ATOM   525  O O   . ILE A 1 76  ? -5.975  11.402  -7.429  1.00 34.56 ? 263 ILE A O   1 
ATOM   526  C CB  . ILE A 1 76  ? -8.097  8.969   -6.565  1.00 37.36 ? 263 ILE A CB  1 
ATOM   527  C CG1 . ILE A 1 76  ? -9.377  8.377   -7.175  1.00 36.88 ? 263 ILE A CG1 1 
ATOM   528  C CG2 . ILE A 1 76  ? -8.432  10.209  -5.731  1.00 36.73 ? 263 ILE A CG2 1 
ATOM   529  C CD1 . ILE A 1 76  ? -10.190 7.524   -6.223  1.00 37.32 ? 263 ILE A CD1 1 
ATOM   530  N N   . MET A 1 77  ? -4.971  9.589   -6.529  1.00 34.67 ? 264 MET A N   1 
ATOM   531  C CA  . MET A 1 77  ? -3.777  10.323  -6.084  1.00 37.09 ? 264 MET A CA  1 
ATOM   532  C C   . MET A 1 77  ? -3.028  10.962  -7.257  1.00 37.32 ? 264 MET A C   1 
ATOM   533  O O   . MET A 1 77  ? -2.721  12.162  -7.220  1.00 37.90 ? 264 MET A O   1 
ATOM   534  C CB  . MET A 1 77  ? -2.826  9.417   -5.297  1.00 36.59 ? 264 MET A CB  1 
ATOM   535  C CG  . MET A 1 77  ? -3.286  9.128   -3.875  1.00 37.60 ? 264 MET A CG  1 
ATOM   536  S SD  . MET A 1 77  ? -1.988  8.392   -2.872  1.00 38.61 ? 264 MET A SD  1 
ATOM   537  C CE  . MET A 1 77  ? -1.709  6.864   -3.749  1.00 38.77 ? 264 MET A CE  1 
ATOM   538  N N   A HIS A 1 78  ? -2.741  10.167  -8.286  0.60 37.61 ? 265 HIS A N   1 
ATOM   539  N N   B HIS A 1 78  ? -2.756  10.157  -8.283  0.40 37.07 ? 265 HIS A N   1 
ATOM   540  C CA  A HIS A 1 78  ? -2.046  10.678  -9.476  0.60 39.02 ? 265 HIS A CA  1 
ATOM   541  C CA  B HIS A 1 78  ? -2.074  10.616  -9.494  0.40 37.72 ? 265 HIS A CA  1 
ATOM   542  C C   A HIS A 1 78  ? -2.865  11.735  -10.223 0.60 38.15 ? 265 HIS A C   1 
ATOM   543  C C   B HIS A 1 78  ? -2.861  11.709  -10.223 0.40 37.61 ? 265 HIS A C   1 
ATOM   544  O O   A HIS A 1 78  ? -2.308  12.738  -10.659 0.60 35.99 ? 265 HIS A O   1 
ATOM   545  O O   B HIS A 1 78  ? -2.283  12.704  -10.648 0.40 36.22 ? 265 HIS A O   1 
ATOM   546  C CB  A HIS A 1 78  ? -1.637  9.541   -10.427 0.60 40.47 ? 265 HIS A CB  1 
ATOM   547  C CB  B HIS A 1 78  ? -1.824  9.434   -10.434 0.40 37.96 ? 265 HIS A CB  1 
ATOM   548  C CG  A HIS A 1 78  ? -0.325  8.910   -10.081 0.60 41.04 ? 265 HIS A CG  1 
ATOM   549  C CG  B HIS A 1 78  ? -1.140  9.811   -11.712 0.40 37.62 ? 265 HIS A CG  1 
ATOM   550  N ND1 A HIS A 1 78  ? 0.840   9.215   -10.748 0.60 42.89 ? 265 HIS A ND1 1 
ATOM   551  N ND1 B HIS A 1 78  ? 0.227   9.943   -11.813 0.40 37.56 ? 265 HIS A ND1 1 
ATOM   552  C CD2 A HIS A 1 78  ? 0.009   7.996   -9.138  0.60 42.35 ? 265 HIS A CD2 1 
ATOM   553  C CD2 B HIS A 1 78  ? -1.637  10.078  -12.943 0.40 37.48 ? 265 HIS A CD2 1 
ATOM   554  C CE1 A HIS A 1 78  ? 1.836   8.513   -10.235 0.60 43.44 ? 265 HIS A CE1 1 
ATOM   555  C CE1 B HIS A 1 78  ? 0.545   10.279  -13.051 0.40 37.20 ? 265 HIS A CE1 1 
ATOM   556  N NE2 A HIS A 1 78  ? 1.357   7.764   -9.258  0.60 42.62 ? 265 HIS A NE2 1 
ATOM   557  N NE2 B HIS A 1 78  ? -0.569  10.366  -13.757 0.40 36.77 ? 265 HIS A NE2 1 
ATOM   558  N N   . LYS A 1 79  ? -4.173  11.511  -10.352 1.00 38.21 ? 266 LYS A N   1 
ATOM   559  C CA  . LYS A 1 79  ? -5.078  12.503  -10.965 1.00 38.76 ? 266 LYS A CA  1 
ATOM   560  C C   . LYS A 1 79  ? -5.147  13.798  -10.148 1.00 39.22 ? 266 LYS A C   1 
ATOM   561  O O   . LYS A 1 79  ? -5.160  14.886  -10.713 1.00 40.13 ? 266 LYS A O   1 
ATOM   562  C CB  . LYS A 1 79  ? -6.486  11.909  -11.134 1.00 39.28 ? 266 LYS A CB  1 
ATOM   563  C CG  . LYS A 1 79  ? -7.558  12.865  -11.643 1.00 38.59 ? 266 LYS A CG  1 
ATOM   564  C CD  . LYS A 1 79  ? -8.884  12.141  -11.816 1.00 40.23 ? 266 LYS A CD  1 
ATOM   565  C CE  . LYS A 1 79  ? -10.040 13.104  -12.056 1.00 39.79 ? 266 LYS A CE  1 
ATOM   566  N NZ  . LYS A 1 79  ? -10.430 13.847  -10.822 1.00 40.06 ? 266 LYS A NZ  1 
ATOM   567  N N   . GLU A 1 80  ? -5.196  13.672  -8.825  1.00 40.94 ? 267 GLU A N   1 
ATOM   568  C CA  . GLU A 1 80  ? -5.173  14.841  -7.936  1.00 40.93 ? 267 GLU A CA  1 
ATOM   569  C C   . GLU A 1 80  ? -3.829  15.570  -8.031  1.00 41.12 ? 267 GLU A C   1 
ATOM   570  O O   . GLU A 1 80  ? -3.797  16.802  -8.036  1.00 41.86 ? 267 GLU A O   1 
ATOM   571  C CB  . GLU A 1 80  ? -5.470  14.421  -6.487  1.00 39.49 ? 267 GLU A CB  1 
ATOM   572  C CG  . GLU A 1 80  ? -5.573  15.556  -5.464  1.00 39.21 ? 267 GLU A CG  1 
ATOM   573  C CD  . GLU A 1 80  ? -6.783  16.454  -5.638  1.00 38.62 ? 267 GLU A CD  1 
ATOM   574  O OE1 . GLU A 1 80  ? -7.660  16.163  -6.481  1.00 38.25 ? 267 GLU A OE1 1 
ATOM   575  O OE2 . GLU A 1 80  ? -6.860  17.462  -4.906  1.00 37.30 ? 267 GLU A OE2 1 
ATOM   576  N N   . ALA A 1 81  ? -2.737  14.807  -8.122  1.00 42.79 ? 268 ALA A N   1 
ATOM   577  C CA  . ALA A 1 81  ? -1.383  15.362  -8.298  1.00 44.28 ? 268 ALA A CA  1 
ATOM   578  C C   . ALA A 1 81  ? -1.236  16.240  -9.549  1.00 44.98 ? 268 ALA A C   1 
ATOM   579  O O   . ALA A 1 81  ? -0.447  17.184  -9.549  1.00 42.41 ? 268 ALA A O   1 
ATOM   580  C CB  . ALA A 1 81  ? -0.341  14.246  -8.307  1.00 45.13 ? 268 ALA A CB  1 
ATOM   581  N N   . GLN A 1 82  ? -1.995  15.928  -10.602 1.00 49.02 ? 269 GLN A N   1 
ATOM   582  C CA  . GLN A 1 82  ? -2.029  16.752  -11.821 1.00 52.86 ? 269 GLN A CA  1 
ATOM   583  C C   . GLN A 1 82  ? -2.651  18.119  -11.555 1.00 54.94 ? 269 GLN A C   1 
ATOM   584  O O   . GLN A 1 82  ? -2.134  19.143  -12.008 1.00 55.40 ? 269 GLN A O   1 
ATOM   585  C CB  . GLN A 1 82  ? -2.846  16.083  -12.938 1.00 55.62 ? 269 GLN A CB  1 
ATOM   586  C CG  . GLN A 1 82  ? -2.423  14.679  -13.347 1.00 56.50 ? 269 GLN A CG  1 
ATOM   587  C CD  . GLN A 1 82  ? -0.983  14.579  -13.804 1.00 56.56 ? 269 GLN A CD  1 
ATOM   588  O OE1 . GLN A 1 82  ? -0.264  13.665  -13.406 1.00 55.98 ? 269 GLN A OE1 1 
ATOM   589  N NE2 . GLN A 1 82  ? -0.555  15.519  -14.647 1.00 59.02 ? 269 GLN A NE2 1 
ATOM   590  N N   . ASP A 1 83  ? -3.756  18.118  -10.811 1.00 57.06 ? 270 ASP A N   1 
ATOM   591  C CA  . ASP A 1 83  ? -4.606  19.299  -10.650 1.00 59.26 ? 270 ASP A CA  1 
ATOM   592  C C   . ASP A 1 83  ? -4.067  20.339  -9.661  1.00 57.30 ? 270 ASP A C   1 
ATOM   593  O O   . ASP A 1 83  ? -4.460  21.504  -9.735  1.00 57.97 ? 270 ASP A O   1 
ATOM   594  C CB  . ASP A 1 83  ? -6.031  18.879  -10.259 1.00 63.38 ? 270 ASP A CB  1 
ATOM   595  C CG  . ASP A 1 83  ? -6.670  17.919  -11.270 1.00 67.14 ? 270 ASP A CG  1 
ATOM   596  O OD1 . ASP A 1 83  ? -6.126  17.744  -12.385 1.00 66.88 ? 270 ASP A OD1 1 
ATOM   597  O OD2 . ASP A 1 83  ? -7.726  17.333  -10.937 1.00 71.28 ? 270 ASP A OD2 1 
ATOM   598  N N   . ILE A 1 84  ? -3.197  19.925  -8.736  1.00 56.24 ? 271 ILE A N   1 
ATOM   599  C CA  . ILE A 1 84  ? -2.441  20.877  -7.891  1.00 56.29 ? 271 ILE A CA  1 
ATOM   600  C C   . ILE A 1 84  ? -0.972  21.012  -8.344  1.00 54.55 ? 271 ILE A C   1 
ATOM   601  O O   . ILE A 1 84  ? -0.138  21.552  -7.614  1.00 54.08 ? 271 ILE A O   1 
ATOM   602  C CB  . ILE A 1 84  ? -2.606  20.607  -6.349  1.00 57.54 ? 271 ILE A CB  1 
ATOM   603  C CG1 . ILE A 1 84  ? -2.112  19.223  -5.868  1.00 56.81 ? 271 ILE A CG1 1 
ATOM   604  C CG2 . ILE A 1 84  ? -4.047  20.851  -5.903  1.00 60.47 ? 271 ILE A CG2 1 
ATOM   605  C CD1 . ILE A 1 84  ? -2.062  19.012  -4.379  1.00 56.16 ? 271 ILE A CD1 1 
ATOM   606  N N   . LYS A 1 85  ? -0.687  20.564  -9.572  1.00 53.73 ? 272 LYS A N   1 
ATOM   607  C CA  . LYS A 1 85  ? 0.637   20.659  -10.207 1.00 54.28 ? 272 LYS A CA  1 
ATOM   608  C C   . LYS A 1 85  ? 1.773   20.000  -9.410  1.00 53.19 ? 272 LYS A C   1 
ATOM   609  O O   . LYS A 1 85  ? 2.902   20.490  -9.393  1.00 50.86 ? 272 LYS A O   1 
ATOM   610  C CB  . LYS A 1 85  ? 0.978   22.121  -10.530 1.00 53.48 ? 272 LYS A CB  1 
ATOM   611  C CG  . LYS A 1 85  ? -0.080  22.849  -11.342 1.00 54.31 ? 272 LYS A CG  1 
ATOM   612  C CD  . LYS A 1 85  ? 0.423   24.219  -11.768 1.00 55.34 ? 272 LYS A CD  1 
ATOM   613  C CE  . LYS A 1 85  ? -0.698  25.102  -12.284 1.00 55.22 ? 272 LYS A CE  1 
ATOM   614  N NZ  . LYS A 1 85  ? -0.320  26.541  -12.369 1.00 56.31 ? 272 LYS A NZ  1 
ATOM   615  N N   . PHE A 1 86  ? 1.463   18.878  -8.765  1.00 56.30 ? 273 PHE A N   1 
ATOM   616  C CA  . PHE A 1 86  ? 2.455   18.099  -8.035  1.00 57.25 ? 273 PHE A CA  1 
ATOM   617  C C   . PHE A 1 86  ? 3.229   17.267  -9.059  1.00 59.31 ? 273 PHE A C   1 
ATOM   618  O O   . PHE A 1 86  ? 2.749   16.235  -9.529  1.00 57.86 ? 273 PHE A O   1 
ATOM   619  C CB  . PHE A 1 86  ? 1.774   17.225  -6.982  1.00 56.23 ? 273 PHE A CB  1 
ATOM   620  C CG  . PHE A 1 86  ? 2.726   16.508  -6.071  1.00 57.50 ? 273 PHE A CG  1 
ATOM   621  C CD1 . PHE A 1 86  ? 3.196   15.240  -6.391  1.00 58.42 ? 273 PHE A CD1 1 
ATOM   622  C CD2 . PHE A 1 86  ? 3.137   17.090  -4.874  1.00 59.77 ? 273 PHE A CD2 1 
ATOM   623  C CE1 . PHE A 1 86  ? 4.068   14.571  -5.542  1.00 59.07 ? 273 PHE A CE1 1 
ATOM   624  C CE2 . PHE A 1 86  ? 4.009   16.425  -4.022  1.00 60.65 ? 273 PHE A CE2 1 
ATOM   625  C CZ  . PHE A 1 86  ? 4.477   15.163  -4.358  1.00 59.05 ? 273 PHE A CZ  1 
ATOM   626  N N   . THR A 1 87  ? 4.417   17.752  -9.410  1.00 64.41 ? 274 THR A N   1 
ATOM   627  C CA  . THR A 1 87  ? 5.245   17.151  -10.466 1.00 66.81 ? 274 THR A CA  1 
ATOM   628  C C   . THR A 1 87  ? 5.915   15.816  -10.102 1.00 68.32 ? 274 THR A C   1 
ATOM   629  O O   . THR A 1 87  ? 6.204   15.016  -10.996 1.00 66.09 ? 274 THR A O   1 
ATOM   630  C CB  . THR A 1 87  ? 6.338   18.131  -10.964 1.00 66.54 ? 274 THR A CB  1 
ATOM   631  O OG1 . THR A 1 87  ? 7.177   17.468  -11.920 1.00 69.52 ? 274 THR A OG1 1 
ATOM   632  C CG2 . THR A 1 87  ? 7.215   18.663  -9.820  1.00 65.44 ? 274 THR A CG2 1 
ATOM   633  N N   . GLU A 1 88  ? 6.158   15.577  -8.811  1.00 69.97 ? 275 GLU A N   1 
ATOM   634  C CA  . GLU A 1 88  ? 6.933   14.407  -8.377  1.00 69.62 ? 275 GLU A CA  1 
ATOM   635  C C   . GLU A 1 88  ? 6.104   13.133  -8.498  1.00 67.28 ? 275 GLU A C   1 
ATOM   636  O O   . GLU A 1 88  ? 4.869   13.178  -8.502  1.00 61.63 ? 275 GLU A O   1 
ATOM   637  C CB  . GLU A 1 88  ? 7.433   14.554  -6.932  1.00 72.76 ? 275 GLU A CB  1 
ATOM   638  C CG  . GLU A 1 88  ? 8.371   15.732  -6.679  1.00 76.33 ? 275 GLU A CG  1 
ATOM   639  C CD  . GLU A 1 88  ? 7.659   17.028  -6.311  1.00 80.20 ? 275 GLU A CD  1 
ATOM   640  O OE1 . GLU A 1 88  ? 6.456   17.181  -6.627  1.00 80.28 ? 275 GLU A OE1 1 
ATOM   641  O OE2 . GLU A 1 88  ? 8.313   17.906  -5.709  1.00 85.30 ? 275 GLU A OE2 1 
ATOM   642  N N   . GLU A 1 89  ? 6.797   12.002  -8.615  1.00 66.42 ? 276 GLU A N   1 
ATOM   643  C CA  . GLU A 1 89  ? 6.155   10.689  -8.583  1.00 62.71 ? 276 GLU A CA  1 
ATOM   644  C C   . GLU A 1 89  ? 5.719   10.403  -7.151  1.00 53.68 ? 276 GLU A C   1 
ATOM   645  O O   . GLU A 1 89  ? 6.536   10.460  -6.241  1.00 51.67 ? 276 GLU A O   1 
ATOM   646  C CB  . GLU A 1 89  ? 7.122   9.592   -9.054  1.00 67.28 ? 276 GLU A CB  1 
ATOM   647  C CG  . GLU A 1 89  ? 7.479   9.647   -10.536 1.00 69.58 ? 276 GLU A CG  1 
ATOM   648  C CD  . GLU A 1 89  ? 6.335   9.256   -11.461 1.00 70.52 ? 276 GLU A CD  1 
ATOM   649  O OE1 . GLU A 1 89  ? 5.279   8.784   -10.978 1.00 69.78 ? 276 GLU A OE1 1 
ATOM   650  O OE2 . GLU A 1 89  ? 6.495   9.426   -12.689 1.00 70.30 ? 276 GLU A OE2 1 
ATOM   651  N N   . ILE A 1 90  ? 4.441   10.090  -6.964  1.00 48.84 ? 277 ILE A N   1 
ATOM   652  C CA  . ILE A 1 90  ? 3.907   9.792   -5.624  1.00 46.87 ? 277 ILE A CA  1 
ATOM   653  C C   . ILE A 1 90  ? 4.161   8.316   -5.331  1.00 39.65 ? 277 ILE A C   1 
ATOM   654  O O   . ILE A 1 90  ? 3.565   7.455   -5.978  1.00 40.37 ? 277 ILE A O   1 
ATOM   655  C CB  . ILE A 1 90  ? 2.393   10.119  -5.411  1.00 51.42 ? 277 ILE A CB  1 
ATOM   656  C CG1 . ILE A 1 90  ? 1.450   9.313   -6.330  1.00 54.45 ? 277 ILE A CG1 1 
ATOM   657  C CG2 . ILE A 1 90  ? 2.160   11.614  -5.556  1.00 53.11 ? 277 ILE A CG2 1 
ATOM   658  C CD1 . ILE A 1 90  ? 0.774   8.101   -5.701  1.00 54.89 ? 277 ILE A CD1 1 
ATOM   659  N N   . PRO A 1 91  ? 5.062   8.012   -4.378  1.00 34.19 ? 278 PRO A N   1 
ATOM   660  C CA  . PRO A 1 91  ? 5.302   6.600   -4.118  1.00 33.15 ? 278 PRO A CA  1 
ATOM   661  C C   . PRO A 1 91  ? 4.095   5.929   -3.471  1.00 31.15 ? 278 PRO A C   1 
ATOM   662  O O   . PRO A 1 91  ? 3.329   6.580   -2.757  1.00 27.67 ? 278 PRO A O   1 
ATOM   663  C CB  . PRO A 1 91  ? 6.494   6.612   -3.144  1.00 32.65 ? 278 PRO A CB  1 
ATOM   664  C CG  . PRO A 1 91  ? 7.068   7.981   -3.229  1.00 32.86 ? 278 PRO A CG  1 
ATOM   665  C CD  . PRO A 1 91  ? 5.902   8.861   -3.513  1.00 33.40 ? 278 PRO A CD  1 
ATOM   666  N N   . LEU A 1 92  ? 3.920   4.648   -3.762  1.00 31.99 ? 279 LEU A N   1 
ATOM   667  C CA  . LEU A 1 92  ? 2.996   3.814   -3.019  1.00 33.51 ? 279 LEU A CA  1 
ATOM   668  C C   . LEU A 1 92  ? 3.768   3.303   -1.828  1.00 32.35 ? 279 LEU A C   1 
ATOM   669  O O   . LEU A 1 92  ? 4.832   2.709   -1.995  1.00 33.19 ? 279 LEU A O   1 
ATOM   670  C CB  . LEU A 1 92  ? 2.503   2.635   -3.852  1.00 34.15 ? 279 LEU A CB  1 
ATOM   671  C CG  . LEU A 1 92  ? 1.550   1.668   -3.143  1.00 35.29 ? 279 LEU A CG  1 
ATOM   672  C CD1 . LEU A 1 92  ? 0.232   2.341   -2.794  1.00 35.44 ? 279 LEU A CD1 1 
ATOM   673  C CD2 . LEU A 1 92  ? 1.327   0.448   -4.014  1.00 36.27 ? 279 LEU A CD2 1 
ATOM   674  N N   . LYS A 1 93  ? 3.238   3.549   -0.636  1.00 31.81 ? 280 LYS A N   1 
ATOM   675  C CA  . LYS A 1 93  ? 3.852   3.104   0.602   1.00 30.46 ? 280 LYS A CA  1 
ATOM   676  C C   . LYS A 1 93  ? 2.909   2.121   1.261   1.00 30.43 ? 280 LYS A C   1 
ATOM   677  O O   . LYS A 1 93  ? 1.806   2.488   1.662   1.00 29.12 ? 280 LYS A O   1 
ATOM   678  C CB  . LYS A 1 93  ? 4.116   4.288   1.518   1.00 30.40 ? 280 LYS A CB  1 
ATOM   679  C CG  . LYS A 1 93  ? 5.129   5.255   0.951   1.00 30.99 ? 280 LYS A CG  1 
ATOM   680  C CD  . LYS A 1 93  ? 5.558   6.284   1.981   1.00 30.94 ? 280 LYS A CD  1 
ATOM   681  C CE  . LYS A 1 93  ? 6.610   7.214   1.404   1.00 30.08 ? 280 LYS A CE  1 
ATOM   682  N NZ  . LYS A 1 93  ? 7.088   8.174   2.426   1.00 31.33 ? 280 LYS A NZ  1 
ATOM   683  N N   . ILE A 1 94  ? 3.335   0.864   1.324   1.00 31.26 ? 281 ILE A N   1 
ATOM   684  C CA  . ILE A 1 94  ? 2.583   -0.189  1.978   1.00 32.21 ? 281 ILE A CA  1 
ATOM   685  C C   . ILE A 1 94  ? 3.181   -0.390  3.370   1.00 34.66 ? 281 ILE A C   1 
ATOM   686  O O   . ILE A 1 94  ? 4.406   -0.506  3.517   1.00 34.69 ? 281 ILE A O   1 
ATOM   687  C CB  . ILE A 1 94  ? 2.645   -1.498  1.170   1.00 32.61 ? 281 ILE A CB  1 
ATOM   688  C CG1 . ILE A 1 94  ? 1.998   -1.296  -0.211  1.00 33.73 ? 281 ILE A CG1 1 
ATOM   689  C CG2 . ILE A 1 94  ? 1.957   -2.627  1.936   1.00 32.51 ? 281 ILE A CG2 1 
ATOM   690  C CD1 . ILE A 1 94  ? 2.257   -2.415  -1.202  1.00 34.53 ? 281 ILE A CD1 1 
ATOM   691  N N   . LEU A 1 95  ? 2.320   -0.387  4.384   1.00 34.83 ? 282 LEU A N   1 
ATOM   692  C CA  . LEU A 1 95  ? 2.708   -0.749  5.744   1.00 34.94 ? 282 LEU A CA  1 
ATOM   693  C C   . LEU A 1 95  ? 2.481   -2.242  5.913   1.00 35.20 ? 282 LEU A C   1 
ATOM   694  O O   . LEU A 1 95  ? 1.426   -2.769  5.543   1.00 36.60 ? 282 LEU A O   1 
ATOM   695  C CB  . LEU A 1 95  ? 1.901   0.026   6.788   1.00 35.39 ? 282 LEU A CB  1 
ATOM   696  C CG  . LEU A 1 95  ? 2.206   1.520   6.934   1.00 35.11 ? 282 LEU A CG  1 
ATOM   697  C CD1 . LEU A 1 95  ? 1.082   2.213   7.689   1.00 35.13 ? 282 LEU A CD1 1 
ATOM   698  C CD2 . LEU A 1 95  ? 3.541   1.744   7.628   1.00 34.84 ? 282 LEU A CD2 1 
ATOM   699  N N   . ALA A 1 96  ? 3.481   -2.916  6.467   1.00 36.00 ? 283 ALA A N   1 
ATOM   700  C CA  . ALA A 1 96  ? 3.439   -4.357  6.675   1.00 35.89 ? 283 ALA A CA  1 
ATOM   701  C C   . ALA A 1 96  ? 4.124   -4.679  7.995   1.00 34.56 ? 283 ALA A C   1 
ATOM   702  O O   . ALA A 1 96  ? 5.234   -4.201  8.256   1.00 32.82 ? 283 ALA A O   1 
ATOM   703  C CB  . ALA A 1 96  ? 4.133   -5.075  5.525   1.00 37.50 ? 283 ALA A CB  1 
ATOM   704  N N   . HIS A 1 97  ? 3.457   -5.492  8.815   1.00 33.58 ? 284 HIS A N   1 
ATOM   705  C CA  . HIS A 1 97  ? 3.968   -5.865  10.126  1.00 32.00 ? 284 HIS A CA  1 
ATOM   706  C C   . HIS A 1 97  ? 5.239   -6.691  9.968   1.00 31.66 ? 284 HIS A C   1 
ATOM   707  O O   . HIS A 1 97  ? 5.295   -7.603  9.131   1.00 29.12 ? 284 HIS A O   1 
ATOM   708  C CB  . HIS A 1 97  ? 2.919   -6.651  10.911  1.00 32.73 ? 284 HIS A CB  1 
ATOM   709  C CG  . HIS A 1 97  ? 3.252   -6.823  12.356  1.00 34.54 ? 284 HIS A CG  1 
ATOM   710  N ND1 . HIS A 1 97  ? 4.133   -7.778  12.812  1.00 34.12 ? 284 HIS A ND1 1 
ATOM   711  C CD2 . HIS A 1 97  ? 2.818   -6.157  13.451  1.00 35.88 ? 284 HIS A CD2 1 
ATOM   712  C CE1 . HIS A 1 97  ? 4.226   -7.694  14.128  1.00 35.13 ? 284 HIS A CE1 1 
ATOM   713  N NE2 . HIS A 1 97  ? 3.437   -6.720  14.540  1.00 34.68 ? 284 HIS A NE2 1 
ATOM   714  N N   . ASN A 1 98  ? 6.236   -6.371  10.795  1.00 29.75 ? 285 ASN A N   1 
ATOM   715  C CA  . ASN A 1 98  ? 7.590   -6.925  10.678  1.00 29.55 ? 285 ASN A CA  1 
ATOM   716  C C   . ASN A 1 98  ? 7.647   -8.461  10.699  1.00 29.76 ? 285 ASN A C   1 
ATOM   717  O O   . ASN A 1 98  ? 8.457   -9.069  10.005  1.00 28.34 ? 285 ASN A O   1 
ATOM   718  C CB  . ASN A 1 98  ? 8.466   -6.369  11.806  1.00 30.41 ? 285 ASN A CB  1 
ATOM   719  C CG  . ASN A 1 98  ? 9.932   -6.623  11.575  1.00 30.00 ? 285 ASN A CG  1 
ATOM   720  O OD1 . ASN A 1 98  ? 10.483  -6.202  10.562  1.00 32.09 ? 285 ASN A OD1 1 
ATOM   721  N ND2 . ASN A 1 98  ? 10.571  -7.310  12.508  1.00 29.56 ? 285 ASN A ND2 1 
ATOM   722  N N   . ASN A 1 99  ? 6.789   -9.066  11.517  1.00 30.82 ? 286 ASN A N   1 
ATOM   723  C CA  . ASN A 1 99  ? 6.596   -10.521 11.550  1.00 31.59 ? 286 ASN A CA  1 
ATOM   724  C C   . ASN A 1 99  ? 6.261   -11.167 10.201  1.00 32.03 ? 286 ASN A C   1 
ATOM   725  O O   . ASN A 1 99  ? 6.498   -12.359 10.032  1.00 32.92 ? 286 ASN A O   1 
ATOM   726  C CB  . ASN A 1 99  ? 5.473   -10.888 12.530  1.00 32.78 ? 286 ASN A CB  1 
ATOM   727  C CG  . ASN A 1 99  ? 5.843   -10.644 13.986  1.00 33.42 ? 286 ASN A CG  1 
ATOM   728  O OD1 . ASN A 1 99  ? 6.817   -9.948  14.304  1.00 32.60 ? 286 ASN A OD1 1 
ATOM   729  N ND2 . ASN A 1 99  ? 5.041   -11.205 14.886  1.00 33.77 ? 286 ASN A ND2 1 
ATOM   730  N N   . PHE A 1 100 ? 5.688   -10.402 9.266   1.00 32.76 ? 287 PHE A N   1 
ATOM   731  C CA  . PHE A 1 100 ? 5.243   -10.943 7.970   1.00 33.96 ? 287 PHE A CA  1 
ATOM   732  C C   . PHE A 1 100 ? 6.015   -10.440 6.737   1.00 32.14 ? 287 PHE A C   1 
ATOM   733  O O   . PHE A 1 100 ? 5.526   -10.584 5.619   1.00 32.41 ? 287 PHE A O   1 
ATOM   734  C CB  . PHE A 1 100 ? 3.738   -10.695 7.816   1.00 33.14 ? 287 PHE A CB  1 
ATOM   735  C CG  . PHE A 1 100 ? 2.963   -10.965 9.077   1.00 35.15 ? 287 PHE A CG  1 
ATOM   736  C CD1 . PHE A 1 100 ? 3.103   -12.179 9.748   1.00 35.50 ? 287 PHE A CD1 1 
ATOM   737  C CD2 . PHE A 1 100 ? 2.120   -10.002 9.617   1.00 35.71 ? 287 PHE A CD2 1 
ATOM   738  C CE1 . PHE A 1 100 ? 2.410   -12.425 10.922  1.00 35.42 ? 287 PHE A CE1 1 
ATOM   739  C CE2 . PHE A 1 100 ? 1.427   -10.244 10.790  1.00 36.01 ? 287 PHE A CE2 1 
ATOM   740  C CZ  . PHE A 1 100 ? 1.568   -11.458 11.441  1.00 36.00 ? 287 PHE A CZ  1 
ATOM   741  N N   . VAL A 1 101 ? 7.220   -9.896  6.945   1.00 31.08 ? 288 VAL A N   1 
ATOM   742  C CA  . VAL A 1 101 ? 8.090   -9.422  5.845   1.00 31.06 ? 288 VAL A CA  1 
ATOM   743  C C   . VAL A 1 101 ? 9.256   -10.367 5.495   1.00 32.15 ? 288 VAL A C   1 
ATOM   744  O O   . VAL A 1 101 ? 10.098  -10.026 4.652   1.00 30.24 ? 288 VAL A O   1 
ATOM   745  C CB  . VAL A 1 101 ? 8.670   -8.011  6.139   1.00 30.82 ? 288 VAL A CB  1 
ATOM   746  C CG1 . VAL A 1 101 ? 7.559   -7.033  6.490   1.00 31.44 ? 288 VAL A CG1 1 
ATOM   747  C CG2 . VAL A 1 101 ? 9.741   -8.044  7.228   1.00 30.89 ? 288 VAL A CG2 1 
ATOM   748  N N   . GLY A 1 102 ? 9.302   -11.546 6.123   1.00 33.09 ? 289 GLY A N   1 
ATOM   749  C CA  . GLY A 1 102 ? 10.418  -12.482 5.952   1.00 34.37 ? 289 GLY A CA  1 
ATOM   750  C C   . GLY A 1 102 ? 10.620  -12.962 4.524   1.00 35.34 ? 289 GLY A C   1 
ATOM   751  O O   . GLY A 1 102 ? 11.752  -13.155 4.082   1.00 34.04 ? 289 GLY A O   1 
ATOM   752  N N   . ARG A 1 103 ? 9.517   -13.158 3.809   1.00 35.84 ? 290 ARG A N   1 
ATOM   753  C CA  . ARG A 1 103 ? 9.564   -13.605 2.421   1.00 37.31 ? 290 ARG A CA  1 
ATOM   754  C C   . ARG A 1 103 ? 9.991   -12.511 1.437   1.00 35.62 ? 290 ARG A C   1 
ATOM   755  O O   . ARG A 1 103 ? 10.458  -12.834 0.350   1.00 33.83 ? 290 ARG A O   1 
ATOM   756  C CB  . ARG A 1 103 ? 8.219   -14.201 2.008   1.00 39.94 ? 290 ARG A CB  1 
ATOM   757  C CG  . ARG A 1 103 ? 7.890   -15.509 2.716   1.00 42.25 ? 290 ARG A CG  1 
ATOM   758  C CD  . ARG A 1 103 ? 8.876   -16.632 2.406   1.00 44.36 ? 290 ARG A CD  1 
ATOM   759  N NE  . ARG A 1 103 ? 9.270   -16.690 0.994   1.00 47.28 ? 290 ARG A NE  1 
ATOM   760  C CZ  . ARG A 1 103 ? 8.505   -17.120 -0.015  1.00 47.99 ? 290 ARG A CZ  1 
ATOM   761  N NH1 . ARG A 1 103 ? 7.261   -17.564 0.189   1.00 48.34 ? 290 ARG A NH1 1 
ATOM   762  N NH2 . ARG A 1 103 ? 8.991   -17.109 -1.255  1.00 47.82 ? 290 ARG A NH2 1 
ATOM   763  N N   . LEU A 1 104 ? 9.839   -11.240 1.810   1.00 37.50 ? 291 LEU A N   1 
ATOM   764  C CA  . LEU A 1 104 ? 10.354  -10.121 0.997   1.00 41.40 ? 291 LEU A CA  1 
ATOM   765  C C   . LEU A 1 104 ? 11.844  -9.866  1.214   1.00 39.79 ? 291 LEU A C   1 
ATOM   766  O O   . LEU A 1 104 ? 12.596  -9.806  0.247   1.00 44.81 ? 291 LEU A O   1 
ATOM   767  C CB  . LEU A 1 104 ? 9.568   -8.833  1.261   1.00 41.97 ? 291 LEU A CB  1 
ATOM   768  C CG  . LEU A 1 104 ? 8.168   -8.764  0.652   1.00 42.37 ? 291 LEU A CG  1 
ATOM   769  C CD1 . LEU A 1 104 ? 7.450   -7.511  1.129   1.00 44.35 ? 291 LEU A CD1 1 
ATOM   770  C CD2 . LEU A 1 104 ? 8.229   -8.806  -0.871  1.00 43.02 ? 291 LEU A CD2 1 
ATOM   771  N N   . ILE A 1 105 ? 12.251  -9.698  2.471   1.00 38.75 ? 292 ILE A N   1 
ATOM   772  C CA  . ILE A 1 105 ? 13.664  -9.438  2.833   1.00 41.37 ? 292 ILE A CA  1 
ATOM   773  C C   . ILE A 1 105 ? 14.559  -10.687 2.923   1.00 41.31 ? 292 ILE A C   1 
ATOM   774  O O   . ILE A 1 105 ? 15.783  -10.556 3.022   1.00 41.89 ? 292 ILE A O   1 
ATOM   775  C CB  . ILE A 1 105 ? 13.804  -8.677  4.187   1.00 43.63 ? 292 ILE A CB  1 
ATOM   776  C CG1 . ILE A 1 105 ? 13.139  -9.442  5.349   1.00 44.82 ? 292 ILE A CG1 1 
ATOM   777  C CG2 . ILE A 1 105 ? 13.233  -7.272  4.075   1.00 44.25 ? 292 ILE A CG2 1 
ATOM   778  C CD1 . ILE A 1 105 ? 13.916  -9.404  6.647   1.00 47.39 ? 292 ILE A CD1 1 
ATOM   779  N N   . GLY A 1 106 ? 13.962  -11.880 2.924   1.00 40.15 ? 293 GLY A N   1 
ATOM   780  C CA  . GLY A 1 106 ? 14.718  -13.125 3.066   1.00 38.67 ? 293 GLY A CA  1 
ATOM   781  C C   . GLY A 1 106 ? 15.601  -13.414 1.868   1.00 40.60 ? 293 GLY A C   1 
ATOM   782  O O   . GLY A 1 106 ? 15.262  -13.055 0.734   1.00 40.93 ? 293 GLY A O   1 
ATOM   783  N N   . ASP A 1 107 ? 16.738  -14.060 2.133   1.00 39.46 ? 294 ASP A N   1 
ATOM   784  C CA  . ASP A 1 107 ? 17.754  -14.351 1.126   1.00 39.44 ? 294 ASP A CA  1 
ATOM   785  C C   . ASP A 1 107 ? 18.194  -13.075 0.405   1.00 39.46 ? 294 ASP A C   1 
ATOM   786  O O   . ASP A 1 107 ? 18.029  -12.938 -0.809  1.00 39.18 ? 294 ASP A O   1 
ATOM   787  C CB  . ASP A 1 107 ? 17.259  -15.422 0.142   1.00 40.66 ? 294 ASP A CB  1 
ATOM   788  C CG  . ASP A 1 107 ? 16.844  -16.715 0.834   1.00 41.47 ? 294 ASP A CG  1 
ATOM   789  O OD1 . ASP A 1 107 ? 17.362  -17.020 1.933   1.00 43.71 ? 294 ASP A OD1 1 
ATOM   790  O OD2 . ASP A 1 107 ? 15.997  -17.433 0.269   1.00 43.02 ? 294 ASP A OD2 1 
ATOM   791  N N   . ASP A 1 108 ? 18.725  -12.142 1.194   1.00 39.24 ? 295 ASP A N   1 
ATOM   792  C CA  . ASP A 1 108 ? 19.287  -10.873 0.710   1.00 40.02 ? 295 ASP A CA  1 
ATOM   793  C C   . ASP A 1 108 ? 18.293  -10.023 -0.095  1.00 41.30 ? 295 ASP A C   1 
ATOM   794  O O   . ASP A 1 108 ? 18.690  -9.258  -0.979  1.00 43.75 ? 295 ASP A O   1 
ATOM   795  C CB  . ASP A 1 108 ? 20.566  -11.145 -0.104  1.00 39.19 ? 295 ASP A CB  1 
ATOM   796  C CG  . ASP A 1 108 ? 21.417  -9.895  -0.317  1.00 38.22 ? 295 ASP A CG  1 
ATOM   797  O OD1 . ASP A 1 108 ? 21.538  -9.073  0.615   1.00 34.34 ? 295 ASP A OD1 1 
ATOM   798  O OD2 . ASP A 1 108 ? 21.966  -9.742  -1.432  1.00 39.28 ? 295 ASP A OD2 1 
ATOM   799  N N   . GLY A 1 109 ? 17.005  -10.153 0.222   1.00 41.76 ? 296 GLY A N   1 
ATOM   800  C CA  . GLY A 1 109 ? 15.946  -9.455  -0.503  1.00 41.41 ? 296 GLY A CA  1 
ATOM   801  C C   . GLY A 1 109 ? 15.747  -9.959  -1.919  1.00 41.76 ? 296 GLY A C   1 
ATOM   802  O O   . GLY A 1 109 ? 15.638  -9.158  -2.848  1.00 42.47 ? 296 GLY A O   1 
ATOM   803  N N   . ARG A 1 110 ? 15.687  -11.282 -2.080  1.00 42.17 ? 297 ARG A N   1 
ATOM   804  C CA  . ARG A 1 110 ? 15.534  -11.907 -3.402  1.00 41.54 ? 297 ARG A CA  1 
ATOM   805  C C   . ARG A 1 110 ? 14.185  -11.565 -4.022  1.00 40.40 ? 297 ARG A C   1 
ATOM   806  O O   . ARG A 1 110 ? 14.126  -11.040 -5.130  1.00 38.74 ? 297 ARG A O   1 
ATOM   807  C CB  . ARG A 1 110 ? 15.689  -13.433 -3.319  1.00 42.17 ? 297 ARG A CB  1 
ATOM   808  C CG  . ARG A 1 110 ? 15.768  -14.129 -4.673  1.00 44.32 ? 297 ARG A CG  1 
ATOM   809  C CD  . ARG A 1 110 ? 15.759  -15.643 -4.539  1.00 45.29 ? 297 ARG A CD  1 
ATOM   810  N NE  . ARG A 1 110 ? 16.937  -16.156 -3.834  1.00 47.94 ? 297 ARG A NE  1 
ATOM   811  C CZ  . ARG A 1 110 ? 18.165  -16.276 -4.352  1.00 48.53 ? 297 ARG A CZ  1 
ATOM   812  N NH1 . ARG A 1 110 ? 18.436  -15.910 -5.606  1.00 49.48 ? 297 ARG A NH1 1 
ATOM   813  N NH2 . ARG A 1 110 ? 19.143  -16.771 -3.597  1.00 48.43 ? 297 ARG A NH2 1 
ATOM   814  N N   . ASN A 1 111 ? 13.109  -11.864 -3.299  1.00 42.09 ? 298 ASN A N   1 
ATOM   815  C CA  . ASN A 1 111 ? 11.748  -11.602 -3.790  1.00 41.18 ? 298 ASN A CA  1 
ATOM   816  C C   . ASN A 1 111 ? 11.432  -10.107 -3.950  1.00 40.47 ? 298 ASN A C   1 
ATOM   817  O O   . ASN A 1 111 ? 10.579  -9.748  -4.750  1.00 42.22 ? 298 ASN A O   1 
ATOM   818  C CB  . ASN A 1 111 ? 10.699  -12.267 -2.886  1.00 41.05 ? 298 ASN A CB  1 
ATOM   819  C CG  . ASN A 1 111 ? 10.717  -13.790 -2.968  1.00 41.51 ? 298 ASN A CG  1 
ATOM   820  O OD1 . ASN A 1 111 ? 10.966  -14.362 -4.033  1.00 41.37 ? 298 ASN A OD1 1 
ATOM   821  N ND2 . ASN A 1 111 ? 10.475  -14.455 -1.843  1.00 42.43 ? 298 ASN A ND2 1 
ATOM   822  N N   . LEU A 1 112 ? 12.106  -9.248  -3.186  1.00 41.20 ? 299 LEU A N   1 
ATOM   823  C CA  . LEU A 1 112 ? 11.976  -7.797  -3.351  1.00 40.18 ? 299 LEU A CA  1 
ATOM   824  C C   . LEU A 1 112 ? 12.554  -7.377  -4.701  1.00 39.20 ? 299 LEU A C   1 
ATOM   825  O O   . LEU A 1 112 ? 11.889  -6.693  -5.484  1.00 38.74 ? 299 LEU A O   1 
ATOM   826  C CB  . LEU A 1 112 ? 12.686  -7.063  -2.208  1.00 41.72 ? 299 LEU A CB  1 
ATOM   827  C CG  . LEU A 1 112 ? 12.522  -5.536  -2.139  1.00 43.15 ? 299 LEU A CG  1 
ATOM   828  C CD1 . LEU A 1 112 ? 12.438  -5.061  -0.697  1.00 44.35 ? 299 LEU A CD1 1 
ATOM   829  C CD2 . LEU A 1 112 ? 13.635  -4.798  -2.879  1.00 44.91 ? 299 LEU A CD2 1 
ATOM   830  N N   . LYS A 1 113 ? 13.785  -7.809  -4.965  1.00 37.53 ? 300 LYS A N   1 
ATOM   831  C CA  . LYS A 1 113 ? 14.475  -7.528  -6.227  1.00 36.61 ? 300 LYS A CA  1 
ATOM   832  C C   . LYS A 1 113 ? 13.810  -8.234  -7.413  1.00 36.48 ? 300 LYS A C   1 
ATOM   833  O O   . LYS A 1 113 ? 13.761  -7.682  -8.510  1.00 32.61 ? 300 LYS A O   1 
ATOM   834  C CB  . LYS A 1 113 ? 15.957  -7.904  -6.131  1.00 35.93 ? 300 LYS A CB  1 
ATOM   835  C CG  . LYS A 1 113 ? 16.729  -7.046  -5.133  1.00 37.40 ? 300 LYS A CG  1 
ATOM   836  C CD  . LYS A 1 113 ? 18.046  -7.681  -4.702  1.00 38.61 ? 300 LYS A CD  1 
ATOM   837  C CE  . LYS A 1 113 ? 18.650  -6.944  -3.510  1.00 39.16 ? 300 LYS A CE  1 
ATOM   838  N NZ  . LYS A 1 113 ? 20.021  -7.427  -3.163  1.00 39.68 ? 300 LYS A NZ  1 
ATOM   839  N N   . LYS A 1 114 ? 13.297  -9.443  -7.182  1.00 38.23 ? 301 LYS A N   1 
ATOM   840  C CA  . LYS A 1 114 ? 12.458  -10.156 -8.161  1.00 39.82 ? 301 LYS A CA  1 
ATOM   841  C C   . LYS A 1 114 ? 11.260  -9.308  -8.587  1.00 35.69 ? 301 LYS A C   1 
ATOM   842  O O   . LYS A 1 114 ? 11.010  -9.144  -9.774  1.00 37.60 ? 301 LYS A O   1 
ATOM   843  C CB  . LYS A 1 114 ? 11.946  -11.475 -7.570  1.00 43.60 ? 301 LYS A CB  1 
ATOM   844  C CG  . LYS A 1 114 ? 11.192  -12.384 -8.539  1.00 47.99 ? 301 LYS A CG  1 
ATOM   845  C CD  . LYS A 1 114 ? 12.080  -13.464 -9.143  1.00 52.22 ? 301 LYS A CD  1 
ATOM   846  C CE  . LYS A 1 114 ? 11.254  -14.576 -9.775  1.00 54.54 ? 301 LYS A CE  1 
ATOM   847  N NZ  . LYS A 1 114 ? 12.078  -15.755 -10.171 1.00 55.71 ? 301 LYS A NZ  1 
ATOM   848  N N   . ILE A 1 115 ? 10.537  -8.774  -7.612  1.00 34.54 ? 302 ILE A N   1 
ATOM   849  C CA  . ILE A 1 115 ? 9.364   -7.933  -7.877  1.00 34.40 ? 302 ILE A CA  1 
ATOM   850  C C   . ILE A 1 115 ? 9.750   -6.615  -8.569  1.00 35.01 ? 302 ILE A C   1 
ATOM   851  O O   . ILE A 1 115 ? 9.034   -6.177  -9.479  1.00 36.58 ? 302 ILE A O   1 
ATOM   852  C CB  . ILE A 1 115 ? 8.523   -7.690  -6.591  1.00 32.48 ? 302 ILE A CB  1 
ATOM   853  C CG1 . ILE A 1 115 ? 7.863   -9.007  -6.143  1.00 31.75 ? 302 ILE A CG1 1 
ATOM   854  C CG2 . ILE A 1 115 ? 7.438   -6.644  -6.830  1.00 31.53 ? 302 ILE A CG2 1 
ATOM   855  C CD1 . ILE A 1 115 ? 7.418   -9.031  -4.696  1.00 32.89 ? 302 ILE A CD1 1 
ATOM   856  N N   . GLU A 1 116 ? 10.858  -5.995  -8.143  1.00 32.29 ? 303 GLU A N   1 
ATOM   857  C CA  . GLU A 1 116 ? 11.403  -4.809  -8.822  1.00 32.86 ? 303 GLU A CA  1 
ATOM   858  C C   . GLU A 1 116 ? 11.536  -5.048  -10.321 1.00 33.23 ? 303 GLU A C   1 
ATOM   859  O O   . GLU A 1 116 ? 11.031  -4.257  -11.118 1.00 33.45 ? 303 GLU A O   1 
ATOM   860  C CB  . GLU A 1 116 ? 12.778  -4.408  -8.264  1.00 33.78 ? 303 GLU A CB  1 
ATOM   861  C CG  . GLU A 1 116 ? 12.742  -3.603  -6.976  1.00 34.59 ? 303 GLU A CG  1 
ATOM   862  C CD  . GLU A 1 116 ? 14.101  -3.016  -6.612  1.00 33.93 ? 303 GLU A CD  1 
ATOM   863  O OE1 . GLU A 1 116 ? 15.123  -3.737  -6.714  1.00 33.63 ? 303 GLU A OE1 1 
ATOM   864  O OE2 . GLU A 1 116 ? 14.140  -1.825  -6.221  1.00 30.57 ? 303 GLU A OE2 1 
ATOM   865  N N   . GLN A 1 117 ? 12.200  -6.152  -10.681 1.00 34.32 ? 304 GLN A N   1 
ATOM   866  C CA  . GLN A 1 117 ? 12.439  -6.525  -12.083 1.00 34.87 ? 304 GLN A CA  1 
ATOM   867  C C   . GLN A 1 117 ? 11.139  -6.784  -12.866 1.00 33.68 ? 304 GLN A C   1 
ATOM   868  O O   . GLN A 1 117 ? 11.030  -6.380  -14.018 1.00 34.97 ? 304 GLN A O   1 
ATOM   869  C CB  . GLN A 1 117 ? 13.344  -7.768  -12.198 1.00 37.38 ? 304 GLN A CB  1 
ATOM   870  C CG  . GLN A 1 117 ? 14.735  -7.687  -11.565 1.00 41.04 ? 304 GLN A CG  1 
ATOM   871  C CD  . GLN A 1 117 ? 15.575  -6.513  -12.034 1.00 44.30 ? 304 GLN A CD  1 
ATOM   872  O OE1 . GLN A 1 117 ? 15.656  -5.486  -11.358 1.00 47.77 ? 304 GLN A OE1 1 
ATOM   873  N NE2 . GLN A 1 117 ? 16.219  -6.665  -13.187 1.00 47.16 ? 304 GLN A NE2 1 
ATOM   874  N N   . ASP A 1 118 ? 10.163  -7.443  -12.239 1.00 33.75 ? 305 ASP A N   1 
ATOM   875  C CA  . ASP A 1 118 ? 8.891   -7.794  -12.908 1.00 34.25 ? 305 ASP A CA  1 
ATOM   876  C C   . ASP A 1 118 ? 7.955   -6.613  -13.137 1.00 34.03 ? 305 ASP A C   1 
ATOM   877  O O   . ASP A 1 118 ? 7.000   -6.736  -13.907 1.00 33.57 ? 305 ASP A O   1 
ATOM   878  C CB  . ASP A 1 118 ? 8.107   -8.835  -12.096 1.00 35.17 ? 305 ASP A CB  1 
ATOM   879  C CG  . ASP A 1 118 ? 8.857   -10.139 -11.912 1.00 36.78 ? 305 ASP A CG  1 
ATOM   880  O OD1 . ASP A 1 118 ? 9.601   -10.567 -12.824 1.00 38.93 ? 305 ASP A OD1 1 
ATOM   881  O OD2 . ASP A 1 118 ? 8.684   -10.746 -10.839 1.00 40.17 ? 305 ASP A OD2 1 
ATOM   882  N N   . THR A 1 119 ? 8.191   -5.499  -12.442 1.00 34.45 ? 306 THR A N   1 
ATOM   883  C CA  . THR A 1 119 ? 7.295   -4.346  -12.476 1.00 33.42 ? 306 THR A CA  1 
ATOM   884  C C   . THR A 1 119 ? 7.921   -3.017  -12.934 1.00 33.26 ? 306 THR A C   1 
ATOM   885  O O   . THR A 1 119 ? 7.182   -2.076  -13.180 1.00 33.72 ? 306 THR A O   1 
ATOM   886  C CB  . THR A 1 119 ? 6.638   -4.151  -11.091 1.00 33.73 ? 306 THR A CB  1 
ATOM   887  O OG1 . THR A 1 119 ? 7.647   -4.136  -10.072 1.00 34.53 ? 306 THR A OG1 1 
ATOM   888  C CG2 . THR A 1 119 ? 5.662   -5.283  -10.798 1.00 33.68 ? 306 THR A CG2 1 
ATOM   889  N N   . ASP A 1 120 ? 9.242   -2.938  -13.095 1.00 32.81 ? 307 ASP A N   1 
ATOM   890  C CA  . ASP A 1 120 ? 9.940   -1.658  -13.340 1.00 32.59 ? 307 ASP A CA  1 
ATOM   891  C C   . ASP A 1 120 ? 9.681   -0.631  -12.239 1.00 32.97 ? 307 ASP A C   1 
ATOM   892  O O   . ASP A 1 120 ? 9.392   0.538   -12.516 1.00 33.39 ? 307 ASP A O   1 
ATOM   893  C CB  . ASP A 1 120 ? 9.581   -1.053  -14.705 1.00 34.50 ? 307 ASP A CB  1 
ATOM   894  C CG  . ASP A 1 120 ? 10.001  -1.918  -15.855 1.00 35.78 ? 307 ASP A CG  1 
ATOM   895  O OD1 . ASP A 1 120 ? 11.204  -2.237  -15.948 1.00 35.83 ? 307 ASP A OD1 1 
ATOM   896  O OD2 . ASP A 1 120 ? 9.131   -2.253  -16.684 1.00 36.76 ? 307 ASP A OD2 1 
ATOM   897  N N   . THR A 1 121 ? 9.776   -1.089  -10.993 1.00 32.49 ? 308 THR A N   1 
ATOM   898  C CA  . THR A 1 121 ? 9.607   -0.248  -9.815  1.00 31.04 ? 308 THR A CA  1 
ATOM   899  C C   . THR A 1 121 ? 10.905  -0.243  -9.026  1.00 32.66 ? 308 THR A C   1 
ATOM   900  O O   . THR A 1 121 ? 11.691  -1.184  -9.112  1.00 34.29 ? 308 THR A O   1 
ATOM   901  C CB  . THR A 1 121 ? 8.479   -0.773  -8.904  1.00 29.90 ? 308 THR A CB  1 
ATOM   902  O OG1 . THR A 1 121 ? 8.681   -2.169  -8.630  1.00 26.41 ? 308 THR A OG1 1 
ATOM   903  C CG2 . THR A 1 121 ? 7.119   -0.581  -9.557  1.00 29.98 ? 308 THR A CG2 1 
ATOM   904  N N   . LYS A 1 122 ? 11.128  0.838   -8.282  1.00 34.75 ? 309 LYS A N   1 
ATOM   905  C CA  . LYS A 1 122 ? 12.181  0.905   -7.278  1.00 35.79 ? 309 LYS A CA  1 
ATOM   906  C C   . LYS A 1 122 ? 11.492  0.707   -5.930  1.00 34.90 ? 309 LYS A C   1 
ATOM   907  O O   . LYS A 1 122 ? 10.685  1.539   -5.524  1.00 32.56 ? 309 LYS A O   1 
ATOM   908  C CB  . LYS A 1 122 ? 12.891  2.255   -7.333  1.00 38.12 ? 309 LYS A CB  1 
ATOM   909  C CG  . LYS A 1 122 ? 13.575  2.539   -8.662  1.00 39.02 ? 309 LYS A CG  1 
ATOM   910  C CD  . LYS A 1 122 ? 14.293  3.881   -8.662  1.00 40.54 ? 309 LYS A CD  1 
ATOM   911  C CE  . LYS A 1 122 ? 13.322  5.051   -8.610  0.50 40.70 ? 309 LYS A CE  1 
ATOM   912  N NZ  . LYS A 1 122 ? 13.988  6.344   -8.927  0.50 41.70 ? 309 LYS A NZ  1 
ATOM   913  N N   . ILE A 1 123 ? 11.789  -0.414  -5.273  1.00 34.47 ? 310 ILE A N   1 
ATOM   914  C CA  . ILE A 1 123 ? 11.155  -0.802  -4.022  1.00 34.75 ? 310 ILE A CA  1 
ATOM   915  C C   . ILE A 1 123 ? 12.193  -0.716  -2.920  1.00 35.49 ? 310 ILE A C   1 
ATOM   916  O O   . ILE A 1 123 ? 13.289  -1.255  -3.050  1.00 35.97 ? 310 ILE A O   1 
ATOM   917  C CB  . ILE A 1 123 ? 10.564  -2.226  -4.085  1.00 34.42 ? 310 ILE A CB  1 
ATOM   918  C CG1 . ILE A 1 123 ? 9.364   -2.239  -5.037  1.00 34.84 ? 310 ILE A CG1 1 
ATOM   919  C CG2 . ILE A 1 123 ? 10.122  -2.697  -2.699  1.00 35.92 ? 310 ILE A CG2 1 
ATOM   920  C CD1 . ILE A 1 123 ? 8.875   -3.616  -5.419  1.00 34.44 ? 310 ILE A CD1 1 
ATOM   921  N N   . THR A 1 124 ? 11.824  -0.035  -1.840  1.00 35.59 ? 311 THR A N   1 
ATOM   922  C CA  . THR A 1 124 ? 12.678  0.138   -0.671  1.00 34.65 ? 311 THR A CA  1 
ATOM   923  C C   . THR A 1 124 ? 11.849  -0.213  0.560   1.00 33.11 ? 311 THR A C   1 
ATOM   924  O O   . THR A 1 124 ? 10.660  0.089   0.607   1.00 34.50 ? 311 THR A O   1 
ATOM   925  C CB  . THR A 1 124 ? 13.205  1.588   -0.601  1.00 35.40 ? 311 THR A CB  1 
ATOM   926  O OG1 . THR A 1 124 ? 14.186  1.782   -1.627  1.00 36.24 ? 311 THR A OG1 1 
ATOM   927  C CG2 . THR A 1 124 ? 13.843  1.905   0.745   1.00 36.21 ? 311 THR A CG2 1 
ATOM   928  N N   . ILE A 1 125 ? 12.479  -0.866  1.533   1.00 31.09 ? 312 ILE A N   1 
ATOM   929  C CA  . ILE A 1 125 ? 11.846  -1.182  2.813   1.00 30.24 ? 312 ILE A CA  1 
ATOM   930  C C   . ILE A 1 125 ? 12.539  -0.366  3.907   1.00 29.83 ? 312 ILE A C   1 
ATOM   931  O O   . ILE A 1 125 ? 13.769  -0.307  3.968   1.00 28.64 ? 312 ILE A O   1 
ATOM   932  C CB  . ILE A 1 125 ? 11.840  -2.712  3.110   1.00 31.94 ? 312 ILE A CB  1 
ATOM   933  C CG1 . ILE A 1 125 ? 10.979  -3.027  4.338   1.00 33.09 ? 312 ILE A CG1 1 
ATOM   934  C CG2 . ILE A 1 125 ? 13.245  -3.285  3.310   1.00 32.93 ? 312 ILE A CG2 1 
ATOM   935  C CD1 . ILE A 1 125 ? 10.591  -4.490  4.454   1.00 33.57 ? 312 ILE A CD1 1 
ATOM   936  N N   . SER A 1 126 ? 11.743  0.284   4.752   1.00 28.73 ? 313 SER A N   1 
ATOM   937  C CA  . SER A 1 126 ? 12.262  1.066   5.867   1.00 29.34 ? 313 SER A CA  1 
ATOM   938  C C   . SER A 1 126 ? 13.164  0.210   6.775   1.00 31.24 ? 313 SER A C   1 
ATOM   939  O O   . SER A 1 126 ? 12.918  -0.990  6.930   1.00 30.14 ? 313 SER A O   1 
ATOM   940  C CB  . SER A 1 126 ? 11.106  1.644   6.688   1.00 29.39 ? 313 SER A CB  1 
ATOM   941  O OG  . SER A 1 126 ? 10.232  0.617   7.136   1.00 28.01 ? 313 SER A OG  1 
ATOM   942  N N   . PRO A 1 127 ? 14.217  0.815   7.363   1.00 31.05 ? 314 PRO A N   1 
ATOM   943  C CA  . PRO A 1 127 ? 15.103  0.037   8.230   1.00 33.26 ? 314 PRO A CA  1 
ATOM   944  C C   . PRO A 1 127 ? 14.397  -0.441  9.500   1.00 35.41 ? 314 PRO A C   1 
ATOM   945  O O   . PRO A 1 127 ? 13.603  0.304   10.077  1.00 34.93 ? 314 PRO A O   1 
ATOM   946  C CB  . PRO A 1 127 ? 16.233  1.019   8.567   1.00 33.32 ? 314 PRO A CB  1 
ATOM   947  C CG  . PRO A 1 127 ? 15.690  2.373   8.295   1.00 33.18 ? 314 PRO A CG  1 
ATOM   948  C CD  . PRO A 1 127 ? 14.655  2.214   7.226   1.00 31.63 ? 314 PRO A CD  1 
ATOM   949  N N   . LEU A 1 128 ? 14.687  -1.673  9.916   1.00 38.37 ? 315 LEU A N   1 
ATOM   950  C CA  . LEU A 1 128 ? 14.090  -2.279  11.120  1.00 40.43 ? 315 LEU A CA  1 
ATOM   951  C C   . LEU A 1 128 ? 14.146  -1.337  12.329  1.00 40.43 ? 315 LEU A C   1 
ATOM   952  O O   . LEU A 1 128 ? 13.151  -1.153  13.028  1.00 37.97 ? 315 LEU A O   1 
ATOM   953  C CB  . LEU A 1 128 ? 14.805  -3.597  11.453  1.00 41.70 ? 315 LEU A CB  1 
ATOM   954  C CG  . LEU A 1 128 ? 14.291  -4.453  12.616  1.00 42.59 ? 315 LEU A CG  1 
ATOM   955  C CD1 . LEU A 1 128 ? 12.896  -4.992  12.335  1.00 42.96 ? 315 LEU A CD1 1 
ATOM   956  C CD2 . LEU A 1 128 ? 15.258  -5.595  12.873  1.00 42.34 ? 315 LEU A CD2 1 
ATOM   957  N N   . GLN A 1 129 ? 15.319  -0.748  12.547  1.00 41.98 ? 316 GLN A N   1 
ATOM   958  C CA  . GLN A 1 129 ? 15.546  0.259   13.602  1.00 45.04 ? 316 GLN A CA  1 
ATOM   959  C C   . GLN A 1 129 ? 14.602  1.480   13.642  1.00 44.97 ? 316 GLN A C   1 
ATOM   960  O O   . GLN A 1 129 ? 14.422  2.067   14.714  1.00 43.95 ? 316 GLN A O   1 
ATOM   961  C CB  . GLN A 1 129 ? 16.994  0.771   13.548  1.00 47.92 ? 316 GLN A CB  1 
ATOM   962  C CG  . GLN A 1 129 ? 17.419  1.414   12.223  1.00 48.91 ? 316 GLN A CG  1 
ATOM   963  C CD  . GLN A 1 129 ? 18.165  0.466   11.296  1.00 49.60 ? 316 GLN A CD  1 
ATOM   964  O OE1 . GLN A 1 129 ? 17.806  -0.706  11.170  1.00 48.28 ? 316 GLN A OE1 1 
ATOM   965  N NE2 . GLN A 1 129 ? 19.180  0.982   10.608  1.00 52.65 ? 316 GLN A NE2 1 
ATOM   966  N N   . GLU A 1 130 ? 14.040  1.876   12.496  1.00 44.67 ? 317 GLU A N   1 
ATOM   967  C CA  . GLU A 1 130 ? 13.137  3.048   12.430  1.00 46.26 ? 317 GLU A CA  1 
ATOM   968  C C   . GLU A 1 130 ? 11.802  2.869   13.159  1.00 47.49 ? 317 GLU A C   1 
ATOM   969  O O   . GLU A 1 130 ? 11.194  3.860   13.575  1.00 48.05 ? 317 GLU A O   1 
ATOM   970  C CB  . GLU A 1 130 ? 12.855  3.487   10.981  1.00 45.38 ? 317 GLU A CB  1 
ATOM   971  C CG  . GLU A 1 130 ? 13.681  4.677   10.507  1.00 45.80 ? 317 GLU A CG  1 
ATOM   972  C CD  . GLU A 1 130 ? 13.344  5.110   9.085   1.00 48.26 ? 317 GLU A CD  1 
ATOM   973  O OE1 . GLU A 1 130 ? 12.271  4.720   8.556   1.00 46.72 ? 317 GLU A OE1 1 
ATOM   974  O OE2 . GLU A 1 130 ? 14.154  5.854   8.491   1.00 49.50 ? 317 GLU A OE2 1 
ATOM   975  N N   . LEU A 1 131 ? 11.342  1.629   13.301  1.00 48.30 ? 318 LEU A N   1 
ATOM   976  C CA  . LEU A 1 131 ? 10.043  1.367   13.921  1.00 49.35 ? 318 LEU A CA  1 
ATOM   977  C C   . LEU A 1 131 ? 10.101  1.497   15.449  1.00 52.13 ? 318 LEU A C   1 
ATOM   978  O O   . LEU A 1 131 ? 11.183  1.482   16.048  1.00 49.43 ? 318 LEU A O   1 
ATOM   979  C CB  . LEU A 1 131 ? 9.505   0.000   13.477  1.00 48.93 ? 318 LEU A CB  1 
ATOM   980  C CG  . LEU A 1 131 ? 10.026  -1.314  14.079  1.00 48.89 ? 318 LEU A CG  1 
ATOM   981  C CD1 . LEU A 1 131 ? 9.329   -1.685  15.385  1.00 50.83 ? 318 LEU A CD1 1 
ATOM   982  C CD2 . LEU A 1 131 ? 9.863   -2.442  13.064  1.00 47.70 ? 318 LEU A CD2 1 
ATOM   983  N N   . THR A 1 132 ? 8.921   1.639   16.052  1.00 56.12 ? 319 THR A N   1 
ATOM   984  C CA  . THR A 1 132 ? 8.745   1.774   17.505  1.00 57.59 ? 319 THR A CA  1 
ATOM   985  C C   . THR A 1 132 ? 7.885   0.622   18.026  1.00 59.62 ? 319 THR A C   1 
ATOM   986  O O   . THR A 1 132 ? 7.277   -0.094  17.234  1.00 60.56 ? 319 THR A O   1 
ATOM   987  C CB  . THR A 1 132 ? 8.051   3.105   17.844  1.00 58.09 ? 319 THR A CB  1 
ATOM   988  O OG1 . THR A 1 132 ? 6.817   3.204   17.120  1.00 57.51 ? 319 THR A OG1 1 
ATOM   989  C CG2 . THR A 1 132 ? 8.943   4.281   17.472  1.00 57.92 ? 319 THR A CG2 1 
ATOM   990  N N   . LEU A 1 133 ? 7.816   0.437   19.347  1.00 62.40 ? 320 LEU A N   1 
ATOM   991  C CA  . LEU A 1 133 ? 6.851   -0.533  19.917  1.00 65.17 ? 320 LEU A CA  1 
ATOM   992  C C   . LEU A 1 133 ? 5.375   -0.109  19.731  1.00 67.99 ? 320 LEU A C   1 
ATOM   993  O O   . LEU A 1 133 ? 4.480   -0.958  19.799  1.00 64.85 ? 320 LEU A O   1 
ATOM   994  C CB  . LEU A 1 133 ? 7.147   -0.896  21.389  1.00 65.88 ? 320 LEU A CB  1 
ATOM   995  C CG  . LEU A 1 133 ? 7.653   0.060   22.484  1.00 66.97 ? 320 LEU A CG  1 
ATOM   996  C CD1 . LEU A 1 133 ? 7.074   1.470   22.442  1.00 68.48 ? 320 LEU A CD1 1 
ATOM   997  C CD2 . LEU A 1 133 ? 7.386   -0.575  23.844  1.00 65.94 ? 320 LEU A CD2 1 
ATOM   998  N N   . TYR A 1 134 ? 5.140   1.184   19.488  1.00 70.45 ? 321 TYR A N   1 
ATOM   999  C CA  . TYR A 1 134 ? 3.810   1.715   19.134  1.00 68.89 ? 321 TYR A CA  1 
ATOM   1000 C C   . TYR A 1 134 ? 3.473   1.566   17.640  1.00 64.07 ? 321 TYR A C   1 
ATOM   1001 O O   . TYR A 1 134 ? 2.327   1.789   17.246  1.00 67.89 ? 321 TYR A O   1 
ATOM   1002 C CB  . TYR A 1 134 ? 3.688   3.195   19.556  1.00 70.36 ? 321 TYR A CB  1 
ATOM   1003 C CG  . TYR A 1 134 ? 3.314   3.422   21.014  1.00 69.99 ? 321 TYR A CG  1 
ATOM   1004 C CD1 . TYR A 1 134 ? 3.839   2.627   22.037  1.00 69.67 ? 321 TYR A CD1 1 
ATOM   1005 C CD2 . TYR A 1 134 ? 2.444   4.454   21.375  1.00 71.17 ? 321 TYR A CD2 1 
ATOM   1006 C CE1 . TYR A 1 134 ? 3.492   2.833   23.365  1.00 68.68 ? 321 TYR A CE1 1 
ATOM   1007 C CE2 . TYR A 1 134 ? 2.099   4.672   22.704  1.00 70.48 ? 321 TYR A CE2 1 
ATOM   1008 C CZ  . TYR A 1 134 ? 2.624   3.861   23.695  1.00 69.10 ? 321 TYR A CZ  1 
ATOM   1009 O OH  . TYR A 1 134 ? 2.282   4.075   25.013  1.00 67.56 ? 321 TYR A OH  1 
ATOM   1010 N N   . ASN A 1 135 ? 4.465   1.209   16.821  1.00 60.01 ? 322 ASN A N   1 
ATOM   1011 C CA  . ASN A 1 135 ? 4.278   0.970   15.387  1.00 56.89 ? 322 ASN A CA  1 
ATOM   1012 C C   . ASN A 1 135 ? 5.215   -0.160  14.913  1.00 51.43 ? 322 ASN A C   1 
ATOM   1013 O O   . ASN A 1 135 ? 6.345   0.106   14.508  1.00 48.59 ? 322 ASN A O   1 
ATOM   1014 C CB  . ASN A 1 135 ? 4.540   2.267   14.595  1.00 59.64 ? 322 ASN A CB  1 
ATOM   1015 C CG  . ASN A 1 135 ? 4.394   2.088   13.082  1.00 62.99 ? 322 ASN A CG  1 
ATOM   1016 O OD1 . ASN A 1 135 ? 3.559   1.314   12.608  1.00 66.98 ? 322 ASN A OD1 1 
ATOM   1017 N ND2 . ASN A 1 135 ? 5.208   2.811   12.320  1.00 60.04 ? 322 ASN A ND2 1 
ATOM   1018 N N   . PRO A 1 136 ? 4.748   -1.426  14.958  1.00 46.02 ? 323 PRO A N   1 
ATOM   1019 C CA  . PRO A 1 136 ? 5.550   -2.556  14.449  1.00 43.28 ? 323 PRO A CA  1 
ATOM   1020 C C   . PRO A 1 136 ? 5.584   -2.715  12.911  1.00 39.95 ? 323 PRO A C   1 
ATOM   1021 O O   . PRO A 1 136 ? 6.192   -3.666  12.408  1.00 38.39 ? 323 PRO A O   1 
ATOM   1022 C CB  . PRO A 1 136 ? 4.869   -3.765  15.089  1.00 42.96 ? 323 PRO A CB  1 
ATOM   1023 C CG  . PRO A 1 136 ? 3.446   -3.352  15.209  1.00 44.58 ? 323 PRO A CG  1 
ATOM   1024 C CD  . PRO A 1 136 ? 3.462   -1.885  15.518  1.00 45.17 ? 323 PRO A CD  1 
ATOM   1025 N N   . GLU A 1 137 ? 4.964   -1.792  12.177  1.00 37.34 ? 324 GLU A N   1 
ATOM   1026 C CA  . GLU A 1 137 ? 4.818   -1.915  10.734  1.00 38.43 ? 324 GLU A CA  1 
ATOM   1027 C C   . GLU A 1 137 ? 6.019   -1.301  10.019  1.00 37.27 ? 324 GLU A C   1 
ATOM   1028 O O   . GLU A 1 137 ? 6.391   -0.154  10.284  1.00 38.58 ? 324 GLU A O   1 
ATOM   1029 C CB  . GLU A 1 137 ? 3.507   -1.260  10.277  1.00 38.64 ? 324 GLU A CB  1 
ATOM   1030 C CG  . GLU A 1 137 ? 2.297   -1.740  11.073  1.00 41.48 ? 324 GLU A CG  1 
ATOM   1031 C CD  . GLU A 1 137 ? 0.971   -1.462  10.391  1.00 44.02 ? 324 GLU A CD  1 
ATOM   1032 O OE1 . GLU A 1 137 ? 0.439   -0.343  10.552  1.00 43.43 ? 324 GLU A OE1 1 
ATOM   1033 O OE2 . GLU A 1 137 ? 0.453   -2.378  9.715   1.00 45.99 ? 324 GLU A OE2 1 
ATOM   1034 N N   . ARG A 1 138 ? 6.634   -2.085  9.133   1.00 35.62 ? 325 ARG A N   1 
ATOM   1035 C CA  . ARG A 1 138 ? 7.672   -1.587  8.229   1.00 33.74 ? 325 ARG A CA  1 
ATOM   1036 C C   . ARG A 1 138 ? 6.971   -0.847  7.103   1.00 31.99 ? 325 ARG A C   1 
ATOM   1037 O O   . ARG A 1 138 ? 5.871   -1.242  6.702   1.00 32.61 ? 325 ARG A O   1 
ATOM   1038 C CB  . ARG A 1 138 ? 8.494   -2.741  7.639   1.00 34.12 ? 325 ARG A CB  1 
ATOM   1039 C CG  . ARG A 1 138 ? 9.144   -3.668  8.660   1.00 35.24 ? 325 ARG A CG  1 
ATOM   1040 C CD  . ARG A 1 138 ? 10.313  -3.020  9.388   1.00 33.93 ? 325 ARG A CD  1 
ATOM   1041 N NE  . ARG A 1 138 ? 11.500  -2.890  8.543   1.00 35.08 ? 325 ARG A NE  1 
ATOM   1042 C CZ  . ARG A 1 138 ? 12.312  -3.891  8.184   1.00 37.93 ? 325 ARG A CZ  1 
ATOM   1043 N NH1 . ARG A 1 138 ? 12.086  -5.152  8.569   1.00 38.37 ? 325 ARG A NH1 1 
ATOM   1044 N NH2 . ARG A 1 138 ? 13.371  -3.630  7.414   1.00 38.53 ? 325 ARG A NH2 1 
ATOM   1045 N N   . THR A 1 139 ? 7.582   0.230   6.617   1.00 29.26 ? 326 THR A N   1 
ATOM   1046 C CA  . THR A 1 139 ? 7.093   0.932   5.426   1.00 29.21 ? 326 THR A CA  1 
ATOM   1047 C C   . THR A 1 139 ? 7.843   0.409   4.196   1.00 28.85 ? 326 THR A C   1 
ATOM   1048 O O   . THR A 1 139 ? 9.075   0.408   4.165   1.00 27.19 ? 326 THR A O   1 
ATOM   1049 C CB  . THR A 1 139 ? 7.271   2.453   5.543   1.00 28.32 ? 326 THR A CB  1 
ATOM   1050 O OG1 . THR A 1 139 ? 6.399   2.950   6.560   1.00 29.37 ? 326 THR A OG1 1 
ATOM   1051 C CG2 . THR A 1 139 ? 6.947   3.166   4.219   1.00 28.51 ? 326 THR A CG2 1 
ATOM   1052 N N   . ILE A 1 140 ? 7.082   -0.048  3.206   1.00 29.06 ? 327 ILE A N   1 
ATOM   1053 C CA  . ILE A 1 140 ? 7.623   -0.536  1.944   1.00 29.08 ? 327 ILE A CA  1 
ATOM   1054 C C   . ILE A 1 140 ? 7.245   0.480   0.873   1.00 29.28 ? 327 ILE A C   1 
ATOM   1055 O O   . ILE A 1 140 ? 6.085   0.559   0.471   1.00 32.87 ? 327 ILE A O   1 
ATOM   1056 C CB  . ILE A 1 140 ? 7.070   -1.927  1.594   1.00 27.66 ? 327 ILE A CB  1 
ATOM   1057 C CG1 . ILE A 1 140 ? 7.475   -2.941  2.674   1.00 29.29 ? 327 ILE A CG1 1 
ATOM   1058 C CG2 . ILE A 1 140 ? 7.587   -2.379  0.232   1.00 27.52 ? 327 ILE A CG2 1 
ATOM   1059 C CD1 . ILE A 1 140 ? 6.611   -4.184  2.717   1.00 28.87 ? 327 ILE A CD1 1 
ATOM   1060 N N   . THR A 1 141 ? 8.225   1.258   0.428   1.00 28.11 ? 328 THR A N   1 
ATOM   1061 C CA  . THR A 1 141 ? 8.000   2.334   -0.527  1.00 28.49 ? 328 THR A CA  1 
ATOM   1062 C C   . THR A 1 141 ? 8.264   1.835   -1.949  1.00 30.26 ? 328 THR A C   1 
ATOM   1063 O O   . THR A 1 141 ? 9.372   1.381   -2.245  1.00 28.73 ? 328 THR A O   1 
ATOM   1064 C CB  . THR A 1 141 ? 8.909   3.530   -0.202  1.00 28.34 ? 328 THR A CB  1 
ATOM   1065 O OG1 . THR A 1 141 ? 8.728   3.894   1.175   1.00 26.66 ? 328 THR A OG1 1 
ATOM   1066 C CG2 . THR A 1 141 ? 8.592   4.728   -1.085  1.00 27.34 ? 328 THR A CG2 1 
ATOM   1067 N N   . VAL A 1 142 ? 7.233   1.907   -2.801  1.00 30.29 ? 329 VAL A N   1 
ATOM   1068 C CA  . VAL A 1 142 ? 7.315   1.536   -4.215  1.00 32.10 ? 329 VAL A CA  1 
ATOM   1069 C C   . VAL A 1 142 ? 7.267   2.790   -5.104  1.00 32.44 ? 329 VAL A C   1 
ATOM   1070 O O   . VAL A 1 142 ? 6.242   3.481   -5.164  1.00 31.10 ? 329 VAL A O   1 
ATOM   1071 C CB  . VAL A 1 142 ? 6.156   0.594   -4.623  1.00 33.00 ? 329 VAL A CB  1 
ATOM   1072 C CG1 . VAL A 1 142 ? 6.398   0.030   -6.023  1.00 32.99 ? 329 VAL A CG1 1 
ATOM   1073 C CG2 . VAL A 1 142 ? 5.994   -0.535  -3.611  1.00 32.89 ? 329 VAL A CG2 1 
ATOM   1074 N N   . LYS A 1 143 ? 8.372   3.078   -5.793  1.00 32.37 ? 330 LYS A N   1 
ATOM   1075 C CA  . LYS A 1 143 ? 8.417   4.195   -6.748  1.00 34.18 ? 330 LYS A CA  1 
ATOM   1076 C C   . LYS A 1 143 ? 8.220   3.676   -8.160  1.00 32.17 ? 330 LYS A C   1 
ATOM   1077 O O   . LYS A 1 143 ? 8.943   2.791   -8.612  1.00 29.67 ? 330 LYS A O   1 
ATOM   1078 C CB  . LYS A 1 143 ? 9.735   4.962   -6.645  1.00 35.27 ? 330 LYS A CB  1 
ATOM   1079 C CG  . LYS A 1 143 ? 9.931   5.647   -5.302  1.00 35.93 ? 330 LYS A CG  1 
ATOM   1080 C CD  . LYS A 1 143 ? 11.230  6.433   -5.269  1.00 36.92 ? 330 LYS A CD  1 
ATOM   1081 C CE  . LYS A 1 143 ? 11.465  7.052   -3.899  1.00 38.29 ? 330 LYS A CE  1 
ATOM   1082 N NZ  . LYS A 1 143 ? 12.670  7.928   -3.867  1.00 38.09 ? 330 LYS A NZ  1 
ATOM   1083 N N   . GLY A 1 144 ? 7.213   4.213   -8.835  1.00 34.53 ? 331 GLY A N   1 
ATOM   1084 C CA  . GLY A 1 144 ? 6.956   3.893   -10.227 1.00 34.89 ? 331 GLY A CA  1 
ATOM   1085 C C   . GLY A 1 144 ? 5.877   4.796   -10.789 1.00 37.14 ? 331 GLY A C   1 
ATOM   1086 O O   . GLY A 1 144 ? 6.089   5.988   -10.972 1.00 41.74 ? 331 GLY A O   1 
ATOM   1087 N N   . ASN A 1 145 ? 4.697   4.228   -10.988 1.00 39.74 ? 332 ASN A N   1 
ATOM   1088 C CA  . ASN A 1 145 ? 3.591   4.869   -11.705 1.00 40.27 ? 332 ASN A CA  1 
ATOM   1089 C C   . ASN A 1 145 ? 2.342   4.034   -11.397 1.00 37.93 ? 332 ASN A C   1 
ATOM   1090 O O   . ASN A 1 145 ? 2.456   2.989   -10.758 1.00 37.66 ? 332 ASN A O   1 
ATOM   1091 C CB  . ASN A 1 145 ? 3.913   5.046   -13.211 1.00 41.98 ? 332 ASN A CB  1 
ATOM   1092 C CG  . ASN A 1 145 ? 3.171   4.077   -14.122 1.00 45.48 ? 332 ASN A CG  1 
ATOM   1093 O OD1 . ASN A 1 145 ? 2.475   4.471   -15.056 1.00 46.35 ? 332 ASN A OD1 1 
ATOM   1094 N ND2 . ASN A 1 145 ? 3.291   2.791   -13.820 1.00 49.13 ? 332 ASN A ND2 1 
ATOM   1095 N N   . VAL A 1 146 ? 1.167   4.504   -11.806 1.00 37.84 ? 333 VAL A N   1 
ATOM   1096 C CA  . VAL A 1 146 ? -0.108  3.920   -11.360 1.00 35.67 ? 333 VAL A CA  1 
ATOM   1097 C C   . VAL A 1 146 ? -0.177  2.408   -11.583 1.00 35.19 ? 333 VAL A C   1 
ATOM   1098 O O   . VAL A 1 146 ? -0.368  1.646   -10.633 1.00 35.88 ? 333 VAL A O   1 
ATOM   1099 C CB  . VAL A 1 146 ? -1.317  4.617   -12.025 1.00 36.55 ? 333 VAL A CB  1 
ATOM   1100 C CG1 . VAL A 1 146 ? -2.625  3.869   -11.751 1.00 38.51 ? 333 VAL A CG1 1 
ATOM   1101 C CG2 . VAL A 1 146 ? -1.434  6.051   -11.531 1.00 37.47 ? 333 VAL A CG2 1 
ATOM   1102 N N   . GLU A 1 147 ? -0.014  1.987   -12.832 1.00 35.67 ? 334 GLU A N   1 
ATOM   1103 C CA  . GLU A 1 147 ? -0.126  0.560   -13.190 1.00 35.16 ? 334 GLU A CA  1 
ATOM   1104 C C   . GLU A 1 147 ? 1.023   -0.297  -12.640 1.00 33.25 ? 334 GLU A C   1 
ATOM   1105 O O   . GLU A 1 147 ? 0.809   -1.435  -12.217 1.00 30.97 ? 334 GLU A O   1 
ATOM   1106 C CB  . GLU A 1 147 ? -0.295  0.349   -14.709 1.00 36.32 ? 334 GLU A CB  1 
ATOM   1107 C CG  . GLU A 1 147 ? 0.690   1.077   -15.621 1.00 37.91 ? 334 GLU A CG  1 
ATOM   1108 C CD  . GLU A 1 147 ? 0.145   2.395   -16.159 1.00 38.04 ? 334 GLU A CD  1 
ATOM   1109 O OE1 . GLU A 1 147 ? -0.072  3.324   -15.352 1.00 34.77 ? 334 GLU A OE1 1 
ATOM   1110 O OE2 . GLU A 1 147 ? -0.061  2.505   -17.389 1.00 41.30 ? 334 GLU A OE2 1 
ATOM   1111 N N   . THR A 1 148 ? 2.232   0.246   -12.639 1.00 34.06 ? 335 THR A N   1 
ATOM   1112 C CA  . THR A 1 148 ? 3.394   -0.499  -12.136 1.00 35.77 ? 335 THR A CA  1 
ATOM   1113 C C   . THR A 1 148 ? 3.426   -0.601  -10.599 1.00 33.38 ? 335 THR A C   1 
ATOM   1114 O O   . THR A 1 148 ? 3.822   -1.632  -10.064 1.00 30.92 ? 335 THR A O   1 
ATOM   1115 C CB  . THR A 1 148 ? 4.729   0.035   -12.701 1.00 37.22 ? 335 THR A CB  1 
ATOM   1116 O OG1 . THR A 1 148 ? 4.865   1.404   -12.343 1.00 47.41 ? 335 THR A OG1 1 
ATOM   1117 C CG2 . THR A 1 148 ? 4.803   -0.045  -14.190 1.00 36.28 ? 335 THR A CG2 1 
ATOM   1118 N N   . CYS A 1 149 ? 2.986   0.449   -9.905  1.00 32.83 ? 336 CYS A N   1 
ATOM   1119 C CA  . CYS A 1 149 ? 2.841   0.400   -8.445  1.00 34.76 ? 336 CYS A CA  1 
ATOM   1120 C C   . CYS A 1 149 ? 1.748   -0.585  -8.008  1.00 33.32 ? 336 CYS A C   1 
ATOM   1121 O O   . CYS A 1 149 ? 1.890   -1.240  -6.974  1.00 30.63 ? 336 CYS A O   1 
ATOM   1122 C CB  . CYS A 1 149 ? 2.562   1.798   -7.853  1.00 35.30 ? 336 CYS A CB  1 
ATOM   1123 S SG  . CYS A 1 149 ? 3.967   2.942   -7.921  1.00 33.98 ? 336 CYS A SG  1 
ATOM   1124 N N   . ALA A 1 150 ? 0.668   -0.685  -8.788  1.00 32.46 ? 337 ALA A N   1 
ATOM   1125 C CA  . ALA A 1 150 ? -0.453  -1.581  -8.457  1.00 32.39 ? 337 ALA A CA  1 
ATOM   1126 C C   . ALA A 1 150 ? -0.095  -3.054  -8.623  1.00 32.00 ? 337 ALA A C   1 
ATOM   1127 O O   . ALA A 1 150 ? -0.429  -3.876  -7.766  1.00 30.27 ? 337 ALA A O   1 
ATOM   1128 C CB  . ALA A 1 150 ? -1.666  -1.246  -9.306  1.00 33.99 ? 337 ALA A CB  1 
ATOM   1129 N N   . LYS A 1 151 ? 0.577   -3.380  -9.727  1.00 32.83 ? 338 LYS A N   1 
ATOM   1130 C CA  . LYS A 1 151 ? 1.125   -4.718  -9.940  1.00 34.77 ? 338 LYS A CA  1 
ATOM   1131 C C   . LYS A 1 151 ? 2.170   -5.056  -8.875  1.00 33.51 ? 338 LYS A C   1 
ATOM   1132 O O   . LYS A 1 151 ? 2.231   -6.195  -8.411  1.00 33.99 ? 338 LYS A O   1 
ATOM   1133 C CB  . LYS A 1 151 ? 1.753   -4.849  -11.335 1.00 39.10 ? 338 LYS A CB  1 
ATOM   1134 C CG  . LYS A 1 151 ? 2.086   -6.282  -11.735 1.00 43.92 ? 338 LYS A CG  1 
ATOM   1135 C CD  . LYS A 1 151 ? 0.837   -7.050  -12.159 1.00 48.99 ? 338 LYS A CD  1 
ATOM   1136 C CE  . LYS A 1 151 ? 0.984   -8.554  -11.950 1.00 51.15 ? 338 LYS A CE  1 
ATOM   1137 N NZ  . LYS A 1 151 ? -0.174  -9.327  -12.494 1.00 53.60 ? 338 LYS A NZ  1 
ATOM   1138 N N   . ALA A 1 152 ? 2.992   -4.074  -8.507  1.00 32.68 ? 339 ALA A N   1 
ATOM   1139 C CA  . ALA A 1 152 ? 3.929   -4.235  -7.393  1.00 34.76 ? 339 ALA A CA  1 
ATOM   1140 C C   . ALA A 1 152 ? 3.207   -4.506  -6.060  1.00 34.13 ? 339 ALA A C   1 
ATOM   1141 O O   . ALA A 1 152 ? 3.662   -5.333  -5.276  1.00 33.88 ? 339 ALA A O   1 
ATOM   1142 C CB  . ALA A 1 152 ? 4.837   -3.020  -7.275  1.00 35.04 ? 339 ALA A CB  1 
ATOM   1143 N N   . GLU A 1 153 ? 2.083   -3.832  -5.810  1.00 35.71 ? 340 GLU A N   1 
ATOM   1144 C CA  . GLU A 1 153 ? 1.269   -4.125  -4.621  1.00 35.74 ? 340 GLU A CA  1 
ATOM   1145 C C   . GLU A 1 153 ? 0.754   -5.565  -4.613  1.00 36.33 ? 340 GLU A C   1 
ATOM   1146 O O   . GLU A 1 153 ? 0.780   -6.212  -3.571  1.00 37.99 ? 340 GLU A O   1 
ATOM   1147 C CB  . GLU A 1 153 ? 0.110   -3.136  -4.469  1.00 37.01 ? 340 GLU A CB  1 
ATOM   1148 C CG  . GLU A 1 153 ? -0.830  -3.421  -3.291  1.00 37.08 ? 340 GLU A CG  1 
ATOM   1149 C CD  . GLU A 1 153 ? -1.912  -4.450  -3.600  1.00 39.36 ? 340 GLU A CD  1 
ATOM   1150 O OE1 . GLU A 1 153 ? -2.307  -4.585  -4.778  1.00 39.48 ? 340 GLU A OE1 1 
ATOM   1151 O OE2 . GLU A 1 153 ? -2.360  -5.145  -2.663  1.00 41.64 ? 340 GLU A OE2 1 
ATOM   1152 N N   . GLU A 1 154 ? 0.292   -6.062  -5.761  1.00 36.59 ? 341 GLU A N   1 
ATOM   1153 C CA  . GLU A 1 154 ? -0.190  -7.449  -5.863  1.00 38.72 ? 341 GLU A CA  1 
ATOM   1154 C C   . GLU A 1 154 ? 0.853   -8.460  -5.389  1.00 37.47 ? 341 GLU A C   1 
ATOM   1155 O O   . GLU A 1 154 ? 0.555   -9.336  -4.582  1.00 36.24 ? 341 GLU A O   1 
ATOM   1156 C CB  . GLU A 1 154 ? -0.588  -7.810  -7.302  1.00 37.61 ? 341 GLU A CB  1 
ATOM   1157 C CG  . GLU A 1 154 ? -1.869  -7.170  -7.806  1.00 38.34 ? 341 GLU A CG  1 
ATOM   1158 C CD  . GLU A 1 154 ? -2.141  -7.471  -9.277  1.00 38.87 ? 341 GLU A CD  1 
ATOM   1159 O OE1 . GLU A 1 154 ? -1.641  -8.491  -9.805  1.00 36.60 ? 341 GLU A OE1 1 
ATOM   1160 O OE2 . GLU A 1 154 ? -2.870  -6.685  -9.913  1.00 40.69 ? 341 GLU A OE2 1 
ATOM   1161 N N   . GLU A 1 155 ? 2.072   -8.325  -5.898  1.00 37.49 ? 342 GLU A N   1 
ATOM   1162 C CA  . GLU A 1 155 ? 3.128   -9.304  -5.646  1.00 38.99 ? 342 GLU A CA  1 
ATOM   1163 C C   . GLU A 1 155 ? 3.809   -9.114  -4.291  1.00 37.30 ? 342 GLU A C   1 
ATOM   1164 O O   . GLU A 1 155 ? 4.340   -10.074 -3.736  1.00 39.79 ? 342 GLU A O   1 
ATOM   1165 C CB  . GLU A 1 155 ? 4.158   -9.285  -6.781  1.00 40.76 ? 342 GLU A CB  1 
ATOM   1166 C CG  . GLU A 1 155 ? 3.586   -9.654  -8.148  1.00 42.54 ? 342 GLU A CG  1 
ATOM   1167 C CD  . GLU A 1 155 ? 3.067   -11.088 -8.232  1.00 45.92 ? 342 GLU A CD  1 
ATOM   1168 O OE1 . GLU A 1 155 ? 3.695   -11.999 -7.648  1.00 48.37 ? 342 GLU A OE1 1 
ATOM   1169 O OE2 . GLU A 1 155 ? 2.029   -11.316 -8.895  1.00 47.16 ? 342 GLU A OE2 1 
ATOM   1170 N N   . ILE A 1 156 ? 3.800   -7.890  -3.769  1.00 36.35 ? 343 ILE A N   1 
ATOM   1171 C CA  . ILE A 1 156 ? 4.287   -7.617  -2.409  1.00 35.69 ? 343 ILE A CA  1 
ATOM   1172 C C   . ILE A 1 156 ? 3.322   -8.235  -1.392  1.00 36.69 ? 343 ILE A C   1 
ATOM   1173 O O   . ILE A 1 156 ? 3.743   -8.982  -0.504  1.00 34.53 ? 343 ILE A O   1 
ATOM   1174 C CB  . ILE A 1 156 ? 4.451   -6.097  -2.155  1.00 33.32 ? 343 ILE A CB  1 
ATOM   1175 C CG1 . ILE A 1 156 ? 5.655   -5.562  -2.938  1.00 30.83 ? 343 ILE A CG1 1 
ATOM   1176 C CG2 . ILE A 1 156 ? 4.624   -5.790  -0.666  1.00 33.79 ? 343 ILE A CG2 1 
ATOM   1177 C CD1 . ILE A 1 156 ? 5.661   -4.063  -3.103  1.00 30.79 ? 343 ILE A CD1 1 
ATOM   1178 N N   . MET A 1 157 ? 2.035   -7.928  -1.537  1.00 36.24 ? 344 MET A N   1 
ATOM   1179 C CA  . MET A 1 157 ? 1.011   -8.466  -0.636  1.00 36.23 ? 344 MET A CA  1 
ATOM   1180 C C   . MET A 1 157 ? 0.843   -9.982  -0.742  1.00 34.96 ? 344 MET A C   1 
ATOM   1181 O O   . MET A 1 157 ? 0.513   -10.626 0.248   1.00 35.18 ? 344 MET A O   1 
ATOM   1182 C CB  . MET A 1 157 ? -0.331  -7.750  -0.827  1.00 35.74 ? 344 MET A CB  1 
ATOM   1183 C CG  . MET A 1 157 ? -0.366  -6.361  -0.212  1.00 36.25 ? 344 MET A CG  1 
ATOM   1184 S SD  . MET A 1 157 ? -0.134  -6.332  1.585   1.00 38.76 ? 344 MET A SD  1 
ATOM   1185 C CE  . MET A 1 157 ? -1.476  -7.378  2.125   1.00 38.21 ? 344 MET A CE  1 
ATOM   1186 N N   . LYS A 1 158 ? 1.083   -10.553 -1.922  1.00 36.03 ? 345 LYS A N   1 
ATOM   1187 C CA  . LYS A 1 158 ? 1.182   -12.011 -2.047  1.00 35.91 ? 345 LYS A CA  1 
ATOM   1188 C C   . LYS A 1 158 ? 2.261   -12.558 -1.114  1.00 34.32 ? 345 LYS A C   1 
ATOM   1189 O O   . LYS A 1 158 ? 2.008   -13.499 -0.360  1.00 31.02 ? 345 LYS A O   1 
ATOM   1190 C CB  . LYS A 1 158 ? 1.482   -12.444 -3.481  1.00 38.44 ? 345 LYS A CB  1 
ATOM   1191 C CG  . LYS A 1 158 ? 0.253   -12.644 -4.349  1.00 41.47 ? 345 LYS A CG  1 
ATOM   1192 C CD  . LYS A 1 158 ? 0.662   -13.179 -5.712  1.00 41.85 ? 345 LYS A CD  1 
ATOM   1193 C CE  . LYS A 1 158 ? -0.420  -12.981 -6.753  1.00 45.45 ? 345 LYS A CE  1 
ATOM   1194 N NZ  . LYS A 1 158 ? 0.064   -13.433 -8.090  1.00 49.64 ? 345 LYS A NZ  1 
ATOM   1195 N N   . LYS A 1 159 ? 3.447   -11.949 -1.162  1.00 33.44 ? 346 LYS A N   1 
ATOM   1196 C CA  . LYS A 1 159 ? 4.575   -12.373 -0.326  1.00 32.86 ? 346 LYS A CA  1 
ATOM   1197 C C   . LYS A 1 159 ? 4.370   -12.111 1.162   1.00 31.33 ? 346 LYS A C   1 
ATOM   1198 O O   . LYS A 1 159 ? 4.832   -12.900 1.985   1.00 32.23 ? 346 LYS A O   1 
ATOM   1199 C CB  . LYS A 1 159 ? 5.885   -11.726 -0.790  1.00 34.56 ? 346 LYS A CB  1 
ATOM   1200 C CG  . LYS A 1 159 ? 6.371   -12.208 -2.148  1.00 36.17 ? 346 LYS A CG  1 
ATOM   1201 C CD  . LYS A 1 159 ? 6.999   -13.595 -2.084  1.00 37.23 ? 346 LYS A CD  1 
ATOM   1202 C CE  . LYS A 1 159 ? 7.088   -14.249 -3.460  1.00 38.02 ? 346 LYS A CE  1 
ATOM   1203 N NZ  . LYS A 1 159 ? 5.755   -14.460 -4.097  1.00 38.24 ? 346 LYS A NZ  1 
ATOM   1204 N N   . ILE A 1 160 ? 3.691   -11.013 1.504   1.00 31.86 ? 347 ILE A N   1 
ATOM   1205 C CA  . ILE A 1 160 ? 3.336   -10.716 2.900   1.00 31.20 ? 347 ILE A CA  1 
ATOM   1206 C C   . ILE A 1 160 ? 2.318   -11.735 3.408   1.00 30.29 ? 347 ILE A C   1 
ATOM   1207 O O   . ILE A 1 160 ? 2.433   -12.205 4.532   1.00 30.49 ? 347 ILE A O   1 
ATOM   1208 C CB  . ILE A 1 160 ? 2.765   -9.281  3.083   1.00 32.58 ? 347 ILE A CB  1 
ATOM   1209 C CG1 . ILE A 1 160 ? 3.798   -8.204  2.712   1.00 33.18 ? 347 ILE A CG1 1 
ATOM   1210 C CG2 . ILE A 1 160 ? 2.274   -9.053  4.516   1.00 33.34 ? 347 ILE A CG2 1 
ATOM   1211 C CD1 . ILE A 1 160 ? 5.091   -8.234  3.497   1.00 34.56 ? 347 ILE A CD1 1 
ATOM   1212 N N   . ARG A 1 161 ? 1.326   -12.062 2.582   1.00 30.74 ? 348 ARG A N   1 
ATOM   1213 C CA  . ARG A 1 161 ? 0.333   -13.086 2.929   1.00 31.54 ? 348 ARG A CA  1 
ATOM   1214 C C   . ARG A 1 161 ? 0.924   -14.500 3.019   1.00 30.37 ? 348 ARG A C   1 
ATOM   1215 O O   . ARG A 1 161 ? 0.427   -15.323 3.785   1.00 30.76 ? 348 ARG A O   1 
ATOM   1216 C CB  . ARG A 1 161 ? -0.846  -13.068 1.946   1.00 32.95 ? 348 ARG A CB  1 
ATOM   1217 C CG  . ARG A 1 161 ? -1.748  -11.851 2.086   1.00 34.51 ? 348 ARG A CG  1 
ATOM   1218 C CD  . ARG A 1 161 ? -2.999  -11.968 1.222   1.00 36.28 ? 348 ARG A CD  1 
ATOM   1219 N NE  . ARG A 1 161 ? -3.479  -10.660 0.760   1.00 37.32 ? 348 ARG A NE  1 
ATOM   1220 C CZ  . ARG A 1 161 ? -3.239  -10.116 -0.438  1.00 37.98 ? 348 ARG A CZ  1 
ATOM   1221 N NH1 . ARG A 1 161 ? -2.510  -10.743 -1.370  1.00 38.01 ? 348 ARG A NH1 1 
ATOM   1222 N NH2 . ARG A 1 161 ? -3.735  -8.912  -0.711  1.00 37.97 ? 348 ARG A NH2 1 
ATOM   1223 N N   . GLU A 1 162 ? 1.969   -14.779 2.239   1.00 30.60 ? 349 GLU A N   1 
ATOM   1224 C CA  . GLU A 1 162 ? 2.710   -16.050 2.343   1.00 29.79 ? 349 GLU A CA  1 
ATOM   1225 C C   . GLU A 1 162 ? 3.376   -16.234 3.705   1.00 28.55 ? 349 GLU A C   1 
ATOM   1226 O O   . GLU A 1 162 ? 3.373   -17.338 4.239   1.00 27.90 ? 349 GLU A O   1 
ATOM   1227 C CB  . GLU A 1 162 ? 3.770   -16.180 1.240   1.00 30.76 ? 349 GLU A CB  1 
ATOM   1228 C CG  . GLU A 1 162 ? 3.197   -16.534 -0.120  1.00 32.71 ? 349 GLU A CG  1 
ATOM   1229 C CD  . GLU A 1 162 ? 4.134   -16.196 -1.268  1.00 33.81 ? 349 GLU A CD  1 
ATOM   1230 O OE1 . GLU A 1 162 ? 5.339   -16.519 -1.171  1.00 33.91 ? 349 GLU A OE1 1 
ATOM   1231 O OE2 . GLU A 1 162 ? 3.659   -15.623 -2.274  1.00 33.20 ? 349 GLU A OE2 1 
ATOM   1232 N N   . SER A 1 163 ? 3.962   -15.168 4.251   1.00 28.33 ? 350 SER A N   1 
ATOM   1233 C CA  A SER A 1 163 ? 4.570   -15.222 5.583   0.50 29.51 ? 350 SER A CA  1 
ATOM   1234 C CA  B SER A 1 163 ? 4.572   -15.235 5.580   0.50 29.05 ? 350 SER A CA  1 
ATOM   1235 C C   . SER A 1 163 ? 3.497   -15.429 6.647   1.00 29.33 ? 350 SER A C   1 
ATOM   1236 O O   . SER A 1 163 ? 3.623   -16.293 7.509   1.00 29.82 ? 350 SER A O   1 
ATOM   1237 C CB  A SER A 1 163 ? 5.349   -13.940 5.878   0.50 28.92 ? 350 SER A CB  1 
ATOM   1238 C CB  B SER A 1 163 ? 5.386   -13.978 5.879   0.50 27.98 ? 350 SER A CB  1 
ATOM   1239 O OG  A SER A 1 163 ? 6.375   -13.744 4.924   0.50 29.70 ? 350 SER A OG  1 
ATOM   1240 O OG  B SER A 1 163 ? 6.150   -14.157 7.057   0.50 27.49 ? 350 SER A OG  1 
ATOM   1241 N N   . TYR A 1 164 ? 2.444   -14.623 6.562   1.00 30.75 ? 351 TYR A N   1 
ATOM   1242 C CA  . TYR A 1 164 ? 1.297   -14.685 7.464   1.00 33.80 ? 351 TYR A CA  1 
ATOM   1243 C C   . TYR A 1 164 ? 0.638   -16.077 7.471   1.00 35.02 ? 351 TYR A C   1 
ATOM   1244 O O   . TYR A 1 164 ? 0.397   -16.640 8.539   1.00 34.07 ? 351 TYR A O   1 
ATOM   1245 C CB  . TYR A 1 164 ? 0.312   -13.583 7.061   1.00 35.19 ? 351 TYR A CB  1 
ATOM   1246 C CG  . TYR A 1 164 ? -0.984  -13.518 7.823   1.00 35.84 ? 351 TYR A CG  1 
ATOM   1247 C CD1 . TYR A 1 164 ? -1.081  -12.821 9.032   1.00 36.50 ? 351 TYR A CD1 1 
ATOM   1248 C CD2 . TYR A 1 164 ? -2.135  -14.113 7.312   1.00 37.70 ? 351 TYR A CD2 1 
ATOM   1249 C CE1 . TYR A 1 164 ? -2.288  -12.750 9.722   1.00 35.74 ? 351 TYR A CE1 1 
ATOM   1250 C CE2 . TYR A 1 164 ? -3.341  -14.049 7.990   1.00 36.37 ? 351 TYR A CE2 1 
ATOM   1251 C CZ  . TYR A 1 164 ? -3.418  -13.367 9.192   1.00 35.77 ? 351 TYR A CZ  1 
ATOM   1252 O OH  . TYR A 1 164 ? -4.621  -13.303 9.856   1.00 34.72 ? 351 TYR A OH  1 
ATOM   1253 N N   . GLU A 1 165 ? 0.394   -16.638 6.285   1.00 37.92 ? 352 GLU A N   1 
ATOM   1254 C CA  . GLU A 1 165 ? -0.216  -17.979 6.144   1.00 38.68 ? 352 GLU A CA  1 
ATOM   1255 C C   . GLU A 1 165 ? 0.757   -19.164 6.300   1.00 37.38 ? 352 GLU A C   1 
ATOM   1256 O O   . GLU A 1 165 ? 0.335   -20.319 6.260   1.00 34.54 ? 352 GLU A O   1 
ATOM   1257 C CB  . GLU A 1 165 ? -0.965  -18.085 4.811   1.00 41.25 ? 352 GLU A CB  1 
ATOM   1258 C CG  . GLU A 1 165 ? -2.187  -17.188 4.756   1.00 44.71 ? 352 GLU A CG  1 
ATOM   1259 C CD  . GLU A 1 165 ? -2.953  -17.315 3.456   1.00 48.07 ? 352 GLU A CD  1 
ATOM   1260 O OE1 . GLU A 1 165 ? -2.443  -16.845 2.416   1.00 51.42 ? 352 GLU A OE1 1 
ATOM   1261 O OE2 . GLU A 1 165 ? -4.077  -17.865 3.480   1.00 49.95 ? 352 GLU A OE2 1 
ATOM   1262 N N   . ASN A 1 166 ? 2.049   -18.882 6.452   1.00 37.70 ? 353 ASN A N   1 
ATOM   1263 C CA  . ASN A 1 166 ? 3.024   -19.894 6.847   1.00 37.82 ? 353 ASN A CA  1 
ATOM   1264 C C   . ASN A 1 166 ? 3.640   -19.557 8.213   1.00 38.68 ? 353 ASN A C   1 
ATOM   1265 O O   . ASN A 1 166 ? 4.729   -20.037 8.545   1.00 37.23 ? 353 ASN A O   1 
ATOM   1266 C CB  . ASN A 1 166 ? 4.108   -20.019 5.767   1.00 38.65 ? 353 ASN A CB  1 
ATOM   1267 C CG  . ASN A 1 166 ? 4.792   -21.376 5.770   1.00 38.62 ? 353 ASN A CG  1 
ATOM   1268 O OD1 . ASN A 1 166 ? 4.143   -22.416 5.912   1.00 38.27 ? 353 ASN A OD1 1 
ATOM   1269 N ND2 . ASN A 1 166 ? 6.110   -21.372 5.604   1.00 38.82 ? 353 ASN A ND2 1 
ATOM   1270 N N   . ASP A 1 167 ? 2.929   -18.759 9.009   1.00 40.70 ? 354 ASP A N   1 
ATOM   1271 C CA  . ASP A 1 167 ? 3.382   -18.392 10.348  1.00 43.79 ? 354 ASP A CA  1 
ATOM   1272 C C   . ASP A 1 167 ? 3.255   -19.607 11.276  1.00 45.25 ? 354 ASP A C   1 
ATOM   1273 O O   . ASP A 1 167 ? 2.156   -20.131 11.478  1.00 42.57 ? 354 ASP A O   1 
ATOM   1274 C CB  . ASP A 1 167 ? 2.568   -17.203 10.879  1.00 45.46 ? 354 ASP A CB  1 
ATOM   1275 C CG  . ASP A 1 167 ? 3.198   -16.544 12.099  1.00 46.59 ? 354 ASP A CG  1 
ATOM   1276 O OD1 . ASP A 1 167 ? 4.438   -16.575 12.244  1.00 49.24 ? 354 ASP A OD1 1 
ATOM   1277 O OD2 . ASP A 1 167 ? 2.441   -15.982 12.918  1.00 46.33 ? 354 ASP A OD2 1 
ATOM   1278 N N   . ILE A 1 168 ? 4.392   -20.036 11.831  1.00 48.11 ? 355 ILE A N   1 
ATOM   1279 C CA  . ILE A 1 168 ? 4.530   -21.288 12.592  1.00 48.68 ? 355 ILE A CA  1 
ATOM   1280 C C   . ILE A 1 168 ? 4.129   -22.493 11.733  1.00 48.39 ? 355 ILE A C   1 
ATOM   1281 O O   . ILE A 1 168 ? 4.706   -23.574 11.849  1.00 48.27 ? 355 ILE A O   1 
ATOM   1282 C CB  . ILE A 1 168 ? 3.740   -21.311 13.937  1.00 50.82 ? 355 ILE A CB  1 
ATOM   1283 C CG1 . ILE A 1 168 ? 4.135   -20.151 14.875  1.00 51.81 ? 355 ILE A CG1 1 
ATOM   1284 C CG2 . ILE A 1 168 ? 3.957   -22.641 14.656  1.00 49.73 ? 355 ILE A CG2 1 
ATOM   1285 C CD1 . ILE A 1 168 ? 5.603   -20.108 15.267  1.00 52.29 ? 355 ILE A CD1 1 
HETATM 1286 O O   . HOH B 2 .   ? -8.562  14.580  -8.221  1.00 49.72 ? 401 HOH A O   1 
HETATM 1287 O O   . HOH B 2 .   ? 13.061  -12.708 -0.529  1.00 53.45 ? 402 HOH A O   1 
HETATM 1288 O O   . HOH B 2 .   ? -3.285  -4.321  -8.986  1.00 45.08 ? 403 HOH A O   1 
HETATM 1289 O O   . HOH B 2 .   ? -3.761  -7.472  -2.918  1.00 44.02 ? 404 HOH A O   1 
HETATM 1290 O O   . HOH B 2 .   ? 8.307   -13.149 8.285   1.00 42.85 ? 405 HOH A O   1 
HETATM 1291 O O   . HOH B 2 .   ? -5.787  -10.824 3.056   1.00 44.22 ? 406 HOH A O   1 
HETATM 1292 O O   . HOH B 2 .   ? 6.196   12.311  -4.341  1.00 52.98 ? 407 HOH A O   1 
HETATM 1293 O O   . HOH B 2 .   ? 19.791  -17.956 -6.874  1.00 66.34 ? 408 HOH A O   1 
HETATM 1294 O O   . HOH B 2 .   ? 20.852  -18.809 -2.723  1.00 44.63 ? 409 HOH A O   1 
HETATM 1295 O O   . HOH B 2 .   ? 5.571   6.407   -7.825  1.00 49.08 ? 410 HOH A O   1 
HETATM 1296 O O   . HOH B 2 .   ? -3.626  -3.848  -11.925 1.00 61.91 ? 411 HOH A O   1 
HETATM 1297 O O   . HOH B 2 .   ? 3.144   6.447   -17.156 1.00 46.86 ? 412 HOH A O   1 
HETATM 1298 O O   . HOH B 2 .   ? 2.690   -12.960 14.454  1.00 52.54 ? 413 HOH A O   1 
HETATM 1299 O O   . HOH B 2 .   ? 16.808  -3.527  8.969   1.00 53.64 ? 414 HOH A O   1 
HETATM 1300 O O   . HOH B 2 .   ? 0.769   7.150   -13.680 1.00 45.26 ? 415 HOH A O   1 
HETATM 1301 O O   . HOH B 2 .   ? 22.390  -5.106  -5.152  1.00 48.56 ? 416 HOH A O   1 
# 
